data_3EGR
# 
_entry.id   3EGR 
# 
_audit_conform.dict_name       mmcif_pdbx.dic 
_audit_conform.dict_version    5.397 
_audit_conform.dict_location   http://mmcif.pdb.org/dictionaries/ascii/mmcif_pdbx.dic 
# 
loop_
_database_2.database_id 
_database_2.database_code 
_database_2.pdbx_database_accession 
_database_2.pdbx_DOI 
PDB   3EGR         pdb_00003egr 10.2210/pdb3egr/pdb 
RCSB  RCSB049302   ?            ?                   
WWPDB D_1000049302 ?            ?                   
# 
loop_
_pdbx_audit_revision_history.ordinal 
_pdbx_audit_revision_history.data_content_type 
_pdbx_audit_revision_history.major_revision 
_pdbx_audit_revision_history.minor_revision 
_pdbx_audit_revision_history.revision_date 
1 'Structure model' 1 0 2008-09-30 
2 'Structure model' 1 1 2011-07-13 
3 'Structure model' 1 2 2017-10-25 
4 'Structure model' 1 3 2019-07-24 
5 'Structure model' 1 4 2023-02-01 
6 'Structure model' 1 5 2024-10-09 
# 
_pdbx_audit_revision_details.ordinal             1 
_pdbx_audit_revision_details.revision_ordinal    1 
_pdbx_audit_revision_details.data_content_type   'Structure model' 
_pdbx_audit_revision_details.provider            repository 
_pdbx_audit_revision_details.type                'Initial release' 
_pdbx_audit_revision_details.description         ? 
_pdbx_audit_revision_details.details             ? 
# 
loop_
_pdbx_audit_revision_group.ordinal 
_pdbx_audit_revision_group.revision_ordinal 
_pdbx_audit_revision_group.data_content_type 
_pdbx_audit_revision_group.group 
1  2 'Structure model' Advisory                    
2  2 'Structure model' 'Version format compliance' 
3  3 'Structure model' 'Refinement description'    
4  4 'Structure model' 'Data collection'           
5  4 'Structure model' 'Derived calculations'      
6  4 'Structure model' 'Refinement description'    
7  5 'Structure model' 'Database references'       
8  5 'Structure model' 'Derived calculations'      
9  6 'Structure model' 'Data collection'           
10 6 'Structure model' 'Refinement description'    
11 6 'Structure model' 'Structure summary'         
# 
loop_
_pdbx_audit_revision_category.ordinal 
_pdbx_audit_revision_category.revision_ordinal 
_pdbx_audit_revision_category.data_content_type 
_pdbx_audit_revision_category.category 
1  3 'Structure model' software                  
2  4 'Structure model' software                  
3  4 'Structure model' struct_conn               
4  5 'Structure model' database_2                
5  5 'Structure model' struct_ref_seq_dif        
6  5 'Structure model' struct_site               
7  6 'Structure model' chem_comp_atom            
8  6 'Structure model' chem_comp_bond            
9  6 'Structure model' pdbx_entry_details        
10 6 'Structure model' pdbx_modification_feature 
11 6 'Structure model' struct_ncs_dom_lim        
# 
loop_
_pdbx_audit_revision_item.ordinal 
_pdbx_audit_revision_item.revision_ordinal 
_pdbx_audit_revision_item.data_content_type 
_pdbx_audit_revision_item.item 
1  3 'Structure model' '_software.classification'                     
2  3 'Structure model' '_software.name'                               
3  4 'Structure model' '_software.classification'                     
4  4 'Structure model' '_software.contact_author'                     
5  4 'Structure model' '_software.contact_author_email'               
6  4 'Structure model' '_software.language'                           
7  4 'Structure model' '_software.location'                           
8  4 'Structure model' '_software.name'                               
9  4 'Structure model' '_software.type'                               
10 4 'Structure model' '_software.version'                            
11 4 'Structure model' '_struct_conn.pdbx_leaving_atom_flag'          
12 5 'Structure model' '_database_2.pdbx_DOI'                         
13 5 'Structure model' '_database_2.pdbx_database_accession'          
14 5 'Structure model' '_struct_ref_seq_dif.details'                  
15 5 'Structure model' '_struct_site.pdbx_auth_asym_id'               
16 5 'Structure model' '_struct_site.pdbx_auth_comp_id'               
17 5 'Structure model' '_struct_site.pdbx_auth_seq_id'                
18 6 'Structure model' '_pdbx_entry_details.has_protein_modification' 
19 6 'Structure model' '_struct_ncs_dom_lim.beg_auth_comp_id'         
20 6 'Structure model' '_struct_ncs_dom_lim.beg_label_comp_id'        
21 6 'Structure model' '_struct_ncs_dom_lim.beg_label_seq_id'         
22 6 'Structure model' '_struct_ncs_dom_lim.end_auth_comp_id'         
23 6 'Structure model' '_struct_ncs_dom_lim.end_label_comp_id'        
24 6 'Structure model' '_struct_ncs_dom_lim.end_label_seq_id'         
# 
_pdbx_database_status.SG_entry                        Y 
_pdbx_database_status.entry_id                        3EGR 
_pdbx_database_status.deposit_site                    RCSB 
_pdbx_database_status.process_site                    RCSB 
_pdbx_database_status.recvd_initial_deposition_date   2008-09-11 
_pdbx_database_status.status_code                     REL 
_pdbx_database_status.status_code_sf                  REL 
_pdbx_database_status.status_code_mr                  ? 
_pdbx_database_status.pdb_format_compatible           Y 
_pdbx_database_status.status_code_cs                  ? 
_pdbx_database_status.methods_development_category    ? 
_pdbx_database_status.status_code_nmr_data            ? 
# 
_pdbx_database_related.db_name        TargetDB 
_pdbx_database_related.db_id          389767 
_pdbx_database_related.details        . 
_pdbx_database_related.content_type   unspecified 
# 
_audit_author.name           'Joint Center for Structural Genomics (JCSG)' 
_audit_author.pdbx_ordinal   1 
# 
_citation.id                        primary 
_citation.title                     
'Crystal structure of phenylacetate-CoA oxygenase subunit PaaB (YP_297411.1) from RALSTONIA EUTROPHA JMP134 at 2.65 A resolution' 
_citation.journal_abbrev            'To be published' 
_citation.journal_volume            ? 
_citation.page_first                ? 
_citation.page_last                 ? 
_citation.year                      ? 
_citation.journal_id_ASTM           ? 
_citation.country                   ? 
_citation.journal_id_ISSN           ? 
_citation.journal_id_CSD            0353 
_citation.book_publisher            ? 
_citation.pdbx_database_id_PubMed   ? 
_citation.pdbx_database_id_DOI      ? 
# 
_citation_author.citation_id        primary 
_citation_author.name               'Joint Center for Structural Genomics (JCSG)' 
_citation_author.ordinal            1 
_citation_author.identifier_ORCID   ? 
# 
loop_
_entity.id 
_entity.type 
_entity.src_method 
_entity.pdbx_description 
_entity.formula_weight 
_entity.pdbx_number_of_molecules 
_entity.pdbx_ec 
_entity.pdbx_mutation 
_entity.pdbx_fragment 
_entity.details 
1 polymer     man 'phenylacetate-CoA oxygenase subunit PaaB' 11306.146 2  ? ? ? ? 
2 non-polymer syn 'THIOCYANATE ION'                          58.082    2  ? ? ? ? 
3 water       nat water                                      18.015    58 ? ? ? ? 
# 
_entity_name_com.entity_id   1 
_entity_name_com.name        'Phenylacetic acid degradation B' 
# 
_entity_poly.entity_id                      1 
_entity_poly.type                           'polypeptide(L)' 
_entity_poly.nstd_linkage                   no 
_entity_poly.nstd_monomer                   yes 
_entity_poly.pdbx_seq_one_letter_code       
;G(MSE)TQKEWPLWEVFVRSKQGLEHKHCGSLHATDAQQALH(MSE)ARDVYTRRQEGVSIWVVPSTAITASAPEEKPEL
FDP(MSE)ADKIYRHPTFYQLPDEVNH(MSE)
;
_entity_poly.pdbx_seq_one_letter_code_can   
;GMTQKEWPLWEVFVRSKQGLEHKHCGSLHATDAQQALHMARDVYTRRQEGVSIWVVPSTAITASAPEEKPELFDPMADKI
YRHPTFYQLPDEVNHM
;
_entity_poly.pdbx_strand_id                 A,B 
_entity_poly.pdbx_target_identifier         389767 
# 
loop_
_pdbx_entity_nonpoly.entity_id 
_pdbx_entity_nonpoly.name 
_pdbx_entity_nonpoly.comp_id 
2 'THIOCYANATE ION' SCN 
3 water             HOH 
# 
loop_
_entity_poly_seq.entity_id 
_entity_poly_seq.num 
_entity_poly_seq.mon_id 
_entity_poly_seq.hetero 
1 1  GLY n 
1 2  MSE n 
1 3  THR n 
1 4  GLN n 
1 5  LYS n 
1 6  GLU n 
1 7  TRP n 
1 8  PRO n 
1 9  LEU n 
1 10 TRP n 
1 11 GLU n 
1 12 VAL n 
1 13 PHE n 
1 14 VAL n 
1 15 ARG n 
1 16 SER n 
1 17 LYS n 
1 18 GLN n 
1 19 GLY n 
1 20 LEU n 
1 21 GLU n 
1 22 HIS n 
1 23 LYS n 
1 24 HIS n 
1 25 CYS n 
1 26 GLY n 
1 27 SER n 
1 28 LEU n 
1 29 HIS n 
1 30 ALA n 
1 31 THR n 
1 32 ASP n 
1 33 ALA n 
1 34 GLN n 
1 35 GLN n 
1 36 ALA n 
1 37 LEU n 
1 38 HIS n 
1 39 MSE n 
1 40 ALA n 
1 41 ARG n 
1 42 ASP n 
1 43 VAL n 
1 44 TYR n 
1 45 THR n 
1 46 ARG n 
1 47 ARG n 
1 48 GLN n 
1 49 GLU n 
1 50 GLY n 
1 51 VAL n 
1 52 SER n 
1 53 ILE n 
1 54 TRP n 
1 55 VAL n 
1 56 VAL n 
1 57 PRO n 
1 58 SER n 
1 59 THR n 
1 60 ALA n 
1 61 ILE n 
1 62 THR n 
1 63 ALA n 
1 64 SER n 
1 65 ALA n 
1 66 PRO n 
1 67 GLU n 
1 68 GLU n 
1 69 LYS n 
1 70 PRO n 
1 71 GLU n 
1 72 LEU n 
1 73 PHE n 
1 74 ASP n 
1 75 PRO n 
1 76 MSE n 
1 77 ALA n 
1 78 ASP n 
1 79 LYS n 
1 80 ILE n 
1 81 TYR n 
1 82 ARG n 
1 83 HIS n 
1 84 PRO n 
1 85 THR n 
1 86 PHE n 
1 87 TYR n 
1 88 GLN n 
1 89 LEU n 
1 90 PRO n 
1 91 ASP n 
1 92 GLU n 
1 93 VAL n 
1 94 ASN n 
1 95 HIS n 
1 96 MSE n 
# 
_entity_src_gen.entity_id                          1 
_entity_src_gen.pdbx_src_id                        1 
_entity_src_gen.pdbx_alt_source_flag               sample 
_entity_src_gen.pdbx_seq_type                      ? 
_entity_src_gen.pdbx_beg_seq_num                   ? 
_entity_src_gen.pdbx_end_seq_num                   ? 
_entity_src_gen.gene_src_common_name               'Alcaligenes eutrophus' 
_entity_src_gen.gene_src_genus                     ? 
_entity_src_gen.pdbx_gene_src_gene                 'YP_297411.1, Reut_A3207' 
_entity_src_gen.gene_src_species                   ? 
_entity_src_gen.gene_src_strain                    ? 
_entity_src_gen.gene_src_tissue                    ? 
_entity_src_gen.gene_src_tissue_fraction           ? 
_entity_src_gen.gene_src_details                   ? 
_entity_src_gen.pdbx_gene_src_fragment             ? 
_entity_src_gen.pdbx_gene_src_scientific_name      'Ralstonia eutropha JMP134' 
_entity_src_gen.pdbx_gene_src_ncbi_taxonomy_id     264198 
_entity_src_gen.pdbx_gene_src_variant              ? 
_entity_src_gen.pdbx_gene_src_cell_line            ? 
_entity_src_gen.pdbx_gene_src_atcc                 ? 
_entity_src_gen.pdbx_gene_src_organ                ? 
_entity_src_gen.pdbx_gene_src_organelle            ? 
_entity_src_gen.pdbx_gene_src_cell                 ? 
_entity_src_gen.pdbx_gene_src_cellular_location    ? 
_entity_src_gen.host_org_common_name               ? 
_entity_src_gen.pdbx_host_org_scientific_name      'Escherichia Coli' 
_entity_src_gen.pdbx_host_org_ncbi_taxonomy_id     562 
_entity_src_gen.host_org_genus                     ? 
_entity_src_gen.pdbx_host_org_gene                 ? 
_entity_src_gen.pdbx_host_org_organ                ? 
_entity_src_gen.host_org_species                   ? 
_entity_src_gen.pdbx_host_org_tissue               ? 
_entity_src_gen.pdbx_host_org_tissue_fraction      ? 
_entity_src_gen.pdbx_host_org_strain               HK100 
_entity_src_gen.pdbx_host_org_variant              ? 
_entity_src_gen.pdbx_host_org_cell_line            ? 
_entity_src_gen.pdbx_host_org_atcc                 ? 
_entity_src_gen.pdbx_host_org_culture_collection   ? 
_entity_src_gen.pdbx_host_org_cell                 ? 
_entity_src_gen.pdbx_host_org_organelle            ? 
_entity_src_gen.pdbx_host_org_cellular_location    ? 
_entity_src_gen.pdbx_host_org_vector_type          Plasmid 
_entity_src_gen.pdbx_host_org_vector               ? 
_entity_src_gen.host_org_details                   ? 
_entity_src_gen.expression_system_id               ? 
_entity_src_gen.plasmid_name                       SpeedET 
_entity_src_gen.plasmid_details                    ? 
_entity_src_gen.pdbx_description                   ? 
# 
loop_
_chem_comp.id 
_chem_comp.type 
_chem_comp.mon_nstd_flag 
_chem_comp.name 
_chem_comp.pdbx_synonyms 
_chem_comp.formula 
_chem_comp.formula_weight 
ALA 'L-peptide linking' y ALANINE           ? 'C3 H7 N O2'     89.093  
ARG 'L-peptide linking' y ARGININE          ? 'C6 H15 N4 O2 1' 175.209 
ASN 'L-peptide linking' y ASPARAGINE        ? 'C4 H8 N2 O3'    132.118 
ASP 'L-peptide linking' y 'ASPARTIC ACID'   ? 'C4 H7 N O4'     133.103 
CYS 'L-peptide linking' y CYSTEINE          ? 'C3 H7 N O2 S'   121.158 
GLN 'L-peptide linking' y GLUTAMINE         ? 'C5 H10 N2 O3'   146.144 
GLU 'L-peptide linking' y 'GLUTAMIC ACID'   ? 'C5 H9 N O4'     147.129 
GLY 'peptide linking'   y GLYCINE           ? 'C2 H5 N O2'     75.067  
HIS 'L-peptide linking' y HISTIDINE         ? 'C6 H10 N3 O2 1' 156.162 
HOH non-polymer         . WATER             ? 'H2 O'           18.015  
ILE 'L-peptide linking' y ISOLEUCINE        ? 'C6 H13 N O2'    131.173 
LEU 'L-peptide linking' y LEUCINE           ? 'C6 H13 N O2'    131.173 
LYS 'L-peptide linking' y LYSINE            ? 'C6 H15 N2 O2 1' 147.195 
MSE 'L-peptide linking' n SELENOMETHIONINE  ? 'C5 H11 N O2 Se' 196.106 
PHE 'L-peptide linking' y PHENYLALANINE     ? 'C9 H11 N O2'    165.189 
PRO 'L-peptide linking' y PROLINE           ? 'C5 H9 N O2'     115.130 
SCN non-polymer         . 'THIOCYANATE ION' ? 'C N S -1'       58.082  
SER 'L-peptide linking' y SERINE            ? 'C3 H7 N O3'     105.093 
THR 'L-peptide linking' y THREONINE         ? 'C4 H9 N O3'     119.119 
TRP 'L-peptide linking' y TRYPTOPHAN        ? 'C11 H12 N2 O2'  204.225 
TYR 'L-peptide linking' y TYROSINE          ? 'C9 H11 N O3'    181.189 
VAL 'L-peptide linking' y VALINE            ? 'C5 H11 N O2'    117.146 
# 
loop_
_pdbx_poly_seq_scheme.asym_id 
_pdbx_poly_seq_scheme.entity_id 
_pdbx_poly_seq_scheme.seq_id 
_pdbx_poly_seq_scheme.mon_id 
_pdbx_poly_seq_scheme.ndb_seq_num 
_pdbx_poly_seq_scheme.pdb_seq_num 
_pdbx_poly_seq_scheme.auth_seq_num 
_pdbx_poly_seq_scheme.pdb_mon_id 
_pdbx_poly_seq_scheme.auth_mon_id 
_pdbx_poly_seq_scheme.pdb_strand_id 
_pdbx_poly_seq_scheme.pdb_ins_code 
_pdbx_poly_seq_scheme.hetero 
A 1 1  GLY 1  0  ?  ?   ?   A . n 
A 1 2  MSE 2  1  ?  ?   ?   A . n 
A 1 3  THR 3  2  ?  ?   ?   A . n 
A 1 4  GLN 4  3  3  GLN GLN A . n 
A 1 5  LYS 5  4  4  LYS LYS A . n 
A 1 6  GLU 6  5  5  GLU GLU A . n 
A 1 7  TRP 7  6  6  TRP TRP A . n 
A 1 8  PRO 8  7  7  PRO PRO A . n 
A 1 9  LEU 9  8  8  LEU LEU A . n 
A 1 10 TRP 10 9  9  TRP TRP A . n 
A 1 11 GLU 11 10 10 GLU GLU A . n 
A 1 12 VAL 12 11 11 VAL VAL A . n 
A 1 13 PHE 13 12 12 PHE PHE A . n 
A 1 14 VAL 14 13 13 VAL VAL A . n 
A 1 15 ARG 15 14 14 ARG ARG A . n 
A 1 16 SER 16 15 15 SER SER A . n 
A 1 17 LYS 17 16 16 LYS LYS A . n 
A 1 18 GLN 18 17 17 GLN GLN A . n 
A 1 19 GLY 19 18 18 GLY GLY A . n 
A 1 20 LEU 20 19 19 LEU LEU A . n 
A 1 21 GLU 21 20 20 GLU GLU A . n 
A 1 22 HIS 22 21 21 HIS HIS A . n 
A 1 23 LYS 23 22 22 LYS LYS A . n 
A 1 24 HIS 24 23 23 HIS HIS A . n 
A 1 25 CYS 25 24 24 CYS CYS A . n 
A 1 26 GLY 26 25 25 GLY GLY A . n 
A 1 27 SER 27 26 26 SER SER A . n 
A 1 28 LEU 28 27 27 LEU LEU A . n 
A 1 29 HIS 29 28 28 HIS HIS A . n 
A 1 30 ALA 30 29 29 ALA ALA A . n 
A 1 31 THR 31 30 30 THR THR A . n 
A 1 32 ASP 32 31 31 ASP ASP A . n 
A 1 33 ALA 33 32 32 ALA ALA A . n 
A 1 34 GLN 34 33 33 GLN GLN A . n 
A 1 35 GLN 35 34 34 GLN GLN A . n 
A 1 36 ALA 36 35 35 ALA ALA A . n 
A 1 37 LEU 37 36 36 LEU LEU A . n 
A 1 38 HIS 38 37 37 HIS HIS A . n 
A 1 39 MSE 39 38 38 MSE MSE A . n 
A 1 40 ALA 40 39 39 ALA ALA A . n 
A 1 41 ARG 41 40 40 ARG ARG A . n 
A 1 42 ASP 42 41 41 ASP ASP A . n 
A 1 43 VAL 43 42 42 VAL VAL A . n 
A 1 44 TYR 44 43 43 TYR TYR A . n 
A 1 45 THR 45 44 44 THR THR A . n 
A 1 46 ARG 46 45 45 ARG ARG A . n 
A 1 47 ARG 47 46 46 ARG ARG A . n 
A 1 48 GLN 48 47 47 GLN GLN A . n 
A 1 49 GLU 49 48 48 GLU GLU A . n 
A 1 50 GLY 50 49 49 GLY GLY A . n 
A 1 51 VAL 51 50 50 VAL VAL A . n 
A 1 52 SER 52 51 51 SER SER A . n 
A 1 53 ILE 53 52 52 ILE ILE A . n 
A 1 54 TRP 54 53 53 TRP TRP A . n 
A 1 55 VAL 55 54 54 VAL VAL A . n 
A 1 56 VAL 56 55 55 VAL VAL A . n 
A 1 57 PRO 57 56 56 PRO PRO A . n 
A 1 58 SER 58 57 57 SER SER A . n 
A 1 59 THR 59 58 58 THR THR A . n 
A 1 60 ALA 60 59 59 ALA ALA A . n 
A 1 61 ILE 61 60 60 ILE ILE A . n 
A 1 62 THR 62 61 61 THR THR A . n 
A 1 63 ALA 63 62 62 ALA ALA A . n 
A 1 64 SER 64 63 63 SER SER A . n 
A 1 65 ALA 65 64 64 ALA ALA A . n 
A 1 66 PRO 66 65 65 PRO PRO A . n 
A 1 67 GLU 67 66 ?  ?   ?   A . n 
A 1 68 GLU 68 67 ?  ?   ?   A . n 
A 1 69 LYS 69 68 ?  ?   ?   A . n 
A 1 70 PRO 70 69 ?  ?   ?   A . n 
A 1 71 GLU 71 70 ?  ?   ?   A . n 
A 1 72 LEU 72 71 ?  ?   ?   A . n 
A 1 73 PHE 73 72 ?  ?   ?   A . n 
A 1 74 ASP 74 73 ?  ?   ?   A . n 
A 1 75 PRO 75 74 ?  ?   ?   A . n 
A 1 76 MSE 76 75 ?  ?   ?   A . n 
A 1 77 ALA 77 76 ?  ?   ?   A . n 
A 1 78 ASP 78 77 ?  ?   ?   A . n 
A 1 79 LYS 79 78 ?  ?   ?   A . n 
A 1 80 ILE 80 79 ?  ?   ?   A . n 
A 1 81 TYR 81 80 ?  ?   ?   A . n 
A 1 82 ARG 82 81 ?  ?   ?   A . n 
A 1 83 HIS 83 82 ?  ?   ?   A . n 
A 1 84 PRO 84 83 ?  ?   ?   A . n 
A 1 85 THR 85 84 ?  ?   ?   A . n 
A 1 86 PHE 86 85 ?  ?   ?   A . n 
A 1 87 TYR 87 86 ?  ?   ?   A . n 
A 1 88 GLN 88 87 ?  ?   ?   A . n 
A 1 89 LEU 89 88 ?  ?   ?   A . n 
A 1 90 PRO 90 89 ?  ?   ?   A . n 
A 1 91 ASP 91 90 ?  ?   ?   A . n 
A 1 92 GLU 92 91 ?  ?   ?   A . n 
A 1 93 VAL 93 92 ?  ?   ?   A . n 
A 1 94 ASN 94 93 ?  ?   ?   A . n 
A 1 95 HIS 95 94 ?  ?   ?   A . n 
A 1 96 MSE 96 95 ?  ?   ?   A . n 
B 1 1  GLY 1  0  ?  ?   ?   B . n 
B 1 2  MSE 2  1  ?  ?   ?   B . n 
B 1 3  THR 3  2  ?  ?   ?   B . n 
B 1 4  GLN 4  3  ?  ?   ?   B . n 
B 1 5  LYS 5  4  4  LYS LYS B . n 
B 1 6  GLU 6  5  5  GLU GLU B . n 
B 1 7  TRP 7  6  6  TRP TRP B . n 
B 1 8  PRO 8  7  7  PRO PRO B . n 
B 1 9  LEU 9  8  8  LEU LEU B . n 
B 1 10 TRP 10 9  9  TRP TRP B . n 
B 1 11 GLU 11 10 10 GLU GLU B . n 
B 1 12 VAL 12 11 11 VAL VAL B . n 
B 1 13 PHE 13 12 12 PHE PHE B . n 
B 1 14 VAL 14 13 13 VAL VAL B . n 
B 1 15 ARG 15 14 14 ARG ARG B . n 
B 1 16 SER 16 15 15 SER SER B . n 
B 1 17 LYS 17 16 16 LYS LYS B . n 
B 1 18 GLN 18 17 17 GLN GLN B . n 
B 1 19 GLY 19 18 18 GLY GLY B . n 
B 1 20 LEU 20 19 19 LEU LEU B . n 
B 1 21 GLU 21 20 20 GLU GLU B . n 
B 1 22 HIS 22 21 21 HIS HIS B . n 
B 1 23 LYS 23 22 22 LYS LYS B . n 
B 1 24 HIS 24 23 23 HIS HIS B . n 
B 1 25 CYS 25 24 24 CYS CYS B . n 
B 1 26 GLY 26 25 25 GLY GLY B . n 
B 1 27 SER 27 26 26 SER SER B . n 
B 1 28 LEU 28 27 27 LEU LEU B . n 
B 1 29 HIS 29 28 28 HIS HIS B . n 
B 1 30 ALA 30 29 29 ALA ALA B . n 
B 1 31 THR 31 30 30 THR THR B . n 
B 1 32 ASP 32 31 31 ASP ASP B . n 
B 1 33 ALA 33 32 32 ALA ALA B . n 
B 1 34 GLN 34 33 33 GLN GLN B . n 
B 1 35 GLN 35 34 34 GLN GLN B . n 
B 1 36 ALA 36 35 35 ALA ALA B . n 
B 1 37 LEU 37 36 36 LEU LEU B . n 
B 1 38 HIS 38 37 37 HIS HIS B . n 
B 1 39 MSE 39 38 38 MSE MSE B . n 
B 1 40 ALA 40 39 39 ALA ALA B . n 
B 1 41 ARG 41 40 40 ARG ARG B . n 
B 1 42 ASP 42 41 41 ASP ASP B . n 
B 1 43 VAL 43 42 42 VAL VAL B . n 
B 1 44 TYR 44 43 43 TYR TYR B . n 
B 1 45 THR 45 44 44 THR THR B . n 
B 1 46 ARG 46 45 45 ARG ARG B . n 
B 1 47 ARG 47 46 46 ARG ARG B . n 
B 1 48 GLN 48 47 47 GLN GLN B . n 
B 1 49 GLU 49 48 48 GLU GLU B . n 
B 1 50 GLY 50 49 49 GLY GLY B . n 
B 1 51 VAL 51 50 50 VAL VAL B . n 
B 1 52 SER 52 51 51 SER SER B . n 
B 1 53 ILE 53 52 52 ILE ILE B . n 
B 1 54 TRP 54 53 53 TRP TRP B . n 
B 1 55 VAL 55 54 54 VAL VAL B . n 
B 1 56 VAL 56 55 55 VAL VAL B . n 
B 1 57 PRO 57 56 56 PRO PRO B . n 
B 1 58 SER 58 57 57 SER SER B . n 
B 1 59 THR 59 58 58 THR THR B . n 
B 1 60 ALA 60 59 59 ALA ALA B . n 
B 1 61 ILE 61 60 60 ILE ILE B . n 
B 1 62 THR 62 61 61 THR THR B . n 
B 1 63 ALA 63 62 62 ALA ALA B . n 
B 1 64 SER 64 63 63 SER SER B . n 
B 1 65 ALA 65 64 64 ALA ALA B . n 
B 1 66 PRO 66 65 65 PRO PRO B . n 
B 1 67 GLU 67 66 ?  ?   ?   B . n 
B 1 68 GLU 68 67 ?  ?   ?   B . n 
B 1 69 LYS 69 68 ?  ?   ?   B . n 
B 1 70 PRO 70 69 ?  ?   ?   B . n 
B 1 71 GLU 71 70 ?  ?   ?   B . n 
B 1 72 LEU 72 71 ?  ?   ?   B . n 
B 1 73 PHE 73 72 ?  ?   ?   B . n 
B 1 74 ASP 74 73 ?  ?   ?   B . n 
B 1 75 PRO 75 74 ?  ?   ?   B . n 
B 1 76 MSE 76 75 ?  ?   ?   B . n 
B 1 77 ALA 77 76 ?  ?   ?   B . n 
B 1 78 ASP 78 77 ?  ?   ?   B . n 
B 1 79 LYS 79 78 ?  ?   ?   B . n 
B 1 80 ILE 80 79 ?  ?   ?   B . n 
B 1 81 TYR 81 80 ?  ?   ?   B . n 
B 1 82 ARG 82 81 ?  ?   ?   B . n 
B 1 83 HIS 83 82 ?  ?   ?   B . n 
B 1 84 PRO 84 83 ?  ?   ?   B . n 
B 1 85 THR 85 84 ?  ?   ?   B . n 
B 1 86 PHE 86 85 ?  ?   ?   B . n 
B 1 87 TYR 87 86 ?  ?   ?   B . n 
B 1 88 GLN 88 87 ?  ?   ?   B . n 
B 1 89 LEU 89 88 ?  ?   ?   B . n 
B 1 90 PRO 90 89 ?  ?   ?   B . n 
B 1 91 ASP 91 90 ?  ?   ?   B . n 
B 1 92 GLU 92 91 ?  ?   ?   B . n 
B 1 93 VAL 93 92 ?  ?   ?   B . n 
B 1 94 ASN 94 93 ?  ?   ?   B . n 
B 1 95 HIS 95 94 ?  ?   ?   B . n 
B 1 96 MSE 96 95 ?  ?   ?   B . n 
# 
loop_
_pdbx_nonpoly_scheme.asym_id 
_pdbx_nonpoly_scheme.entity_id 
_pdbx_nonpoly_scheme.mon_id 
_pdbx_nonpoly_scheme.ndb_seq_num 
_pdbx_nonpoly_scheme.pdb_seq_num 
_pdbx_nonpoly_scheme.auth_seq_num 
_pdbx_nonpoly_scheme.pdb_mon_id 
_pdbx_nonpoly_scheme.auth_mon_id 
_pdbx_nonpoly_scheme.pdb_strand_id 
_pdbx_nonpoly_scheme.pdb_ins_code 
C 2 SCN 1  96  1  SCN SCN A . 
D 2 SCN 1  96  2  SCN SCN B . 
E 3 HOH 1  97  4  HOH HOH A . 
E 3 HOH 2  98  5  HOH HOH A . 
E 3 HOH 3  99  6  HOH HOH A . 
E 3 HOH 4  100 7  HOH HOH A . 
E 3 HOH 5  101 8  HOH HOH A . 
E 3 HOH 6  102 9  HOH HOH A . 
E 3 HOH 7  103 10 HOH HOH A . 
E 3 HOH 8  104 11 HOH HOH A . 
E 3 HOH 9  105 12 HOH HOH A . 
E 3 HOH 10 106 13 HOH HOH A . 
E 3 HOH 11 107 14 HOH HOH A . 
E 3 HOH 12 108 15 HOH HOH A . 
E 3 HOH 13 109 16 HOH HOH A . 
E 3 HOH 14 110 17 HOH HOH A . 
E 3 HOH 15 111 18 HOH HOH A . 
E 3 HOH 16 112 19 HOH HOH A . 
E 3 HOH 17 113 20 HOH HOH A . 
E 3 HOH 18 114 21 HOH HOH A . 
E 3 HOH 19 115 22 HOH HOH A . 
E 3 HOH 20 116 23 HOH HOH A . 
E 3 HOH 21 117 24 HOH HOH A . 
E 3 HOH 22 118 25 HOH HOH A . 
E 3 HOH 23 119 26 HOH HOH A . 
E 3 HOH 24 120 27 HOH HOH A . 
E 3 HOH 25 121 28 HOH HOH A . 
E 3 HOH 26 122 29 HOH HOH A . 
E 3 HOH 27 123 30 HOH HOH A . 
E 3 HOH 28 124 31 HOH HOH A . 
E 3 HOH 29 125 32 HOH HOH A . 
E 3 HOH 30 126 33 HOH HOH A . 
E 3 HOH 31 127 34 HOH HOH A . 
E 3 HOH 32 128 35 HOH HOH A . 
E 3 HOH 33 129 36 HOH HOH A . 
E 3 HOH 34 130 37 HOH HOH A . 
E 3 HOH 35 131 38 HOH HOH A . 
E 3 HOH 36 132 39 HOH HOH A . 
E 3 HOH 37 133 40 HOH HOH A . 
E 3 HOH 38 134 41 HOH HOH A . 
E 3 HOH 39 135 42 HOH HOH A . 
E 3 HOH 40 136 43 HOH HOH A . 
E 3 HOH 41 137 44 HOH HOH A . 
E 3 HOH 42 138 45 HOH HOH A . 
E 3 HOH 43 139 46 HOH HOH A . 
E 3 HOH 44 140 47 HOH HOH A . 
E 3 HOH 45 141 48 HOH HOH A . 
E 3 HOH 46 142 49 HOH HOH A . 
E 3 HOH 47 143 50 HOH HOH A . 
E 3 HOH 48 144 51 HOH HOH A . 
E 3 HOH 49 145 52 HOH HOH A . 
E 3 HOH 50 146 53 HOH HOH A . 
E 3 HOH 51 147 54 HOH HOH A . 
E 3 HOH 52 148 55 HOH HOH A . 
E 3 HOH 53 149 56 HOH HOH A . 
E 3 HOH 54 150 57 HOH HOH A . 
E 3 HOH 55 151 58 HOH HOH A . 
E 3 HOH 56 152 59 HOH HOH A . 
E 3 HOH 57 153 60 HOH HOH A . 
F 3 HOH 1  97  3  HOH HOH B . 
# 
loop_
_pdbx_unobs_or_zero_occ_atoms.id 
_pdbx_unobs_or_zero_occ_atoms.PDB_model_num 
_pdbx_unobs_or_zero_occ_atoms.polymer_flag 
_pdbx_unobs_or_zero_occ_atoms.occupancy_flag 
_pdbx_unobs_or_zero_occ_atoms.auth_asym_id 
_pdbx_unobs_or_zero_occ_atoms.auth_comp_id 
_pdbx_unobs_or_zero_occ_atoms.auth_seq_id 
_pdbx_unobs_or_zero_occ_atoms.PDB_ins_code 
_pdbx_unobs_or_zero_occ_atoms.auth_atom_id 
_pdbx_unobs_or_zero_occ_atoms.label_alt_id 
_pdbx_unobs_or_zero_occ_atoms.label_asym_id 
_pdbx_unobs_or_zero_occ_atoms.label_comp_id 
_pdbx_unobs_or_zero_occ_atoms.label_seq_id 
_pdbx_unobs_or_zero_occ_atoms.label_atom_id 
1  1 Y 1 A LYS 4  ? NZ  ? A LYS 5  NZ  
2  1 Y 1 A LYS 16 ? CD  ? A LYS 17 CD  
3  1 Y 1 A LYS 16 ? CE  ? A LYS 17 CE  
4  1 Y 1 A LYS 16 ? NZ  ? A LYS 17 NZ  
5  1 Y 1 A GLN 17 ? CD  ? A GLN 18 CD  
6  1 Y 1 A GLN 17 ? OE1 ? A GLN 18 OE1 
7  1 Y 1 A GLN 17 ? NE2 ? A GLN 18 NE2 
8  1 Y 1 A LYS 22 ? CE  ? A LYS 23 CE  
9  1 Y 1 A LYS 22 ? NZ  ? A LYS 23 NZ  
10 1 Y 1 A GLU 48 ? OE1 ? A GLU 49 OE1 
11 1 Y 1 A GLU 48 ? OE2 ? A GLU 49 OE2 
12 1 Y 1 B LYS 4  ? CE  ? B LYS 5  CE  
13 1 Y 1 B LYS 4  ? NZ  ? B LYS 5  NZ  
14 1 Y 1 B LYS 16 ? CD  ? B LYS 17 CD  
15 1 Y 1 B LYS 16 ? CE  ? B LYS 17 CE  
16 1 Y 1 B LYS 16 ? NZ  ? B LYS 17 NZ  
17 1 Y 1 B GLN 17 ? OE1 ? B GLN 18 OE1 
18 1 Y 1 B GLN 17 ? NE2 ? B GLN 18 NE2 
19 1 Y 1 B LYS 22 ? CE  ? B LYS 23 CE  
20 1 Y 1 B LYS 22 ? NZ  ? B LYS 23 NZ  
21 1 Y 1 B GLU 48 ? OE1 ? B GLU 49 OE1 
22 1 Y 1 B GLU 48 ? OE2 ? B GLU 49 OE2 
# 
loop_
_software.name 
_software.version 
_software.date 
_software.type 
_software.contact_author 
_software.contact_author_email 
_software.classification 
_software.location 
_software.language 
_software.citation_id 
_software.pdbx_ordinal 
REFMAC      5.2.0019 ?               program 'Garib N. Murshudov'         garib@ysbl.york.ac.uk                refinement        
http://www.ccp4.ac.uk/dist/html/refmac5.html Fortran_77 ? 1 
PHENIX      .        ?               package 'P.D. Adams'                 PDAdams@lbl.gov                      refinement        
http://www.phenix-online.org/                C++        ? 2 
SHELX       .        ?               package 'George M. Sheldrick'        gsheldr@shelx.uni-ac.gwdg.de         phasing           
http://shelx.uni-ac.gwdg.de/SHELX/           Fortran_77 ? 3 
MolProbity  3beta29  ?               package 'D.C. & J.S. Richardson lab' molprobity@kinemage.biochem.duke.edu 'model building'  
http://kinemage.biochem.duke.edu/molprobity/ ?          ? 4 
SCALA       3.2.5    5/04/2004       other   'Phil R. Evans'              pre@mrc-lmb.cam.ac.uk                'data scaling'    
http://www.ccp4.ac.uk/dist/html/scala.html   Fortran_77 ? 5 
PDB_EXTRACT 3.006    'June 11, 2008' package PDB                          help@deposit.rcsb.org                'data extraction' 
http://sw-tools.pdb.org/apps/PDB_EXTRACT/    C++        ? 6 
MOSFLM      .        ?               ?       ?                            ?                                    'data reduction'  ? 
?          ? 7 
SHELXD      .        ?               ?       ?                            ?                                    phasing           ? 
?          ? 8 
autoSHARP   .        ?               ?       ?                            ?                                    phasing           ? 
?          ? 9 
# 
_cell.entry_id           3EGR 
_cell.length_a           93.260 
_cell.length_b           93.260 
_cell.length_c           114.698 
_cell.angle_alpha        90.000 
_cell.angle_beta         90.000 
_cell.angle_gamma        120.000 
_cell.pdbx_unique_axis   ? 
_cell.Z_PDB              24 
_cell.length_a_esd       ? 
_cell.length_b_esd       ? 
_cell.length_c_esd       ? 
_cell.angle_alpha_esd    ? 
_cell.angle_beta_esd     ? 
_cell.angle_gamma_esd    ? 
# 
_symmetry.entry_id                         3EGR 
_symmetry.Int_Tables_number                178 
_symmetry.space_group_name_H-M             'P 61 2 2' 
_symmetry.pdbx_full_space_group_name_H-M   ? 
_symmetry.cell_setting                     ? 
_symmetry.space_group_name_Hall            ? 
# 
_exptl.crystals_number   1 
_exptl.method            'X-RAY DIFFRACTION' 
_exptl.entry_id          3EGR 
# 
_exptl_crystal.id                    1 
_exptl_crystal.density_Matthews      3.18 
_exptl_crystal.density_meas          ? 
_exptl_crystal.density_percent_sol   61.37 
_exptl_crystal.description           ? 
_exptl_crystal.F_000                 ? 
_exptl_crystal.preparation           ? 
# 
_exptl_crystal_grow.crystal_id      1 
_exptl_crystal_grow.method          'VAPOR DIFFUSION, SITTING DROP' 
_exptl_crystal_grow.pH              7.0 
_exptl_crystal_grow.temp            277 
_exptl_crystal_grow.pdbx_details    
'0.2000M KThioCyanate, 20.0000% PEG-3350, No Buffer pH 7.0, NANODROP, VAPOR DIFFUSION, SITTING DROP, temperature 277K' 
_exptl_crystal_grow.temp_details    ? 
_exptl_crystal_grow.pdbx_pH_range   ? 
# 
_diffrn.id                     1 
_diffrn.ambient_temp           100 
_diffrn.ambient_temp_details   ? 
_diffrn.crystal_id             1 
# 
_diffrn_detector.diffrn_id              1 
_diffrn_detector.detector               CCD 
_diffrn_detector.type                   'MARMOSAIC 325 mm CCD' 
_diffrn_detector.details                'Flat collimating mirror, toroid focusing mirror' 
_diffrn_detector.pdbx_collection_date   2008-06-26 
# 
_diffrn_radiation.diffrn_id                        1 
_diffrn_radiation.pdbx_monochromatic_or_laue_m_l   M 
_diffrn_radiation.monochromator                    'Double crystal monochromator' 
_diffrn_radiation.pdbx_diffrn_protocol             MAD 
_diffrn_radiation.wavelength_id                    1 
_diffrn_radiation.pdbx_scattering_type             x-ray 
# 
loop_
_diffrn_radiation_wavelength.id 
_diffrn_radiation_wavelength.wavelength 
_diffrn_radiation_wavelength.wt 
1 0.91162 1.0 
2 0.97966 1.0 
3 0.97951 1.0 
# 
_diffrn_source.diffrn_id                   1 
_diffrn_source.source                      SYNCHROTRON 
_diffrn_source.pdbx_synchrotron_beamline   BL9-2 
_diffrn_source.type                        'SSRL BEAMLINE BL9-2' 
_diffrn_source.pdbx_wavelength_list        '0.91162, 0.97966, 0.97951' 
_diffrn_source.pdbx_wavelength             ? 
_diffrn_source.pdbx_synchrotron_site       SSRL 
# 
_reflns.entry_id                     3EGR 
_reflns.d_resolution_high            2.65 
_reflns.d_resolution_low             29.566 
_reflns.number_obs                   9062 
_reflns.pdbx_Rmerge_I_obs            0.155 
_reflns.pdbx_netI_over_sigmaI        15.8 
_reflns.pdbx_Rsym_value              0.155 
_reflns.pdbx_redundancy              10.400 
_reflns.percent_possible_obs         99.900 
_reflns.observed_criterion_sigma_F   ? 
_reflns.observed_criterion_sigma_I   ? 
_reflns.number_all                   ? 
_reflns.B_iso_Wilson_estimate        52.835 
_reflns.R_free_details               ? 
_reflns.limit_h_max                  ? 
_reflns.limit_h_min                  ? 
_reflns.limit_k_max                  ? 
_reflns.limit_k_min                  ? 
_reflns.limit_l_max                  ? 
_reflns.limit_l_min                  ? 
_reflns.observed_criterion_F_max     ? 
_reflns.observed_criterion_F_min     ? 
_reflns.pdbx_chi_squared             ? 
_reflns.pdbx_scaling_rejects         ? 
_reflns.pdbx_ordinal                 1 
_reflns.pdbx_diffrn_id               1 
# 
loop_
_reflns_shell.d_res_high 
_reflns_shell.d_res_low 
_reflns_shell.number_measured_obs 
_reflns_shell.number_measured_all 
_reflns_shell.number_unique_obs 
_reflns_shell.Rmerge_I_obs 
_reflns_shell.meanI_over_sigI_obs 
_reflns_shell.pdbx_Rsym_value 
_reflns_shell.pdbx_chi_squared 
_reflns_shell.pdbx_redundancy 
_reflns_shell.percent_possible_obs 
_reflns_shell.number_unique_all 
_reflns_shell.percent_possible_all 
_reflns_shell.pdbx_ordinal 
_reflns_shell.pdbx_diffrn_id 
2.65  2.72  ? 6904 ? 0.809 3.1  0.809 ? 10.70 ? 645 100.00 1  1 
2.72  2.79  ? 6718 ? 0.639 3.9  0.639 ? 10.60 ? 633 100.00 2  1 
2.79  2.87  ? 6584 ? 0.527 5.0  0.527 ? 10.70 ? 614 100.00 3  1 
2.87  2.96  ? 6454 ? 0.450 5.6  0.450 ? 10.80 ? 600 100.00 4  1 
2.96  3.06  ? 6248 ? 0.361 7.0  0.361 ? 10.70 ? 585 100.00 5  1 
3.06  3.17  ? 5980 ? 0.286 8.8  0.286 ? 10.60 ? 564 100.00 6  1 
3.17  3.29  ? 5835 ? 0.240 10.3 0.240 ? 10.60 ? 549 100.00 7  1 
3.29  3.42  ? 5600 ? 0.194 12.8 0.194 ? 10.60 ? 529 100.00 8  1 
3.42  3.57  ? 5332 ? 0.166 15.0 0.166 ? 10.50 ? 507 100.00 9  1 
3.57  3.75  ? 5160 ? 0.126 20.3 0.126 ? 10.50 ? 492 100.00 10 1 
3.75  3.95  ? 4851 ? 0.124 20.9 0.124 ? 10.40 ? 465 100.00 11 1 
3.95  4.19  ? 4631 ? 0.106 24.5 0.106 ? 10.40 ? 444 100.00 12 1 
4.19  4.48  ? 4386 ? 0.089 29.2 0.089 ? 10.30 ? 427 100.00 13 1 
4.48  4.84  ? 4001 ? 0.086 29.7 0.086 ? 10.20 ? 392 100.00 14 1 
4.84  5.30  ? 3705 ? 0.092 28.6 0.092 ? 10.20 ? 365 100.00 15 1 
5.30  5.93  ? 3428 ? 0.097 24.7 0.097 ? 10.00 ? 343 100.00 16 1 
5.93  6.84  ? 2967 ? 0.099 24.6 0.099 ? 9.80  ? 303 100.00 17 1 
6.84  8.38  ? 2484 ? 0.075 32.4 0.075 ? 9.50  ? 261 100.00 18 1 
8.38  11.85 ? 1970 ? 0.050 43.0 0.050 ? 9.00  ? 219 100.00 19 1 
11.85 29.57 ? 992  ? 0.060 38.3 0.060 ? 7.90  ? 125 94.10  20 1 
# 
_refine.entry_id                                 3EGR 
_refine.ls_d_res_high                            2.650 
_refine.ls_d_res_low                             29.566 
_refine.pdbx_ls_sigma_F                          0.00 
_refine.ls_percent_reflns_obs                    99.870 
_refine.ls_number_reflns_obs                     9041 
_refine.pdbx_ls_cross_valid_method               THROUGHOUT 
_refine.pdbx_R_Free_selection_details            RANDOM 
_refine.details                                  
;(1). HYDROGENS HAVE BEEN ADDED IN THE RIDING POSITIONS.
 (2). A MET-INHIBITION PROTOCOL WAS USED FOR SELENOMETHIONINE
 INCORPORATION DURING PROTEIN EXPRESSION. THE OCCUPANCY
 OF THE SE ATOMS IN THE MSE RESIDUES WAS REDUCED TO 0.75
 TO ACCOUNT FOR THE REDUCED SCATTERING POWER DUE TO PARTIAL
 S-MET INCORPORATION.
 (3). ATOM RECORD CONTAINS RESIDUAL B FACTORS ONLY
 (4). UNEXPLAINED ELECTRON DENSITIES NEAR RESIDUE 6 IN B CHAIN
 WERE NOT MODELED.
 (5). THIOCYANATE (SCN) IONS FROM CRYO SOLUTION WERE MODELED.
 (6). THE RESIDUES 66-95 IN A AND B CHAINS WERE NOT VISIBLE
 IN THE ELECTRON DENSITY MAPS AND THEY WERE NOT MODELED.
;
_refine.ls_R_factor_obs                          0.190 
_refine.ls_R_factor_R_work                       0.188 
_refine.ls_R_factor_R_free                       0.226 
_refine.ls_percent_reflns_R_free                 4.700 
_refine.ls_number_reflns_R_free                  427 
_refine.B_iso_mean                               26.137 
_refine.aniso_B[1][1]                            1.480 
_refine.aniso_B[2][2]                            1.480 
_refine.aniso_B[3][3]                            -2.220 
_refine.aniso_B[1][2]                            0.740 
_refine.aniso_B[1][3]                            0.000 
_refine.aniso_B[2][3]                            0.000 
_refine.correlation_coeff_Fo_to_Fc               0.939 
_refine.correlation_coeff_Fo_to_Fc_free          0.924 
_refine.pdbx_overall_ESU_R                       0.251 
_refine.pdbx_overall_ESU_R_Free                  0.214 
_refine.overall_SU_ML                            0.136 
_refine.overall_SU_B                             12.332 
_refine.solvent_model_details                    MASK 
_refine.pdbx_solvent_vdw_probe_radii             1.200 
_refine.pdbx_solvent_ion_probe_radii             0.800 
_refine.pdbx_solvent_shrinkage_radii             0.800 
_refine.pdbx_method_to_determine_struct          MAD 
_refine.pdbx_stereochemistry_target_values       'MAXIMUM LIKELIHOOD WITH PHASES' 
_refine.B_iso_max                                69.85 
_refine.B_iso_min                                10.58 
_refine.occupancy_max                            1.00 
_refine.occupancy_min                            0.50 
_refine.pdbx_ls_sigma_I                          ? 
_refine.ls_number_reflns_all                     ? 
_refine.ls_R_factor_all                          ? 
_refine.ls_redundancy_reflns_obs                 ? 
_refine.pdbx_data_cutoff_high_absF               ? 
_refine.pdbx_data_cutoff_low_absF                ? 
_refine.ls_number_parameters                     ? 
_refine.ls_number_restraints                     ? 
_refine.ls_R_factor_R_free_error                 ? 
_refine.ls_R_factor_R_free_error_details         ? 
_refine.pdbx_starting_model                      ? 
_refine.pdbx_stereochem_target_val_spec_case     ? 
_refine.solvent_model_param_bsol                 ? 
_refine.solvent_model_param_ksol                 ? 
_refine.pdbx_isotropic_thermal_model             ? 
_refine.overall_SU_R_Cruickshank_DPI             ? 
_refine.overall_SU_R_free                        ? 
_refine.pdbx_data_cutoff_high_rms_absF           ? 
_refine.ls_wR_factor_R_free                      ? 
_refine.ls_wR_factor_R_work                      ? 
_refine.overall_FOM_free_R_set                   ? 
_refine.overall_FOM_work_R_set                   ? 
_refine.pdbx_overall_phase_error                 ? 
_refine.pdbx_refine_id                           'X-RAY DIFFRACTION' 
_refine.pdbx_TLS_residual_ADP_flag               'LIKELY RESIDUAL' 
_refine.pdbx_diffrn_id                           1 
_refine.pdbx_overall_SU_R_free_Cruickshank_DPI   ? 
_refine.pdbx_overall_SU_R_Blow_DPI               ? 
_refine.pdbx_overall_SU_R_free_Blow_DPI          ? 
# 
_refine_hist.pdbx_refine_id                   'X-RAY DIFFRACTION' 
_refine_hist.cycle_id                         LAST 
_refine_hist.pdbx_number_atoms_protein        975 
_refine_hist.pdbx_number_atoms_nucleic_acid   0 
_refine_hist.pdbx_number_atoms_ligand         6 
_refine_hist.number_atoms_solvent             58 
_refine_hist.number_atoms_total               1039 
_refine_hist.d_res_high                       2.650 
_refine_hist.d_res_low                        29.566 
# 
loop_
_refine_ls_restr.type 
_refine_ls_restr.number 
_refine_ls_restr.dev_ideal 
_refine_ls_restr.dev_ideal_target 
_refine_ls_restr.weight 
_refine_ls_restr.pdbx_refine_id 
_refine_ls_restr.pdbx_restraint_function 
r_bond_refined_d         1038 0.013  0.021  ? 'X-RAY DIFFRACTION' ? 
r_bond_other_d           685  0.001  0.020  ? 'X-RAY DIFFRACTION' ? 
r_angle_refined_deg      1416 1.552  1.891  ? 'X-RAY DIFFRACTION' ? 
r_angle_other_deg        1656 0.873  3.000  ? 'X-RAY DIFFRACTION' ? 
r_dihedral_angle_1_deg   129  5.977  5.000  ? 'X-RAY DIFFRACTION' ? 
r_dihedral_angle_2_deg   45   35.393 21.778 ? 'X-RAY DIFFRACTION' ? 
r_dihedral_angle_3_deg   157  15.535 15.000 ? 'X-RAY DIFFRACTION' ? 
r_dihedral_angle_4_deg   9    17.029 15.000 ? 'X-RAY DIFFRACTION' ? 
r_chiral_restr           154  0.079  0.200  ? 'X-RAY DIFFRACTION' ? 
r_gen_planes_refined     1166 0.004  0.020  ? 'X-RAY DIFFRACTION' ? 
r_gen_planes_other       225  0.001  0.020  ? 'X-RAY DIFFRACTION' ? 
r_nbd_refined            188  0.265  0.200  ? 'X-RAY DIFFRACTION' ? 
r_nbd_other              634  0.192  0.200  ? 'X-RAY DIFFRACTION' ? 
r_nbtor_refined          482  0.177  0.200  ? 'X-RAY DIFFRACTION' ? 
r_nbtor_other            560  0.084  0.200  ? 'X-RAY DIFFRACTION' ? 
r_xyhbond_nbd_refined    41   0.167  0.200  ? 'X-RAY DIFFRACTION' ? 
r_symmetry_vdw_refined   9    0.125  0.200  ? 'X-RAY DIFFRACTION' ? 
r_symmetry_vdw_other     16   0.229  0.200  ? 'X-RAY DIFFRACTION' ? 
r_symmetry_hbond_refined 9    0.149  0.200  ? 'X-RAY DIFFRACTION' ? 
r_mcbond_it              645  1.471  3.000  ? 'X-RAY DIFFRACTION' ? 
r_mcbond_other           254  0.292  3.000  ? 'X-RAY DIFFRACTION' ? 
r_mcangle_it             1039 2.423  5.000  ? 'X-RAY DIFFRACTION' ? 
r_scbond_it              393  1.648  3.000  ? 'X-RAY DIFFRACTION' ? 
r_scangle_it             377  2.458  5.000  ? 'X-RAY DIFFRACTION' ? 
# 
loop_
_refine_ls_restr_ncs.pdbx_ens_id 
_refine_ls_restr_ncs.dom_id 
_refine_ls_restr_ncs.pdbx_type 
_refine_ls_restr_ncs.pdbx_auth_asym_id 
_refine_ls_restr_ncs.pdbx_number 
_refine_ls_restr_ncs.rms_dev_position 
_refine_ls_restr_ncs.weight_position 
_refine_ls_restr_ncs.pdbx_refine_id 
_refine_ls_restr_ncs.pdbx_ordinal 
_refine_ls_restr_ncs.ncs_model_details 
_refine_ls_restr_ncs.rms_dev_B_iso 
_refine_ls_restr_ncs.weight_B_iso 
_refine_ls_restr_ncs.pdbx_asym_id 
_refine_ls_restr_ncs.pdbx_rms 
_refine_ls_restr_ncs.pdbx_weight 
1 1 'MEDIUM POSITIONAL' A 188 0.140 0.500  'X-RAY DIFFRACTION' 1 ? ? ? ? ? ? 
1 1 'LOOSE POSITIONAL'  A 232 0.280 5.000  'X-RAY DIFFRACTION' 2 ? ? ? ? ? ? 
1 1 'MEDIUM THERMAL'    A 188 0.680 2.000  'X-RAY DIFFRACTION' 3 ? ? ? ? ? ? 
1 1 'LOOSE THERMAL'     A 232 1.840 10.000 'X-RAY DIFFRACTION' 4 ? ? ? ? ? ? 
2 1 'LOOSE POSITIONAL'  A 338 0.630 5.000  'X-RAY DIFFRACTION' 5 ? ? ? ? ? ? 
2 1 'LOOSE THERMAL'     A 338 3.520 10.000 'X-RAY DIFFRACTION' 6 ? ? ? ? ? ? 
# 
_refine_ls_shell.d_res_high                       2.650 
_refine_ls_shell.d_res_low                        2.719 
_refine_ls_shell.pdbx_total_number_of_bins_used   20 
_refine_ls_shell.percent_reflns_obs               100.000 
_refine_ls_shell.number_reflns_R_work             615 
_refine_ls_shell.R_factor_all                     ? 
_refine_ls_shell.R_factor_R_work                  0.278 
_refine_ls_shell.R_factor_R_free                  0.358 
_refine_ls_shell.percent_reflns_R_free            ? 
_refine_ls_shell.number_reflns_R_free             30 
_refine_ls_shell.R_factor_R_free_error            ? 
_refine_ls_shell.number_reflns_all                645 
_refine_ls_shell.number_reflns_obs                ? 
_refine_ls_shell.redundancy_reflns_obs            ? 
_refine_ls_shell.pdbx_refine_id                   'X-RAY DIFFRACTION' 
# 
loop_
_struct_ncs_dom.pdbx_ens_id 
_struct_ncs_dom.id 
_struct_ncs_dom.details 
1 1 A 
1 2 B 
2 1 A 
2 2 B 
# 
loop_
_struct_ncs_dom_lim.pdbx_ens_id 
_struct_ncs_dom_lim.dom_id 
_struct_ncs_dom_lim.pdbx_component_id 
_struct_ncs_dom_lim.beg_label_asym_id 
_struct_ncs_dom_lim.beg_label_comp_id 
_struct_ncs_dom_lim.beg_label_seq_id 
_struct_ncs_dom_lim.beg_label_alt_id 
_struct_ncs_dom_lim.end_label_asym_id 
_struct_ncs_dom_lim.end_label_comp_id 
_struct_ncs_dom_lim.end_label_seq_id 
_struct_ncs_dom_lim.end_label_alt_id 
_struct_ncs_dom_lim.beg_auth_asym_id 
_struct_ncs_dom_lim.beg_auth_comp_id 
_struct_ncs_dom_lim.beg_auth_seq_id 
_struct_ncs_dom_lim.end_auth_asym_id 
_struct_ncs_dom_lim.end_auth_comp_id 
_struct_ncs_dom_lim.end_auth_seq_id 
_struct_ncs_dom_lim.pdbx_refine_code 
_struct_ncs_dom_lim.selection_details 
1 1 1 A LYS 5  . A ALA 36 . A LYS 4  A ALA 35 5 ? 
1 2 1 B LYS 5  . B ALA 36 . B LYS 4  B ALA 35 5 ? 
2 1 1 A LEU 37 . A PRO 66 . A LEU 36 A PRO 65 6 ? 
2 2 1 B LEU 37 . B PRO 66 . B LEU 36 B PRO 65 6 ? 
# 
loop_
_struct_ncs_ens.id 
_struct_ncs_ens.details 
1 ? 
2 ? 
# 
_struct.entry_id                  3EGR 
_struct.title                     
'CRYSTAL STRUCTURE OF A PHENYLACETATE-COA OXYGENASE SUBUNIT PAAB (REUT_A2307) FROM RALSTONIA EUTROPHA JMP134 AT 2.65 A RESOLUTION' 
_struct.pdbx_model_details        ? 
_struct.pdbx_CASP_flag            ? 
_struct.pdbx_model_type_details   ? 
# 
_struct_keywords.text            
;PHENYLACETATE-COA OXYGENASE SUBUNIT PAAB, STRUCTURAL GENOMICS, JOINT CENTER FOR STRUCTURAL GENOMICS, JCSG, PROTEIN STRUCTURE INITIATIVE, PSI-2, OXIDOREDUCTASE
;
_struct_keywords.pdbx_keywords   OXIDOREDUCTASE 
_struct_keywords.entry_id        3EGR 
# 
loop_
_struct_asym.id 
_struct_asym.pdbx_blank_PDB_chainid_flag 
_struct_asym.pdbx_modified 
_struct_asym.entity_id 
_struct_asym.details 
A N N 1 ? 
B N N 1 ? 
C N N 2 ? 
D N N 2 ? 
E N N 3 ? 
F N N 3 ? 
# 
_struct_ref.id                         1 
_struct_ref.db_name                    UNP 
_struct_ref.db_code                    Q46WB6_RALEJ 
_struct_ref.pdbx_db_accession          Q46WB6 
_struct_ref.entity_id                  1 
_struct_ref.pdbx_seq_one_letter_code   
;MTQKEWPLWEVFVRSKQGLEHKHCGSLHATDAQQALHMARDVYTRRQEGVSIWVVPSTAITASAPEEKPELFDPMADKIY
RHPTFYQLPDEVNHM
;
_struct_ref.pdbx_align_begin           1 
_struct_ref.pdbx_db_isoform            ? 
# 
loop_
_struct_ref_seq.align_id 
_struct_ref_seq.ref_id 
_struct_ref_seq.pdbx_PDB_id_code 
_struct_ref_seq.pdbx_strand_id 
_struct_ref_seq.seq_align_beg 
_struct_ref_seq.pdbx_seq_align_beg_ins_code 
_struct_ref_seq.seq_align_end 
_struct_ref_seq.pdbx_seq_align_end_ins_code 
_struct_ref_seq.pdbx_db_accession 
_struct_ref_seq.db_align_beg 
_struct_ref_seq.pdbx_db_align_beg_ins_code 
_struct_ref_seq.db_align_end 
_struct_ref_seq.pdbx_db_align_end_ins_code 
_struct_ref_seq.pdbx_auth_seq_align_beg 
_struct_ref_seq.pdbx_auth_seq_align_end 
1 1 3EGR A 2 ? 96 ? Q46WB6 1 ? 95 ? 1 95 
2 1 3EGR B 2 ? 96 ? Q46WB6 1 ? 95 ? 1 95 
# 
loop_
_struct_ref_seq_dif.align_id 
_struct_ref_seq_dif.pdbx_pdb_id_code 
_struct_ref_seq_dif.mon_id 
_struct_ref_seq_dif.pdbx_pdb_strand_id 
_struct_ref_seq_dif.seq_num 
_struct_ref_seq_dif.pdbx_pdb_ins_code 
_struct_ref_seq_dif.pdbx_seq_db_name 
_struct_ref_seq_dif.pdbx_seq_db_accession_code 
_struct_ref_seq_dif.db_mon_id 
_struct_ref_seq_dif.pdbx_seq_db_seq_num 
_struct_ref_seq_dif.details 
_struct_ref_seq_dif.pdbx_auth_seq_num 
_struct_ref_seq_dif.pdbx_ordinal 
1 3EGR GLY A 1 ? UNP Q46WB6 ? ? 'expression tag' 0 1 
2 3EGR GLY B 1 ? UNP Q46WB6 ? ? 'expression tag' 0 2 
# 
_pdbx_struct_assembly.id                   1 
_pdbx_struct_assembly.details              author_and_software_defined_assembly 
_pdbx_struct_assembly.method_details       PISA 
_pdbx_struct_assembly.oligomeric_details   tetrameric 
_pdbx_struct_assembly.oligomeric_count     4 
# 
loop_
_pdbx_struct_assembly_prop.biol_id 
_pdbx_struct_assembly_prop.type 
_pdbx_struct_assembly_prop.value 
_pdbx_struct_assembly_prop.details 
1 'ABSA (A^2)' 5430  ? 
1 MORE         -46   ? 
1 'SSA (A^2)'  14560 ? 
# 
_pdbx_struct_assembly_gen.assembly_id       1 
_pdbx_struct_assembly_gen.oper_expression   1,2 
_pdbx_struct_assembly_gen.asym_id_list      A,B,C,D,E,F 
# 
loop_
_pdbx_struct_oper_list.id 
_pdbx_struct_oper_list.type 
_pdbx_struct_oper_list.name 
_pdbx_struct_oper_list.symmetry_operation 
_pdbx_struct_oper_list.matrix[1][1] 
_pdbx_struct_oper_list.matrix[1][2] 
_pdbx_struct_oper_list.matrix[1][3] 
_pdbx_struct_oper_list.vector[1] 
_pdbx_struct_oper_list.matrix[2][1] 
_pdbx_struct_oper_list.matrix[2][2] 
_pdbx_struct_oper_list.matrix[2][3] 
_pdbx_struct_oper_list.vector[2] 
_pdbx_struct_oper_list.matrix[3][1] 
_pdbx_struct_oper_list.matrix[3][2] 
_pdbx_struct_oper_list.matrix[3][3] 
_pdbx_struct_oper_list.vector[3] 
1 'identity operation'         1_555  x,y,z        1.0000000000  0.0000000000 0.0000000000  0.0000000000 0.0000000000 1.0000000000  0.0000000000  0.0000000000  0.0000000000  0.0000000000  1.0000000000  0.0000000000  
2 'crystal symmetry operation' 12_555 x,x-y,-z+1/6 -0.8627770299 0.3540896818 -0.3608826594 1.6484043137 0.3540896818 -0.0863081982 -0.9312203779 16.7771556006 -0.3608826594 -0.9312203779 -0.0509147719 17.0881489155 
# 
_struct_biol.id        1 
_struct_biol.details   ? 
# 
loop_
_struct_conf.conf_type_id 
_struct_conf.id 
_struct_conf.pdbx_PDB_helix_id 
_struct_conf.beg_label_comp_id 
_struct_conf.beg_label_asym_id 
_struct_conf.beg_label_seq_id 
_struct_conf.pdbx_beg_PDB_ins_code 
_struct_conf.end_label_comp_id 
_struct_conf.end_label_asym_id 
_struct_conf.end_label_seq_id 
_struct_conf.pdbx_end_PDB_ins_code 
_struct_conf.beg_auth_comp_id 
_struct_conf.beg_auth_asym_id 
_struct_conf.beg_auth_seq_id 
_struct_conf.end_auth_comp_id 
_struct_conf.end_auth_asym_id 
_struct_conf.end_auth_seq_id 
_struct_conf.pdbx_PDB_helix_class 
_struct_conf.details 
_struct_conf.pdbx_PDB_helix_length 
HELX_P HELX_P1 1 ASP A 32 ? TYR A 44 ? ASP A 31 TYR A 43 1 ? 13 
HELX_P HELX_P2 2 THR A 59 ? ILE A 61 ? THR A 58 ILE A 60 5 ? 3  
HELX_P HELX_P3 3 ASP B 32 ? THR B 45 ? ASP B 31 THR B 44 1 ? 14 
HELX_P HELX_P4 4 THR B 59 ? ILE B 61 ? THR B 58 ILE B 60 5 ? 3  
# 
_struct_conf_type.id          HELX_P 
_struct_conf_type.criteria    ? 
_struct_conf_type.reference   ? 
# 
loop_
_struct_conn.id 
_struct_conn.conn_type_id 
_struct_conn.pdbx_leaving_atom_flag 
_struct_conn.pdbx_PDB_id 
_struct_conn.ptnr1_label_asym_id 
_struct_conn.ptnr1_label_comp_id 
_struct_conn.ptnr1_label_seq_id 
_struct_conn.ptnr1_label_atom_id 
_struct_conn.pdbx_ptnr1_label_alt_id 
_struct_conn.pdbx_ptnr1_PDB_ins_code 
_struct_conn.pdbx_ptnr1_standard_comp_id 
_struct_conn.ptnr1_symmetry 
_struct_conn.ptnr2_label_asym_id 
_struct_conn.ptnr2_label_comp_id 
_struct_conn.ptnr2_label_seq_id 
_struct_conn.ptnr2_label_atom_id 
_struct_conn.pdbx_ptnr2_label_alt_id 
_struct_conn.pdbx_ptnr2_PDB_ins_code 
_struct_conn.ptnr1_auth_asym_id 
_struct_conn.ptnr1_auth_comp_id 
_struct_conn.ptnr1_auth_seq_id 
_struct_conn.ptnr2_auth_asym_id 
_struct_conn.ptnr2_auth_comp_id 
_struct_conn.ptnr2_auth_seq_id 
_struct_conn.ptnr2_symmetry 
_struct_conn.pdbx_ptnr3_label_atom_id 
_struct_conn.pdbx_ptnr3_label_seq_id 
_struct_conn.pdbx_ptnr3_label_comp_id 
_struct_conn.pdbx_ptnr3_label_asym_id 
_struct_conn.pdbx_ptnr3_label_alt_id 
_struct_conn.pdbx_ptnr3_PDB_ins_code 
_struct_conn.details 
_struct_conn.pdbx_dist_value 
_struct_conn.pdbx_value_order 
_struct_conn.pdbx_role 
covale1 covale both ? A HIS 38 C ? ? ? 1_555 A MSE 39 N ? ? A HIS 37 A MSE 38 1_555 ? ? ? ? ? ? ? 1.335 ? ? 
covale2 covale both ? A MSE 39 C ? ? ? 1_555 A ALA 40 N ? ? A MSE 38 A ALA 39 1_555 ? ? ? ? ? ? ? 1.331 ? ? 
covale3 covale both ? B HIS 38 C A ? ? 1_555 B MSE 39 N ? ? B HIS 37 B MSE 38 1_555 ? ? ? ? ? ? ? 1.331 ? ? 
covale4 covale both ? B HIS 38 C B ? ? 1_555 B MSE 39 N ? ? B HIS 37 B MSE 38 1_555 ? ? ? ? ? ? ? 1.328 ? ? 
covale5 covale both ? B MSE 39 C ? ? ? 1_555 B ALA 40 N ? ? B MSE 38 B ALA 39 1_555 ? ? ? ? ? ? ? 1.330 ? ? 
# 
_struct_conn_type.id          covale 
_struct_conn_type.criteria    ? 
_struct_conn_type.reference   ? 
# 
loop_
_pdbx_modification_feature.ordinal 
_pdbx_modification_feature.label_comp_id 
_pdbx_modification_feature.label_asym_id 
_pdbx_modification_feature.label_seq_id 
_pdbx_modification_feature.label_alt_id 
_pdbx_modification_feature.modified_residue_label_comp_id 
_pdbx_modification_feature.modified_residue_label_asym_id 
_pdbx_modification_feature.modified_residue_label_seq_id 
_pdbx_modification_feature.modified_residue_label_alt_id 
_pdbx_modification_feature.auth_comp_id 
_pdbx_modification_feature.auth_asym_id 
_pdbx_modification_feature.auth_seq_id 
_pdbx_modification_feature.PDB_ins_code 
_pdbx_modification_feature.symmetry 
_pdbx_modification_feature.modified_residue_auth_comp_id 
_pdbx_modification_feature.modified_residue_auth_asym_id 
_pdbx_modification_feature.modified_residue_auth_seq_id 
_pdbx_modification_feature.modified_residue_PDB_ins_code 
_pdbx_modification_feature.modified_residue_symmetry 
_pdbx_modification_feature.comp_id_linking_atom 
_pdbx_modification_feature.modified_residue_id_linking_atom 
_pdbx_modification_feature.modified_residue_id 
_pdbx_modification_feature.ref_pcm_id 
_pdbx_modification_feature.ref_comp_id 
_pdbx_modification_feature.type 
_pdbx_modification_feature.category 
1 MSE A 39 ? . . . . MSE A 38 ? 1_555 . . . . . . . MET 1 MSE Selenomethionine 'Named protein modification' 
2 MSE B 39 ? . . . . MSE B 38 ? 1_555 . . . . . . . MET 1 MSE Selenomethionine 'Named protein modification' 
# 
loop_
_struct_sheet.id 
_struct_sheet.type 
_struct_sheet.number_strands 
_struct_sheet.details 
A ? 4 ? 
B ? 4 ? 
# 
loop_
_struct_sheet_order.sheet_id 
_struct_sheet_order.range_id_1 
_struct_sheet_order.range_id_2 
_struct_sheet_order.offset 
_struct_sheet_order.sense 
A 1 2 ? anti-parallel 
A 2 3 ? anti-parallel 
A 3 4 ? anti-parallel 
B 1 2 ? anti-parallel 
B 2 3 ? anti-parallel 
B 3 4 ? anti-parallel 
# 
loop_
_struct_sheet_range.sheet_id 
_struct_sheet_range.id 
_struct_sheet_range.beg_label_comp_id 
_struct_sheet_range.beg_label_asym_id 
_struct_sheet_range.beg_label_seq_id 
_struct_sheet_range.pdbx_beg_PDB_ins_code 
_struct_sheet_range.end_label_comp_id 
_struct_sheet_range.end_label_asym_id 
_struct_sheet_range.end_label_seq_id 
_struct_sheet_range.pdbx_end_PDB_ins_code 
_struct_sheet_range.beg_auth_comp_id 
_struct_sheet_range.beg_auth_asym_id 
_struct_sheet_range.beg_auth_seq_id 
_struct_sheet_range.end_auth_comp_id 
_struct_sheet_range.end_auth_asym_id 
_struct_sheet_range.end_auth_seq_id 
A 1 LYS A 23 ? HIS A 29 ? LYS A 22 HIS A 28 
A 2 LEU A 9  ? ARG A 15 ? LEU A 8  ARG A 14 
A 3 SER A 52 ? PRO A 57 ? SER A 51 PRO A 56 
A 4 THR B 62 ? ALA B 63 ? THR B 61 ALA B 62 
B 1 THR A 62 ? ALA A 63 ? THR A 61 ALA A 62 
B 2 SER B 52 ? PRO B 57 ? SER B 51 PRO B 56 
B 3 LEU B 9  ? ARG B 15 ? LEU B 8  ARG B 14 
B 4 LYS B 23 ? HIS B 29 ? LYS B 22 HIS B 28 
# 
loop_
_pdbx_struct_sheet_hbond.sheet_id 
_pdbx_struct_sheet_hbond.range_id_1 
_pdbx_struct_sheet_hbond.range_id_2 
_pdbx_struct_sheet_hbond.range_1_label_atom_id 
_pdbx_struct_sheet_hbond.range_1_label_comp_id 
_pdbx_struct_sheet_hbond.range_1_label_asym_id 
_pdbx_struct_sheet_hbond.range_1_label_seq_id 
_pdbx_struct_sheet_hbond.range_1_PDB_ins_code 
_pdbx_struct_sheet_hbond.range_1_auth_atom_id 
_pdbx_struct_sheet_hbond.range_1_auth_comp_id 
_pdbx_struct_sheet_hbond.range_1_auth_asym_id 
_pdbx_struct_sheet_hbond.range_1_auth_seq_id 
_pdbx_struct_sheet_hbond.range_2_label_atom_id 
_pdbx_struct_sheet_hbond.range_2_label_comp_id 
_pdbx_struct_sheet_hbond.range_2_label_asym_id 
_pdbx_struct_sheet_hbond.range_2_label_seq_id 
_pdbx_struct_sheet_hbond.range_2_PDB_ins_code 
_pdbx_struct_sheet_hbond.range_2_auth_atom_id 
_pdbx_struct_sheet_hbond.range_2_auth_comp_id 
_pdbx_struct_sheet_hbond.range_2_auth_asym_id 
_pdbx_struct_sheet_hbond.range_2_auth_seq_id 
A 1 2 O LYS A 23 ? O LYS A 22 N VAL A 14 ? N VAL A 13 
A 2 3 N GLU A 11 ? N GLU A 10 O VAL A 56 ? O VAL A 55 
A 3 4 N VAL A 55 ? N VAL A 54 O THR B 62 ? O THR B 61 
B 1 2 N THR A 62 ? N THR A 61 O VAL B 55 ? O VAL B 54 
B 2 3 O VAL B 56 ? O VAL B 55 N GLU B 11 ? N GLU B 10 
B 3 4 N VAL B 12 ? N VAL B 11 O GLY B 26 ? O GLY B 25 
# 
loop_
_struct_site.id 
_struct_site.pdbx_evidence_code 
_struct_site.pdbx_auth_asym_id 
_struct_site.pdbx_auth_comp_id 
_struct_site.pdbx_auth_seq_id 
_struct_site.pdbx_auth_ins_code 
_struct_site.pdbx_num_residues 
_struct_site.details 
AC1 Software A SCN 96 ? 2 'BINDING SITE FOR RESIDUE SCN A 96' 
AC2 Software B SCN 96 ? 2 'BINDING SITE FOR RESIDUE SCN B 96' 
# 
loop_
_struct_site_gen.id 
_struct_site_gen.site_id 
_struct_site_gen.pdbx_num_res 
_struct_site_gen.label_comp_id 
_struct_site_gen.label_asym_id 
_struct_site_gen.label_seq_id 
_struct_site_gen.pdbx_auth_ins_code 
_struct_site_gen.auth_comp_id 
_struct_site_gen.auth_asym_id 
_struct_site_gen.auth_seq_id 
_struct_site_gen.label_atom_id 
_struct_site_gen.label_alt_id 
_struct_site_gen.symmetry 
_struct_site_gen.details 
1 AC1 2 GLU A 11 ? GLU A 10 . ? 1_555 ? 
2 AC1 2 SER A 58 ? SER A 57 . ? 1_555 ? 
3 AC2 2 GLU B 11 ? GLU B 10 . ? 1_555 ? 
4 AC2 2 SER B 58 ? SER B 57 . ? 1_555 ? 
# 
_pdbx_entry_details.entry_id                   3EGR 
_pdbx_entry_details.compound_details           ? 
_pdbx_entry_details.source_details             ? 
_pdbx_entry_details.nonpolymer_details         ? 
_pdbx_entry_details.sequence_details           
;THE CONSTRUCT WAS EXPRESSED WITH A PURIFICATION TAG MGSDKIHHHHHHENLYFQG. THE TAG WAS REMOVED WITH TEV PROTEASE LEAVING ONLY A GLYCINE (0) FOLLOWED BY THE TARGET SEQUENCE.
;
_pdbx_entry_details.has_ligand_of_interest     ? 
_pdbx_entry_details.has_protein_modification   Y 
# 
_pdbx_SG_project.project_name          'PSI, Protein Structure Initiative' 
_pdbx_SG_project.full_name_of_center   'Joint Center for Structural Genomics' 
_pdbx_SG_project.id                    1 
_pdbx_SG_project.initial_of_center     JCSG 
# 
loop_
_pdbx_struct_mod_residue.id 
_pdbx_struct_mod_residue.label_asym_id 
_pdbx_struct_mod_residue.label_comp_id 
_pdbx_struct_mod_residue.label_seq_id 
_pdbx_struct_mod_residue.auth_asym_id 
_pdbx_struct_mod_residue.auth_comp_id 
_pdbx_struct_mod_residue.auth_seq_id 
_pdbx_struct_mod_residue.PDB_ins_code 
_pdbx_struct_mod_residue.parent_comp_id 
_pdbx_struct_mod_residue.details 
1 A MSE 39 A MSE 38 ? MET SELENOMETHIONINE 
2 B MSE 39 B MSE 38 ? MET SELENOMETHIONINE 
# 
_pdbx_struct_special_symmetry.id              1 
_pdbx_struct_special_symmetry.PDB_model_num   1 
_pdbx_struct_special_symmetry.auth_asym_id    A 
_pdbx_struct_special_symmetry.auth_comp_id    HOH 
_pdbx_struct_special_symmetry.auth_seq_id     152 
_pdbx_struct_special_symmetry.PDB_ins_code    ? 
_pdbx_struct_special_symmetry.label_asym_id   E 
_pdbx_struct_special_symmetry.label_comp_id   HOH 
_pdbx_struct_special_symmetry.label_seq_id    . 
# 
loop_
_pdbx_refine_tls.id 
_pdbx_refine_tls.details 
_pdbx_refine_tls.method 
_pdbx_refine_tls.origin_x 
_pdbx_refine_tls.origin_y 
_pdbx_refine_tls.origin_z 
_pdbx_refine_tls.T[1][1] 
_pdbx_refine_tls.T[2][2] 
_pdbx_refine_tls.T[3][3] 
_pdbx_refine_tls.T[1][2] 
_pdbx_refine_tls.T[1][3] 
_pdbx_refine_tls.T[2][3] 
_pdbx_refine_tls.L[1][1] 
_pdbx_refine_tls.L[2][2] 
_pdbx_refine_tls.L[3][3] 
_pdbx_refine_tls.L[1][2] 
_pdbx_refine_tls.L[1][3] 
_pdbx_refine_tls.L[2][3] 
_pdbx_refine_tls.S[1][1] 
_pdbx_refine_tls.S[2][2] 
_pdbx_refine_tls.S[3][3] 
_pdbx_refine_tls.S[1][2] 
_pdbx_refine_tls.S[1][3] 
_pdbx_refine_tls.S[2][3] 
_pdbx_refine_tls.S[2][1] 
_pdbx_refine_tls.S[3][1] 
_pdbx_refine_tls.S[3][2] 
_pdbx_refine_tls.pdbx_refine_id 
1 ? refined 7.4898  3.1229  -3.5525 -0.0144 0.0676  -0.0019 0.0485  0.0257  -0.0849 5.3968 1.8139 4.3177 0.6164 -0.6050 -0.5991 -0.0860 0.0943 -0.0083 0.6213 -0.2322 -0.0474 -0.2982 0.1191 0.2332  'X-RAY DIFFRACTION' 
2 ? refined -7.5860 -3.2551 3.5050  -0.0145 -0.0080 0.0042  -0.0015 -0.0523 -0.0502 6.2188 4.2930 3.5967 1.7274 -1.4464 -1.5273 -0.0517 0.1318 -0.0801 0.0905 -0.5398 0.1410  -0.0590 0.4377 -0.1403 'X-RAY DIFFRACTION' 
# 
loop_
_pdbx_refine_tls_group.id 
_pdbx_refine_tls_group.refine_tls_id 
_pdbx_refine_tls_group.beg_auth_asym_id 
_pdbx_refine_tls_group.end_auth_asym_id 
_pdbx_refine_tls_group.end_auth_seq_id 
_pdbx_refine_tls_group.selection 
_pdbx_refine_tls_group.beg_auth_seq_id 
_pdbx_refine_tls_group.beg_label_asym_id 
_pdbx_refine_tls_group.beg_label_seq_id 
_pdbx_refine_tls_group.end_label_asym_id 
_pdbx_refine_tls_group.end_label_seq_id 
_pdbx_refine_tls_group.pdbx_refine_id 
_pdbx_refine_tls_group.selection_details 
1 1 A A 65 ? 3 . . . . 'X-RAY DIFFRACTION' ? 
2 2 B B 65 ? 4 . . . . 'X-RAY DIFFRACTION' ? 
# 
_phasing.method   MAD 
# 
loop_
_pdbx_unobs_or_zero_occ_residues.id 
_pdbx_unobs_or_zero_occ_residues.PDB_model_num 
_pdbx_unobs_or_zero_occ_residues.polymer_flag 
_pdbx_unobs_or_zero_occ_residues.occupancy_flag 
_pdbx_unobs_or_zero_occ_residues.auth_asym_id 
_pdbx_unobs_or_zero_occ_residues.auth_comp_id 
_pdbx_unobs_or_zero_occ_residues.auth_seq_id 
_pdbx_unobs_or_zero_occ_residues.PDB_ins_code 
_pdbx_unobs_or_zero_occ_residues.label_asym_id 
_pdbx_unobs_or_zero_occ_residues.label_comp_id 
_pdbx_unobs_or_zero_occ_residues.label_seq_id 
1  1 Y 1 A GLY 0  ? A GLY 1  
2  1 Y 1 A MSE 1  ? A MSE 2  
3  1 Y 1 A THR 2  ? A THR 3  
4  1 Y 1 A GLU 66 ? A GLU 67 
5  1 Y 1 A GLU 67 ? A GLU 68 
6  1 Y 1 A LYS 68 ? A LYS 69 
7  1 Y 1 A PRO 69 ? A PRO 70 
8  1 Y 1 A GLU 70 ? A GLU 71 
9  1 Y 1 A LEU 71 ? A LEU 72 
10 1 Y 1 A PHE 72 ? A PHE 73 
11 1 Y 1 A ASP 73 ? A ASP 74 
12 1 Y 1 A PRO 74 ? A PRO 75 
13 1 Y 1 A MSE 75 ? A MSE 76 
14 1 Y 1 A ALA 76 ? A ALA 77 
15 1 Y 1 A ASP 77 ? A ASP 78 
16 1 Y 1 A LYS 78 ? A LYS 79 
17 1 Y 1 A ILE 79 ? A ILE 80 
18 1 Y 1 A TYR 80 ? A TYR 81 
19 1 Y 1 A ARG 81 ? A ARG 82 
20 1 Y 1 A HIS 82 ? A HIS 83 
21 1 Y 1 A PRO 83 ? A PRO 84 
22 1 Y 1 A THR 84 ? A THR 85 
23 1 Y 1 A PHE 85 ? A PHE 86 
24 1 Y 1 A TYR 86 ? A TYR 87 
25 1 Y 1 A GLN 87 ? A GLN 88 
26 1 Y 1 A LEU 88 ? A LEU 89 
27 1 Y 1 A PRO 89 ? A PRO 90 
28 1 Y 1 A ASP 90 ? A ASP 91 
29 1 Y 1 A GLU 91 ? A GLU 92 
30 1 Y 1 A VAL 92 ? A VAL 93 
31 1 Y 1 A ASN 93 ? A ASN 94 
32 1 Y 1 A HIS 94 ? A HIS 95 
33 1 Y 1 A MSE 95 ? A MSE 96 
34 1 Y 1 B GLY 0  ? B GLY 1  
35 1 Y 1 B MSE 1  ? B MSE 2  
36 1 Y 1 B THR 2  ? B THR 3  
37 1 Y 1 B GLN 3  ? B GLN 4  
38 1 Y 1 B GLU 66 ? B GLU 67 
39 1 Y 1 B GLU 67 ? B GLU 68 
40 1 Y 1 B LYS 68 ? B LYS 69 
41 1 Y 1 B PRO 69 ? B PRO 70 
42 1 Y 1 B GLU 70 ? B GLU 71 
43 1 Y 1 B LEU 71 ? B LEU 72 
44 1 Y 1 B PHE 72 ? B PHE 73 
45 1 Y 1 B ASP 73 ? B ASP 74 
46 1 Y 1 B PRO 74 ? B PRO 75 
47 1 Y 1 B MSE 75 ? B MSE 76 
48 1 Y 1 B ALA 76 ? B ALA 77 
49 1 Y 1 B ASP 77 ? B ASP 78 
50 1 Y 1 B LYS 78 ? B LYS 79 
51 1 Y 1 B ILE 79 ? B ILE 80 
52 1 Y 1 B TYR 80 ? B TYR 81 
53 1 Y 1 B ARG 81 ? B ARG 82 
54 1 Y 1 B HIS 82 ? B HIS 83 
55 1 Y 1 B PRO 83 ? B PRO 84 
56 1 Y 1 B THR 84 ? B THR 85 
57 1 Y 1 B PHE 85 ? B PHE 86 
58 1 Y 1 B TYR 86 ? B TYR 87 
59 1 Y 1 B GLN 87 ? B GLN 88 
60 1 Y 1 B LEU 88 ? B LEU 89 
61 1 Y 1 B PRO 89 ? B PRO 90 
62 1 Y 1 B ASP 90 ? B ASP 91 
63 1 Y 1 B GLU 91 ? B GLU 92 
64 1 Y 1 B VAL 92 ? B VAL 93 
65 1 Y 1 B ASN 93 ? B ASN 94 
66 1 Y 1 B HIS 94 ? B HIS 95 
67 1 Y 1 B MSE 95 ? B MSE 96 
# 
loop_
_chem_comp_atom.comp_id 
_chem_comp_atom.atom_id 
_chem_comp_atom.type_symbol 
_chem_comp_atom.pdbx_aromatic_flag 
_chem_comp_atom.pdbx_stereo_config 
_chem_comp_atom.pdbx_ordinal 
ALA N    N  N N 1   
ALA CA   C  N S 2   
ALA C    C  N N 3   
ALA O    O  N N 4   
ALA CB   C  N N 5   
ALA OXT  O  N N 6   
ALA H    H  N N 7   
ALA H2   H  N N 8   
ALA HA   H  N N 9   
ALA HB1  H  N N 10  
ALA HB2  H  N N 11  
ALA HB3  H  N N 12  
ALA HXT  H  N N 13  
ARG N    N  N N 14  
ARG CA   C  N S 15  
ARG C    C  N N 16  
ARG O    O  N N 17  
ARG CB   C  N N 18  
ARG CG   C  N N 19  
ARG CD   C  N N 20  
ARG NE   N  N N 21  
ARG CZ   C  N N 22  
ARG NH1  N  N N 23  
ARG NH2  N  N N 24  
ARG OXT  O  N N 25  
ARG H    H  N N 26  
ARG H2   H  N N 27  
ARG HA   H  N N 28  
ARG HB2  H  N N 29  
ARG HB3  H  N N 30  
ARG HG2  H  N N 31  
ARG HG3  H  N N 32  
ARG HD2  H  N N 33  
ARG HD3  H  N N 34  
ARG HE   H  N N 35  
ARG HH11 H  N N 36  
ARG HH12 H  N N 37  
ARG HH21 H  N N 38  
ARG HH22 H  N N 39  
ARG HXT  H  N N 40  
ASN N    N  N N 41  
ASN CA   C  N S 42  
ASN C    C  N N 43  
ASN O    O  N N 44  
ASN CB   C  N N 45  
ASN CG   C  N N 46  
ASN OD1  O  N N 47  
ASN ND2  N  N N 48  
ASN OXT  O  N N 49  
ASN H    H  N N 50  
ASN H2   H  N N 51  
ASN HA   H  N N 52  
ASN HB2  H  N N 53  
ASN HB3  H  N N 54  
ASN HD21 H  N N 55  
ASN HD22 H  N N 56  
ASN HXT  H  N N 57  
ASP N    N  N N 58  
ASP CA   C  N S 59  
ASP C    C  N N 60  
ASP O    O  N N 61  
ASP CB   C  N N 62  
ASP CG   C  N N 63  
ASP OD1  O  N N 64  
ASP OD2  O  N N 65  
ASP OXT  O  N N 66  
ASP H    H  N N 67  
ASP H2   H  N N 68  
ASP HA   H  N N 69  
ASP HB2  H  N N 70  
ASP HB3  H  N N 71  
ASP HD2  H  N N 72  
ASP HXT  H  N N 73  
CYS N    N  N N 74  
CYS CA   C  N R 75  
CYS C    C  N N 76  
CYS O    O  N N 77  
CYS CB   C  N N 78  
CYS SG   S  N N 79  
CYS OXT  O  N N 80  
CYS H    H  N N 81  
CYS H2   H  N N 82  
CYS HA   H  N N 83  
CYS HB2  H  N N 84  
CYS HB3  H  N N 85  
CYS HG   H  N N 86  
CYS HXT  H  N N 87  
GLN N    N  N N 88  
GLN CA   C  N S 89  
GLN C    C  N N 90  
GLN O    O  N N 91  
GLN CB   C  N N 92  
GLN CG   C  N N 93  
GLN CD   C  N N 94  
GLN OE1  O  N N 95  
GLN NE2  N  N N 96  
GLN OXT  O  N N 97  
GLN H    H  N N 98  
GLN H2   H  N N 99  
GLN HA   H  N N 100 
GLN HB2  H  N N 101 
GLN HB3  H  N N 102 
GLN HG2  H  N N 103 
GLN HG3  H  N N 104 
GLN HE21 H  N N 105 
GLN HE22 H  N N 106 
GLN HXT  H  N N 107 
GLU N    N  N N 108 
GLU CA   C  N S 109 
GLU C    C  N N 110 
GLU O    O  N N 111 
GLU CB   C  N N 112 
GLU CG   C  N N 113 
GLU CD   C  N N 114 
GLU OE1  O  N N 115 
GLU OE2  O  N N 116 
GLU OXT  O  N N 117 
GLU H    H  N N 118 
GLU H2   H  N N 119 
GLU HA   H  N N 120 
GLU HB2  H  N N 121 
GLU HB3  H  N N 122 
GLU HG2  H  N N 123 
GLU HG3  H  N N 124 
GLU HE2  H  N N 125 
GLU HXT  H  N N 126 
GLY N    N  N N 127 
GLY CA   C  N N 128 
GLY C    C  N N 129 
GLY O    O  N N 130 
GLY OXT  O  N N 131 
GLY H    H  N N 132 
GLY H2   H  N N 133 
GLY HA2  H  N N 134 
GLY HA3  H  N N 135 
GLY HXT  H  N N 136 
HIS N    N  N N 137 
HIS CA   C  N S 138 
HIS C    C  N N 139 
HIS O    O  N N 140 
HIS CB   C  N N 141 
HIS CG   C  Y N 142 
HIS ND1  N  Y N 143 
HIS CD2  C  Y N 144 
HIS CE1  C  Y N 145 
HIS NE2  N  Y N 146 
HIS OXT  O  N N 147 
HIS H    H  N N 148 
HIS H2   H  N N 149 
HIS HA   H  N N 150 
HIS HB2  H  N N 151 
HIS HB3  H  N N 152 
HIS HD1  H  N N 153 
HIS HD2  H  N N 154 
HIS HE1  H  N N 155 
HIS HE2  H  N N 156 
HIS HXT  H  N N 157 
HOH O    O  N N 158 
HOH H1   H  N N 159 
HOH H2   H  N N 160 
ILE N    N  N N 161 
ILE CA   C  N S 162 
ILE C    C  N N 163 
ILE O    O  N N 164 
ILE CB   C  N S 165 
ILE CG1  C  N N 166 
ILE CG2  C  N N 167 
ILE CD1  C  N N 168 
ILE OXT  O  N N 169 
ILE H    H  N N 170 
ILE H2   H  N N 171 
ILE HA   H  N N 172 
ILE HB   H  N N 173 
ILE HG12 H  N N 174 
ILE HG13 H  N N 175 
ILE HG21 H  N N 176 
ILE HG22 H  N N 177 
ILE HG23 H  N N 178 
ILE HD11 H  N N 179 
ILE HD12 H  N N 180 
ILE HD13 H  N N 181 
ILE HXT  H  N N 182 
LEU N    N  N N 183 
LEU CA   C  N S 184 
LEU C    C  N N 185 
LEU O    O  N N 186 
LEU CB   C  N N 187 
LEU CG   C  N N 188 
LEU CD1  C  N N 189 
LEU CD2  C  N N 190 
LEU OXT  O  N N 191 
LEU H    H  N N 192 
LEU H2   H  N N 193 
LEU HA   H  N N 194 
LEU HB2  H  N N 195 
LEU HB3  H  N N 196 
LEU HG   H  N N 197 
LEU HD11 H  N N 198 
LEU HD12 H  N N 199 
LEU HD13 H  N N 200 
LEU HD21 H  N N 201 
LEU HD22 H  N N 202 
LEU HD23 H  N N 203 
LEU HXT  H  N N 204 
LYS N    N  N N 205 
LYS CA   C  N S 206 
LYS C    C  N N 207 
LYS O    O  N N 208 
LYS CB   C  N N 209 
LYS CG   C  N N 210 
LYS CD   C  N N 211 
LYS CE   C  N N 212 
LYS NZ   N  N N 213 
LYS OXT  O  N N 214 
LYS H    H  N N 215 
LYS H2   H  N N 216 
LYS HA   H  N N 217 
LYS HB2  H  N N 218 
LYS HB3  H  N N 219 
LYS HG2  H  N N 220 
LYS HG3  H  N N 221 
LYS HD2  H  N N 222 
LYS HD3  H  N N 223 
LYS HE2  H  N N 224 
LYS HE3  H  N N 225 
LYS HZ1  H  N N 226 
LYS HZ2  H  N N 227 
LYS HZ3  H  N N 228 
LYS HXT  H  N N 229 
MSE N    N  N N 230 
MSE CA   C  N S 231 
MSE C    C  N N 232 
MSE O    O  N N 233 
MSE OXT  O  N N 234 
MSE CB   C  N N 235 
MSE CG   C  N N 236 
MSE SE   SE N N 237 
MSE CE   C  N N 238 
MSE H    H  N N 239 
MSE H2   H  N N 240 
MSE HA   H  N N 241 
MSE HXT  H  N N 242 
MSE HB2  H  N N 243 
MSE HB3  H  N N 244 
MSE HG2  H  N N 245 
MSE HG3  H  N N 246 
MSE HE1  H  N N 247 
MSE HE2  H  N N 248 
MSE HE3  H  N N 249 
PHE N    N  N N 250 
PHE CA   C  N S 251 
PHE C    C  N N 252 
PHE O    O  N N 253 
PHE CB   C  N N 254 
PHE CG   C  Y N 255 
PHE CD1  C  Y N 256 
PHE CD2  C  Y N 257 
PHE CE1  C  Y N 258 
PHE CE2  C  Y N 259 
PHE CZ   C  Y N 260 
PHE OXT  O  N N 261 
PHE H    H  N N 262 
PHE H2   H  N N 263 
PHE HA   H  N N 264 
PHE HB2  H  N N 265 
PHE HB3  H  N N 266 
PHE HD1  H  N N 267 
PHE HD2  H  N N 268 
PHE HE1  H  N N 269 
PHE HE2  H  N N 270 
PHE HZ   H  N N 271 
PHE HXT  H  N N 272 
PRO N    N  N N 273 
PRO CA   C  N S 274 
PRO C    C  N N 275 
PRO O    O  N N 276 
PRO CB   C  N N 277 
PRO CG   C  N N 278 
PRO CD   C  N N 279 
PRO OXT  O  N N 280 
PRO H    H  N N 281 
PRO HA   H  N N 282 
PRO HB2  H  N N 283 
PRO HB3  H  N N 284 
PRO HG2  H  N N 285 
PRO HG3  H  N N 286 
PRO HD2  H  N N 287 
PRO HD3  H  N N 288 
PRO HXT  H  N N 289 
SCN S    S  N N 290 
SCN C    C  N N 291 
SCN N    N  N N 292 
SER N    N  N N 293 
SER CA   C  N S 294 
SER C    C  N N 295 
SER O    O  N N 296 
SER CB   C  N N 297 
SER OG   O  N N 298 
SER OXT  O  N N 299 
SER H    H  N N 300 
SER H2   H  N N 301 
SER HA   H  N N 302 
SER HB2  H  N N 303 
SER HB3  H  N N 304 
SER HG   H  N N 305 
SER HXT  H  N N 306 
THR N    N  N N 307 
THR CA   C  N S 308 
THR C    C  N N 309 
THR O    O  N N 310 
THR CB   C  N R 311 
THR OG1  O  N N 312 
THR CG2  C  N N 313 
THR OXT  O  N N 314 
THR H    H  N N 315 
THR H2   H  N N 316 
THR HA   H  N N 317 
THR HB   H  N N 318 
THR HG1  H  N N 319 
THR HG21 H  N N 320 
THR HG22 H  N N 321 
THR HG23 H  N N 322 
THR HXT  H  N N 323 
TRP N    N  N N 324 
TRP CA   C  N S 325 
TRP C    C  N N 326 
TRP O    O  N N 327 
TRP CB   C  N N 328 
TRP CG   C  Y N 329 
TRP CD1  C  Y N 330 
TRP CD2  C  Y N 331 
TRP NE1  N  Y N 332 
TRP CE2  C  Y N 333 
TRP CE3  C  Y N 334 
TRP CZ2  C  Y N 335 
TRP CZ3  C  Y N 336 
TRP CH2  C  Y N 337 
TRP OXT  O  N N 338 
TRP H    H  N N 339 
TRP H2   H  N N 340 
TRP HA   H  N N 341 
TRP HB2  H  N N 342 
TRP HB3  H  N N 343 
TRP HD1  H  N N 344 
TRP HE1  H  N N 345 
TRP HE3  H  N N 346 
TRP HZ2  H  N N 347 
TRP HZ3  H  N N 348 
TRP HH2  H  N N 349 
TRP HXT  H  N N 350 
TYR N    N  N N 351 
TYR CA   C  N S 352 
TYR C    C  N N 353 
TYR O    O  N N 354 
TYR CB   C  N N 355 
TYR CG   C  Y N 356 
TYR CD1  C  Y N 357 
TYR CD2  C  Y N 358 
TYR CE1  C  Y N 359 
TYR CE2  C  Y N 360 
TYR CZ   C  Y N 361 
TYR OH   O  N N 362 
TYR OXT  O  N N 363 
TYR H    H  N N 364 
TYR H2   H  N N 365 
TYR HA   H  N N 366 
TYR HB2  H  N N 367 
TYR HB3  H  N N 368 
TYR HD1  H  N N 369 
TYR HD2  H  N N 370 
TYR HE1  H  N N 371 
TYR HE2  H  N N 372 
TYR HH   H  N N 373 
TYR HXT  H  N N 374 
VAL N    N  N N 375 
VAL CA   C  N S 376 
VAL C    C  N N 377 
VAL O    O  N N 378 
VAL CB   C  N N 379 
VAL CG1  C  N N 380 
VAL CG2  C  N N 381 
VAL OXT  O  N N 382 
VAL H    H  N N 383 
VAL H2   H  N N 384 
VAL HA   H  N N 385 
VAL HB   H  N N 386 
VAL HG11 H  N N 387 
VAL HG12 H  N N 388 
VAL HG13 H  N N 389 
VAL HG21 H  N N 390 
VAL HG22 H  N N 391 
VAL HG23 H  N N 392 
VAL HXT  H  N N 393 
# 
loop_
_chem_comp_bond.comp_id 
_chem_comp_bond.atom_id_1 
_chem_comp_bond.atom_id_2 
_chem_comp_bond.value_order 
_chem_comp_bond.pdbx_aromatic_flag 
_chem_comp_bond.pdbx_stereo_config 
_chem_comp_bond.pdbx_ordinal 
ALA N   CA   sing N N 1   
ALA N   H    sing N N 2   
ALA N   H2   sing N N 3   
ALA CA  C    sing N N 4   
ALA CA  CB   sing N N 5   
ALA CA  HA   sing N N 6   
ALA C   O    doub N N 7   
ALA C   OXT  sing N N 8   
ALA CB  HB1  sing N N 9   
ALA CB  HB2  sing N N 10  
ALA CB  HB3  sing N N 11  
ALA OXT HXT  sing N N 12  
ARG N   CA   sing N N 13  
ARG N   H    sing N N 14  
ARG N   H2   sing N N 15  
ARG CA  C    sing N N 16  
ARG CA  CB   sing N N 17  
ARG CA  HA   sing N N 18  
ARG C   O    doub N N 19  
ARG C   OXT  sing N N 20  
ARG CB  CG   sing N N 21  
ARG CB  HB2  sing N N 22  
ARG CB  HB3  sing N N 23  
ARG CG  CD   sing N N 24  
ARG CG  HG2  sing N N 25  
ARG CG  HG3  sing N N 26  
ARG CD  NE   sing N N 27  
ARG CD  HD2  sing N N 28  
ARG CD  HD3  sing N N 29  
ARG NE  CZ   sing N N 30  
ARG NE  HE   sing N N 31  
ARG CZ  NH1  sing N N 32  
ARG CZ  NH2  doub N N 33  
ARG NH1 HH11 sing N N 34  
ARG NH1 HH12 sing N N 35  
ARG NH2 HH21 sing N N 36  
ARG NH2 HH22 sing N N 37  
ARG OXT HXT  sing N N 38  
ASN N   CA   sing N N 39  
ASN N   H    sing N N 40  
ASN N   H2   sing N N 41  
ASN CA  C    sing N N 42  
ASN CA  CB   sing N N 43  
ASN CA  HA   sing N N 44  
ASN C   O    doub N N 45  
ASN C   OXT  sing N N 46  
ASN CB  CG   sing N N 47  
ASN CB  HB2  sing N N 48  
ASN CB  HB3  sing N N 49  
ASN CG  OD1  doub N N 50  
ASN CG  ND2  sing N N 51  
ASN ND2 HD21 sing N N 52  
ASN ND2 HD22 sing N N 53  
ASN OXT HXT  sing N N 54  
ASP N   CA   sing N N 55  
ASP N   H    sing N N 56  
ASP N   H2   sing N N 57  
ASP CA  C    sing N N 58  
ASP CA  CB   sing N N 59  
ASP CA  HA   sing N N 60  
ASP C   O    doub N N 61  
ASP C   OXT  sing N N 62  
ASP CB  CG   sing N N 63  
ASP CB  HB2  sing N N 64  
ASP CB  HB3  sing N N 65  
ASP CG  OD1  doub N N 66  
ASP CG  OD2  sing N N 67  
ASP OD2 HD2  sing N N 68  
ASP OXT HXT  sing N N 69  
CYS N   CA   sing N N 70  
CYS N   H    sing N N 71  
CYS N   H2   sing N N 72  
CYS CA  C    sing N N 73  
CYS CA  CB   sing N N 74  
CYS CA  HA   sing N N 75  
CYS C   O    doub N N 76  
CYS C   OXT  sing N N 77  
CYS CB  SG   sing N N 78  
CYS CB  HB2  sing N N 79  
CYS CB  HB3  sing N N 80  
CYS SG  HG   sing N N 81  
CYS OXT HXT  sing N N 82  
GLN N   CA   sing N N 83  
GLN N   H    sing N N 84  
GLN N   H2   sing N N 85  
GLN CA  C    sing N N 86  
GLN CA  CB   sing N N 87  
GLN CA  HA   sing N N 88  
GLN C   O    doub N N 89  
GLN C   OXT  sing N N 90  
GLN CB  CG   sing N N 91  
GLN CB  HB2  sing N N 92  
GLN CB  HB3  sing N N 93  
GLN CG  CD   sing N N 94  
GLN CG  HG2  sing N N 95  
GLN CG  HG3  sing N N 96  
GLN CD  OE1  doub N N 97  
GLN CD  NE2  sing N N 98  
GLN NE2 HE21 sing N N 99  
GLN NE2 HE22 sing N N 100 
GLN OXT HXT  sing N N 101 
GLU N   CA   sing N N 102 
GLU N   H    sing N N 103 
GLU N   H2   sing N N 104 
GLU CA  C    sing N N 105 
GLU CA  CB   sing N N 106 
GLU CA  HA   sing N N 107 
GLU C   O    doub N N 108 
GLU C   OXT  sing N N 109 
GLU CB  CG   sing N N 110 
GLU CB  HB2  sing N N 111 
GLU CB  HB3  sing N N 112 
GLU CG  CD   sing N N 113 
GLU CG  HG2  sing N N 114 
GLU CG  HG3  sing N N 115 
GLU CD  OE1  doub N N 116 
GLU CD  OE2  sing N N 117 
GLU OE2 HE2  sing N N 118 
GLU OXT HXT  sing N N 119 
GLY N   CA   sing N N 120 
GLY N   H    sing N N 121 
GLY N   H2   sing N N 122 
GLY CA  C    sing N N 123 
GLY CA  HA2  sing N N 124 
GLY CA  HA3  sing N N 125 
GLY C   O    doub N N 126 
GLY C   OXT  sing N N 127 
GLY OXT HXT  sing N N 128 
HIS N   CA   sing N N 129 
HIS N   H    sing N N 130 
HIS N   H2   sing N N 131 
HIS CA  C    sing N N 132 
HIS CA  CB   sing N N 133 
HIS CA  HA   sing N N 134 
HIS C   O    doub N N 135 
HIS C   OXT  sing N N 136 
HIS CB  CG   sing N N 137 
HIS CB  HB2  sing N N 138 
HIS CB  HB3  sing N N 139 
HIS CG  ND1  sing Y N 140 
HIS CG  CD2  doub Y N 141 
HIS ND1 CE1  doub Y N 142 
HIS ND1 HD1  sing N N 143 
HIS CD2 NE2  sing Y N 144 
HIS CD2 HD2  sing N N 145 
HIS CE1 NE2  sing Y N 146 
HIS CE1 HE1  sing N N 147 
HIS NE2 HE2  sing N N 148 
HIS OXT HXT  sing N N 149 
HOH O   H1   sing N N 150 
HOH O   H2   sing N N 151 
ILE N   CA   sing N N 152 
ILE N   H    sing N N 153 
ILE N   H2   sing N N 154 
ILE CA  C    sing N N 155 
ILE CA  CB   sing N N 156 
ILE CA  HA   sing N N 157 
ILE C   O    doub N N 158 
ILE C   OXT  sing N N 159 
ILE CB  CG1  sing N N 160 
ILE CB  CG2  sing N N 161 
ILE CB  HB   sing N N 162 
ILE CG1 CD1  sing N N 163 
ILE CG1 HG12 sing N N 164 
ILE CG1 HG13 sing N N 165 
ILE CG2 HG21 sing N N 166 
ILE CG2 HG22 sing N N 167 
ILE CG2 HG23 sing N N 168 
ILE CD1 HD11 sing N N 169 
ILE CD1 HD12 sing N N 170 
ILE CD1 HD13 sing N N 171 
ILE OXT HXT  sing N N 172 
LEU N   CA   sing N N 173 
LEU N   H    sing N N 174 
LEU N   H2   sing N N 175 
LEU CA  C    sing N N 176 
LEU CA  CB   sing N N 177 
LEU CA  HA   sing N N 178 
LEU C   O    doub N N 179 
LEU C   OXT  sing N N 180 
LEU CB  CG   sing N N 181 
LEU CB  HB2  sing N N 182 
LEU CB  HB3  sing N N 183 
LEU CG  CD1  sing N N 184 
LEU CG  CD2  sing N N 185 
LEU CG  HG   sing N N 186 
LEU CD1 HD11 sing N N 187 
LEU CD1 HD12 sing N N 188 
LEU CD1 HD13 sing N N 189 
LEU CD2 HD21 sing N N 190 
LEU CD2 HD22 sing N N 191 
LEU CD2 HD23 sing N N 192 
LEU OXT HXT  sing N N 193 
LYS N   CA   sing N N 194 
LYS N   H    sing N N 195 
LYS N   H2   sing N N 196 
LYS CA  C    sing N N 197 
LYS CA  CB   sing N N 198 
LYS CA  HA   sing N N 199 
LYS C   O    doub N N 200 
LYS C   OXT  sing N N 201 
LYS CB  CG   sing N N 202 
LYS CB  HB2  sing N N 203 
LYS CB  HB3  sing N N 204 
LYS CG  CD   sing N N 205 
LYS CG  HG2  sing N N 206 
LYS CG  HG3  sing N N 207 
LYS CD  CE   sing N N 208 
LYS CD  HD2  sing N N 209 
LYS CD  HD3  sing N N 210 
LYS CE  NZ   sing N N 211 
LYS CE  HE2  sing N N 212 
LYS CE  HE3  sing N N 213 
LYS NZ  HZ1  sing N N 214 
LYS NZ  HZ2  sing N N 215 
LYS NZ  HZ3  sing N N 216 
LYS OXT HXT  sing N N 217 
MSE N   CA   sing N N 218 
MSE N   H    sing N N 219 
MSE N   H2   sing N N 220 
MSE CA  C    sing N N 221 
MSE CA  CB   sing N N 222 
MSE CA  HA   sing N N 223 
MSE C   O    doub N N 224 
MSE C   OXT  sing N N 225 
MSE OXT HXT  sing N N 226 
MSE CB  CG   sing N N 227 
MSE CB  HB2  sing N N 228 
MSE CB  HB3  sing N N 229 
MSE CG  SE   sing N N 230 
MSE CG  HG2  sing N N 231 
MSE CG  HG3  sing N N 232 
MSE SE  CE   sing N N 233 
MSE CE  HE1  sing N N 234 
MSE CE  HE2  sing N N 235 
MSE CE  HE3  sing N N 236 
PHE N   CA   sing N N 237 
PHE N   H    sing N N 238 
PHE N   H2   sing N N 239 
PHE CA  C    sing N N 240 
PHE CA  CB   sing N N 241 
PHE CA  HA   sing N N 242 
PHE C   O    doub N N 243 
PHE C   OXT  sing N N 244 
PHE CB  CG   sing N N 245 
PHE CB  HB2  sing N N 246 
PHE CB  HB3  sing N N 247 
PHE CG  CD1  doub Y N 248 
PHE CG  CD2  sing Y N 249 
PHE CD1 CE1  sing Y N 250 
PHE CD1 HD1  sing N N 251 
PHE CD2 CE2  doub Y N 252 
PHE CD2 HD2  sing N N 253 
PHE CE1 CZ   doub Y N 254 
PHE CE1 HE1  sing N N 255 
PHE CE2 CZ   sing Y N 256 
PHE CE2 HE2  sing N N 257 
PHE CZ  HZ   sing N N 258 
PHE OXT HXT  sing N N 259 
PRO N   CA   sing N N 260 
PRO N   CD   sing N N 261 
PRO N   H    sing N N 262 
PRO CA  C    sing N N 263 
PRO CA  CB   sing N N 264 
PRO CA  HA   sing N N 265 
PRO C   O    doub N N 266 
PRO C   OXT  sing N N 267 
PRO CB  CG   sing N N 268 
PRO CB  HB2  sing N N 269 
PRO CB  HB3  sing N N 270 
PRO CG  CD   sing N N 271 
PRO CG  HG2  sing N N 272 
PRO CG  HG3  sing N N 273 
PRO CD  HD2  sing N N 274 
PRO CD  HD3  sing N N 275 
PRO OXT HXT  sing N N 276 
SCN S   C    sing N N 277 
SCN C   N    trip N N 278 
SER N   CA   sing N N 279 
SER N   H    sing N N 280 
SER N   H2   sing N N 281 
SER CA  C    sing N N 282 
SER CA  CB   sing N N 283 
SER CA  HA   sing N N 284 
SER C   O    doub N N 285 
SER C   OXT  sing N N 286 
SER CB  OG   sing N N 287 
SER CB  HB2  sing N N 288 
SER CB  HB3  sing N N 289 
SER OG  HG   sing N N 290 
SER OXT HXT  sing N N 291 
THR N   CA   sing N N 292 
THR N   H    sing N N 293 
THR N   H2   sing N N 294 
THR CA  C    sing N N 295 
THR CA  CB   sing N N 296 
THR CA  HA   sing N N 297 
THR C   O    doub N N 298 
THR C   OXT  sing N N 299 
THR CB  OG1  sing N N 300 
THR CB  CG2  sing N N 301 
THR CB  HB   sing N N 302 
THR OG1 HG1  sing N N 303 
THR CG2 HG21 sing N N 304 
THR CG2 HG22 sing N N 305 
THR CG2 HG23 sing N N 306 
THR OXT HXT  sing N N 307 
TRP N   CA   sing N N 308 
TRP N   H    sing N N 309 
TRP N   H2   sing N N 310 
TRP CA  C    sing N N 311 
TRP CA  CB   sing N N 312 
TRP CA  HA   sing N N 313 
TRP C   O    doub N N 314 
TRP C   OXT  sing N N 315 
TRP CB  CG   sing N N 316 
TRP CB  HB2  sing N N 317 
TRP CB  HB3  sing N N 318 
TRP CG  CD1  doub Y N 319 
TRP CG  CD2  sing Y N 320 
TRP CD1 NE1  sing Y N 321 
TRP CD1 HD1  sing N N 322 
TRP CD2 CE2  doub Y N 323 
TRP CD2 CE3  sing Y N 324 
TRP NE1 CE2  sing Y N 325 
TRP NE1 HE1  sing N N 326 
TRP CE2 CZ2  sing Y N 327 
TRP CE3 CZ3  doub Y N 328 
TRP CE3 HE3  sing N N 329 
TRP CZ2 CH2  doub Y N 330 
TRP CZ2 HZ2  sing N N 331 
TRP CZ3 CH2  sing Y N 332 
TRP CZ3 HZ3  sing N N 333 
TRP CH2 HH2  sing N N 334 
TRP OXT HXT  sing N N 335 
TYR N   CA   sing N N 336 
TYR N   H    sing N N 337 
TYR N   H2   sing N N 338 
TYR CA  C    sing N N 339 
TYR CA  CB   sing N N 340 
TYR CA  HA   sing N N 341 
TYR C   O    doub N N 342 
TYR C   OXT  sing N N 343 
TYR CB  CG   sing N N 344 
TYR CB  HB2  sing N N 345 
TYR CB  HB3  sing N N 346 
TYR CG  CD1  doub Y N 347 
TYR CG  CD2  sing Y N 348 
TYR CD1 CE1  sing Y N 349 
TYR CD1 HD1  sing N N 350 
TYR CD2 CE2  doub Y N 351 
TYR CD2 HD2  sing N N 352 
TYR CE1 CZ   doub Y N 353 
TYR CE1 HE1  sing N N 354 
TYR CE2 CZ   sing Y N 355 
TYR CE2 HE2  sing N N 356 
TYR CZ  OH   sing N N 357 
TYR OH  HH   sing N N 358 
TYR OXT HXT  sing N N 359 
VAL N   CA   sing N N 360 
VAL N   H    sing N N 361 
VAL N   H2   sing N N 362 
VAL CA  C    sing N N 363 
VAL CA  CB   sing N N 364 
VAL CA  HA   sing N N 365 
VAL C   O    doub N N 366 
VAL C   OXT  sing N N 367 
VAL CB  CG1  sing N N 368 
VAL CB  CG2  sing N N 369 
VAL CB  HB   sing N N 370 
VAL CG1 HG11 sing N N 371 
VAL CG1 HG12 sing N N 372 
VAL CG1 HG13 sing N N 373 
VAL CG2 HG21 sing N N 374 
VAL CG2 HG22 sing N N 375 
VAL CG2 HG23 sing N N 376 
VAL OXT HXT  sing N N 377 
# 
_atom_sites.entry_id                    3EGR 
_atom_sites.fract_transf_matrix[1][1]   -0.00324331 
_atom_sites.fract_transf_matrix[1][2]   -0.00836892 
_atom_sites.fract_transf_matrix[1][3]   0.00852956 
_atom_sites.fract_transf_matrix[2][1]   -0.00482444 
_atom_sites.fract_transf_matrix[2][2]   0.00370259 
_atom_sites.fract_transf_matrix[2][3]   0.01078562 
_atom_sites.fract_transf_matrix[3][1]   -0.00800145 
_atom_sites.fract_transf_matrix[3][2]   -0.00040513 
_atom_sites.fract_transf_matrix[3][3]   -0.00344000 
_atom_sites.fract_transf_vector[1]      0.509175 
_atom_sites.fract_transf_vector[2]      0.135354 
_atom_sites.fract_transf_vector[3]      0.122723 
# 
loop_
_atom_type.symbol 
C  
N  
O  
S  
SE 
# 
loop_
_atom_site.group_PDB 
_atom_site.id 
_atom_site.type_symbol 
_atom_site.label_atom_id 
_atom_site.label_alt_id 
_atom_site.label_comp_id 
_atom_site.label_asym_id 
_atom_site.label_entity_id 
_atom_site.label_seq_id 
_atom_site.pdbx_PDB_ins_code 
_atom_site.Cartn_x 
_atom_site.Cartn_y 
_atom_site.Cartn_z 
_atom_site.occupancy 
_atom_site.B_iso_or_equiv 
_atom_site.pdbx_formal_charge 
_atom_site.auth_seq_id 
_atom_site.auth_comp_id 
_atom_site.auth_asym_id 
_atom_site.auth_atom_id 
_atom_site.pdbx_PDB_model_num 
ATOM   1    N  N   . GLN A 1 4  ? 22.883  14.853  10.308  1.00 49.60 ? 3   GLN A N   1 
ATOM   2    C  CA  . GLN A 1 4  ? 22.674  13.614  9.511   1.00 49.29 ? 3   GLN A CA  1 
ATOM   3    C  C   . GLN A 1 4  ? 21.188  13.173  9.501   1.00 45.07 ? 3   GLN A C   1 
ATOM   4    O  O   . GLN A 1 4  ? 20.620  12.826  10.542  1.00 45.25 ? 3   GLN A O   1 
ATOM   5    C  CB  . GLN A 1 4  ? 23.563  12.505  10.074  1.00 52.91 ? 3   GLN A CB  1 
ATOM   6    C  CG  . GLN A 1 4  ? 23.826  11.347  9.098   1.00 55.48 ? 3   GLN A CG  1 
ATOM   7    C  CD  . GLN A 1 4  ? 23.644  9.987   9.764   1.00 57.25 ? 3   GLN A CD  1 
ATOM   8    O  OE1 . GLN A 1 4  ? 22.520  9.617   10.135  1.00 58.16 ? 3   GLN A OE1 1 
ATOM   9    N  NE2 . GLN A 1 4  ? 24.745  9.243   9.933   1.00 56.33 ? 3   GLN A NE2 1 
ATOM   10   N  N   . LYS A 1 5  ? 20.581  13.166  8.314   1.00 38.25 ? 4   LYS A N   1 
ATOM   11   C  CA  . LYS A 1 5  ? 19.144  12.969  8.168   1.00 34.97 ? 4   LYS A CA  1 
ATOM   12   C  C   . LYS A 1 5  ? 18.661  11.560  8.573   1.00 31.65 ? 4   LYS A C   1 
ATOM   13   O  O   . LYS A 1 5  ? 19.465  10.639  8.712   1.00 31.23 ? 4   LYS A O   1 
ATOM   14   C  CB  . LYS A 1 5  ? 18.714  13.258  6.719   1.00 35.48 ? 4   LYS A CB  1 
ATOM   15   C  CG  . LYS A 1 5  ? 18.935  14.697  6.216   1.00 35.59 ? 4   LYS A CG  1 
ATOM   16   C  CD  . LYS A 1 5  ? 17.864  15.100  5.152   1.00 36.30 ? 4   LYS A CD  1 
ATOM   17   C  CE  . LYS A 1 5  ? 18.253  16.359  4.334   1.00 34.67 ? 4   LYS A CE  1 
ATOM   18   N  N   . GLU A 1 6  ? 17.343  11.428  8.779   1.00 26.97 ? 5   GLU A N   1 
ATOM   19   C  CA  . GLU A 1 6  ? 16.677  10.137  8.998   1.00 23.68 ? 5   GLU A CA  1 
ATOM   20   C  C   . GLU A 1 6  ? 16.307  9.538   7.663   1.00 21.93 ? 5   GLU A C   1 
ATOM   21   O  O   . GLU A 1 6  ? 15.932  10.259  6.755   1.00 21.11 ? 5   GLU A O   1 
ATOM   22   C  CB  . GLU A 1 6  ? 15.381  10.298  9.798   1.00 23.02 ? 5   GLU A CB  1 
ATOM   23   C  CG  . GLU A 1 6  ? 15.555  10.895  11.189  1.00 22.43 ? 5   GLU A CG  1 
ATOM   24   C  CD  . GLU A 1 6  ? 16.062  9.897   12.217  1.00 21.16 ? 5   GLU A CD  1 
ATOM   25   O  OE1 . GLU A 1 6  ? 15.698  8.704   12.123  1.00 17.48 ? 5   GLU A OE1 1 
ATOM   26   O  OE2 . GLU A 1 6  ? 16.818  10.319  13.125  1.00 21.88 ? 5   GLU A OE2 1 
ATOM   27   N  N   . TRP A 1 7  ? 16.395  8.215   7.561   1.00 21.81 ? 6   TRP A N   1 
ATOM   28   C  CA  . TRP A 1 7  ? 16.099  7.491   6.332   1.00 22.16 ? 6   TRP A CA  1 
ATOM   29   C  C   . TRP A 1 7  ? 15.123  6.363   6.632   1.00 24.19 ? 6   TRP A C   1 
ATOM   30   O  O   . TRP A 1 7  ? 15.476  5.181   6.561   1.00 25.31 ? 6   TRP A O   1 
ATOM   31   C  CB  . TRP A 1 7  ? 17.367  6.889   5.743   1.00 21.35 ? 6   TRP A CB  1 
ATOM   32   C  CG  . TRP A 1 7  ? 18.272  7.874   5.104   1.00 20.91 ? 6   TRP A CG  1 
ATOM   33   C  CD1 . TRP A 1 7  ? 19.031  8.809   5.731   1.00 18.89 ? 6   TRP A CD1 1 
ATOM   34   C  CD2 . TRP A 1 7  ? 18.533  8.015   3.704   1.00 21.23 ? 6   TRP A CD2 1 
ATOM   35   N  NE1 . TRP A 1 7  ? 19.729  9.534   4.816   1.00 18.75 ? 6   TRP A NE1 1 
ATOM   36   C  CE2 . TRP A 1 7  ? 19.458  9.062   3.562   1.00 19.77 ? 6   TRP A CE2 1 
ATOM   37   C  CE3 . TRP A 1 7  ? 18.084  7.343   2.556   1.00 21.95 ? 6   TRP A CE3 1 
ATOM   38   C  CZ2 . TRP A 1 7  ? 19.952  9.462   2.320   1.00 20.31 ? 6   TRP A CZ2 1 
ATOM   39   C  CZ3 . TRP A 1 7  ? 18.564  7.742   1.321   1.00 21.01 ? 6   TRP A CZ3 1 
ATOM   40   C  CH2 . TRP A 1 7  ? 19.494  8.794   1.212   1.00 21.28 ? 6   TRP A CH2 1 
ATOM   41   N  N   . PRO A 1 8  ? 13.880  6.721   6.960   1.00 23.73 ? 7   PRO A N   1 
ATOM   42   C  CA  . PRO A 1 8  ? 12.900  5.708   7.306   1.00 23.64 ? 7   PRO A CA  1 
ATOM   43   C  C   . PRO A 1 8  ? 12.547  4.782   6.132   1.00 23.84 ? 7   PRO A C   1 
ATOM   44   O  O   . PRO A 1 8  ? 12.904  5.063   4.971   1.00 22.84 ? 7   PRO A O   1 
ATOM   45   C  CB  . PRO A 1 8  ? 11.687  6.542   7.729   1.00 23.76 ? 7   PRO A CB  1 
ATOM   46   C  CG  . PRO A 1 8  ? 11.855  7.832   7.020   1.00 23.75 ? 7   PRO A CG  1 
ATOM   47   C  CD  . PRO A 1 8  ? 13.316  8.081   7.014   1.00 23.39 ? 7   PRO A CD  1 
ATOM   48   N  N   . LEU A 1 9  ? 11.856  3.689   6.467   1.00 22.36 ? 8   LEU A N   1 
ATOM   49   C  CA  . LEU A 1 9  ? 11.458  2.661   5.511   1.00 21.44 ? 8   LEU A CA  1 
ATOM   50   C  C   . LEU A 1 9  ? 10.136  3.040   4.849   1.00 22.30 ? 8   LEU A C   1 
ATOM   51   O  O   . LEU A 1 9  ? 9.232   3.557   5.508   1.00 24.87 ? 8   LEU A O   1 
ATOM   52   C  CB  . LEU A 1 9  ? 11.325  1.300   6.215   1.00 18.97 ? 8   LEU A CB  1 
ATOM   53   C  CG  . LEU A 1 9  ? 11.092  0.091   5.289   1.00 18.85 ? 8   LEU A CG  1 
ATOM   54   C  CD1 . LEU A 1 9  ? 12.414  -0.240  4.530   1.00 16.54 ? 8   LEU A CD1 1 
ATOM   55   C  CD2 . LEU A 1 9  ? 10.567  -1.107  6.068   1.00 11.83 ? 8   LEU A CD2 1 
ATOM   56   N  N   . TRP A 1 10 ? 10.048  2.794   3.541   1.00 22.88 ? 9   TRP A N   1 
ATOM   57   C  CA  . TRP A 1 10 ? 8.855   3.076   2.726   1.00 21.34 ? 9   TRP A CA  1 
ATOM   58   C  C   . TRP A 1 10 ? 8.461   1.816   1.995   1.00 21.83 ? 9   TRP A C   1 
ATOM   59   O  O   . TRP A 1 10 ? 9.321   1.060   1.543   1.00 22.65 ? 9   TRP A O   1 
ATOM   60   C  CB  . TRP A 1 10 ? 9.136   4.178   1.696   1.00 21.53 ? 9   TRP A CB  1 
ATOM   61   C  CG  . TRP A 1 10 ? 9.595   5.463   2.340   1.00 22.54 ? 9   TRP A CG  1 
ATOM   62   C  CD1 . TRP A 1 10 ? 10.830  5.706   2.848   1.00 23.66 ? 9   TRP A CD1 1 
ATOM   63   C  CD2 . TRP A 1 10 ? 8.824   6.654   2.569   1.00 21.52 ? 9   TRP A CD2 1 
ATOM   64   N  NE1 . TRP A 1 10 ? 10.879  6.961   3.379   1.00 24.52 ? 9   TRP A NE1 1 
ATOM   65   C  CE2 . TRP A 1 10 ? 9.659   7.564   3.229   1.00 22.32 ? 9   TRP A CE2 1 
ATOM   66   C  CE3 . TRP A 1 10 ? 7.512   7.038   2.275   1.00 23.14 ? 9   TRP A CE3 1 
ATOM   67   C  CZ2 . TRP A 1 10 ? 9.231   8.842   3.609   1.00 21.17 ? 9   TRP A CZ2 1 
ATOM   68   C  CZ3 . TRP A 1 10 ? 7.084   8.321   2.663   1.00 22.60 ? 9   TRP A CZ3 1 
ATOM   69   C  CH2 . TRP A 1 10 ? 7.949   9.201   3.307   1.00 21.49 ? 9   TRP A CH2 1 
ATOM   70   N  N   . GLU A 1 11 ? 7.166   1.559   1.907   1.00 23.08 ? 10  GLU A N   1 
ATOM   71   C  CA  . GLU A 1 11 ? 6.689   0.490   1.051   1.00 24.33 ? 10  GLU A CA  1 
ATOM   72   C  C   . GLU A 1 11 ? 6.285   1.092   -0.288  1.00 25.14 ? 10  GLU A C   1 
ATOM   73   O  O   . GLU A 1 11 ? 5.725   2.200   -0.349  1.00 25.03 ? 10  GLU A O   1 
ATOM   74   C  CB  . GLU A 1 11 ? 5.519   -0.251  1.689   1.00 26.26 ? 10  GLU A CB  1 
ATOM   75   C  CG  . GLU A 1 11 ? 5.835   -0.902  3.034   1.00 25.92 ? 10  GLU A CG  1 
ATOM   76   C  CD  . GLU A 1 11 ? 7.009   -1.844  2.980   1.00 26.84 ? 10  GLU A CD  1 
ATOM   77   O  OE1 . GLU A 1 11 ? 7.256   -2.474  1.927   1.00 28.34 ? 10  GLU A OE1 1 
ATOM   78   O  OE2 . GLU A 1 11 ? 7.687   -1.972  4.010   1.00 28.30 ? 10  GLU A OE2 1 
ATOM   79   N  N   . VAL A 1 12 ? 6.585   0.355   -1.355  1.00 24.36 ? 11  VAL A N   1 
ATOM   80   C  CA  . VAL A 1 12 ? 6.375   0.822   -2.711  1.00 23.78 ? 11  VAL A CA  1 
ATOM   81   C  C   . VAL A 1 12 ? 5.332   -0.062  -3.395  1.00 24.68 ? 11  VAL A C   1 
ATOM   82   O  O   . VAL A 1 12 ? 5.451   -1.290  -3.401  1.00 26.19 ? 11  VAL A O   1 
ATOM   83   C  CB  . VAL A 1 12 ? 7.698   0.745   -3.502  1.00 22.48 ? 11  VAL A CB  1 
ATOM   84   C  CG1 . VAL A 1 12 ? 7.507   1.159   -4.961  1.00 20.67 ? 11  VAL A CG1 1 
ATOM   85   C  CG2 . VAL A 1 12 ? 8.750   1.599   -2.834  1.00 21.80 ? 11  VAL A CG2 1 
ATOM   86   N  N   . PHE A 1 13 ? 4.328   0.571   -3.992  1.00 24.95 ? 12  PHE A N   1 
ATOM   87   C  CA  . PHE A 1 13 ? 3.300   -0.127  -4.757  1.00 23.56 ? 12  PHE A CA  1 
ATOM   88   C  C   . PHE A 1 13 ? 3.276   0.480   -6.142  1.00 23.27 ? 12  PHE A C   1 
ATOM   89   O  O   . PHE A 1 13 ? 3.287   1.705   -6.267  1.00 22.46 ? 12  PHE A O   1 
ATOM   90   C  CB  . PHE A 1 13 ? 1.920   0.047   -4.111  1.00 23.65 ? 12  PHE A CB  1 
ATOM   91   C  CG  . PHE A 1 13 ? 1.875   -0.329  -2.652  1.00 23.99 ? 12  PHE A CG  1 
ATOM   92   C  CD1 . PHE A 1 13 ? 2.319   0.551   -1.680  1.00 24.40 ? 12  PHE A CD1 1 
ATOM   93   C  CD2 . PHE A 1 13 ? 1.384   -1.554  -2.250  1.00 24.72 ? 12  PHE A CD2 1 
ATOM   94   C  CE1 . PHE A 1 13 ? 2.281   0.210   -0.345  1.00 24.35 ? 12  PHE A CE1 1 
ATOM   95   C  CE2 . PHE A 1 13 ? 1.350   -1.897  -0.912  1.00 24.81 ? 12  PHE A CE2 1 
ATOM   96   C  CZ  . PHE A 1 13 ? 1.802   -1.014  0.035   1.00 24.57 ? 12  PHE A CZ  1 
ATOM   97   N  N   . VAL A 1 14 ? 3.224   -0.371  -7.172  1.00 23.06 ? 13  VAL A N   1 
ATOM   98   C  CA  . VAL A 1 14 ? 3.224   0.077   -8.565  1.00 22.70 ? 13  VAL A CA  1 
ATOM   99   C  C   . VAL A 1 14 ? 2.031   -0.481  -9.342  1.00 24.83 ? 13  VAL A C   1 
ATOM   100  O  O   . VAL A 1 14 ? 1.637   -1.631  -9.151  1.00 25.63 ? 13  VAL A O   1 
ATOM   101  C  CB  . VAL A 1 14 ? 4.499   -0.370  -9.286  1.00 21.50 ? 13  VAL A CB  1 
ATOM   102  C  CG1 . VAL A 1 14 ? 4.372   -0.111  -10.759 1.00 20.24 ? 13  VAL A CG1 1 
ATOM   103  C  CG2 . VAL A 1 14 ? 5.700   0.341   -8.722  1.00 19.61 ? 13  VAL A CG2 1 
ATOM   104  N  N   . ARG A 1 15 ? 1.453   0.339   -10.212 1.00 26.08 ? 14  ARG A N   1 
ATOM   105  C  CA  . ARG A 1 15 ? 0.469   -0.141  -11.165 1.00 26.63 ? 14  ARG A CA  1 
ATOM   106  C  C   . ARG A 1 15 ? 1.010   0.108   -12.545 1.00 26.53 ? 14  ARG A C   1 
ATOM   107  O  O   . ARG A 1 15 ? 1.199   1.252   -12.937 1.00 26.34 ? 14  ARG A O   1 
ATOM   108  C  CB  . ARG A 1 15 ? -0.853  0.587   -11.010 1.00 27.87 ? 14  ARG A CB  1 
ATOM   109  C  CG  . ARG A 1 15 ? -1.934  0.067   -11.932 1.00 28.66 ? 14  ARG A CG  1 
ATOM   110  C  CD  . ARG A 1 15 ? -3.181  0.891   -11.791 1.00 30.20 ? 14  ARG A CD  1 
ATOM   111  N  NE  . ARG A 1 15 ? -2.962  2.251   -12.277 1.00 31.41 ? 14  ARG A NE  1 
ATOM   112  C  CZ  . ARG A 1 15 ? -3.638  3.326   -11.870 1.00 32.78 ? 14  ARG A CZ  1 
ATOM   113  N  NH1 . ARG A 1 15 ? -4.612  3.241   -10.964 1.00 32.08 ? 14  ARG A NH1 1 
ATOM   114  N  NH2 . ARG A 1 15 ? -3.329  4.512   -12.385 1.00 33.88 ? 14  ARG A NH2 1 
ATOM   115  N  N   . SER A 1 16 ? 1.232   -0.971  -13.284 1.00 27.71 ? 15  SER A N   1 
ATOM   116  C  CA  . SER A 1 16 ? 1.851   -0.901  -14.593 1.00 28.05 ? 15  SER A CA  1 
ATOM   117  C  C   . SER A 1 16 ? 0.920   -0.257  -15.617 1.00 28.32 ? 15  SER A C   1 
ATOM   118  O  O   . SER A 1 16 ? -0.257  -0.027  -15.327 1.00 26.67 ? 15  SER A O   1 
ATOM   119  C  CB  . SER A 1 16 ? 2.234   -2.299  -15.034 1.00 27.28 ? 15  SER A CB  1 
ATOM   120  O  OG  . SER A 1 16 ? 1.070   -3.081  -15.136 1.00 27.43 ? 15  SER A OG  1 
ATOM   121  N  N   . LYS A 1 17 ? 1.463   0.028   -16.806 1.00 31.19 ? 16  LYS A N   1 
ATOM   122  C  CA  . LYS A 1 17 ? 0.738   0.747   -17.875 1.00 33.50 ? 16  LYS A CA  1 
ATOM   123  C  C   . LYS A 1 17 ? -0.616  0.109   -18.140 1.00 34.38 ? 16  LYS A C   1 
ATOM   124  O  O   . LYS A 1 17 ? -1.653  0.718   -17.875 1.00 34.91 ? 16  LYS A O   1 
ATOM   125  C  CB  . LYS A 1 17 ? 1.566   0.813   -19.173 1.00 34.00 ? 16  LYS A CB  1 
ATOM   126  C  CG  . LYS A 1 17 ? 0.842   1.469   -20.369 1.00 34.28 ? 16  LYS A CG  1 
ATOM   127  N  N   . GLN A 1 18 ? -0.602  -1.136  -18.611 1.00 35.33 ? 17  GLN A N   1 
ATOM   128  C  CA  . GLN A 1 18 ? -1.846  -1.867  -18.857 1.00 36.11 ? 17  GLN A CA  1 
ATOM   129  C  C   . GLN A 1 18 ? -2.441  -2.467  -17.557 1.00 36.56 ? 17  GLN A C   1 
ATOM   130  O  O   . GLN A 1 18 ? -3.487  -3.106  -17.599 1.00 38.00 ? 17  GLN A O   1 
ATOM   131  C  CB  . GLN A 1 18 ? -1.642  -2.945  -19.945 1.00 36.12 ? 17  GLN A CB  1 
ATOM   132  C  CG  . GLN A 1 18 ? -1.465  -2.405  -21.383 1.00 35.44 ? 17  GLN A CG  1 
ATOM   133  N  N   . GLY A 1 19 ? -1.800  -2.236  -16.408 1.00 36.69 ? 18  GLY A N   1 
ATOM   134  C  CA  . GLY A 1 19 ? -2.216  -2.832  -15.127 1.00 35.05 ? 18  GLY A CA  1 
ATOM   135  C  C   . GLY A 1 19 ? -3.471  -2.232  -14.508 1.00 34.17 ? 18  GLY A C   1 
ATOM   136  O  O   . GLY A 1 19 ? -3.744  -1.040  -14.659 1.00 32.93 ? 18  GLY A O   1 
ATOM   137  N  N   . LEU A 1 20 ? -4.222  -3.070  -13.792 1.00 33.71 ? 19  LEU A N   1 
ATOM   138  C  CA  . LEU A 1 20 ? -5.506  -2.684  -13.207 1.00 33.31 ? 19  LEU A CA  1 
ATOM   139  C  C   . LEU A 1 20 ? -5.370  -2.152  -11.784 1.00 32.86 ? 19  LEU A C   1 
ATOM   140  O  O   . LEU A 1 20 ? -6.043  -1.188  -11.425 1.00 34.15 ? 19  LEU A O   1 
ATOM   141  C  CB  . LEU A 1 20 ? -6.474  -3.869  -13.227 1.00 33.37 ? 19  LEU A CB  1 
ATOM   142  C  CG  . LEU A 1 20 ? -6.915  -4.341  -14.621 1.00 33.58 ? 19  LEU A CG  1 
ATOM   143  C  CD1 . LEU A 1 20 ? -7.537  -5.743  -14.562 1.00 33.55 ? 19  LEU A CD1 1 
ATOM   144  C  CD2 . LEU A 1 20 ? -7.889  -3.345  -15.271 1.00 33.38 ? 19  LEU A CD2 1 
ATOM   145  N  N   . GLU A 1 21 ? -4.516  -2.769  -10.969 1.00 30.95 ? 20  GLU A N   1 
ATOM   146  C  CA  . GLU A 1 21 ? -4.332  -2.324  -9.589  1.00 29.97 ? 20  GLU A CA  1 
ATOM   147  C  C   . GLU A 1 21 ? -2.862  -2.180  -9.171  1.00 28.34 ? 20  GLU A C   1 
ATOM   148  O  O   . GLU A 1 21 ? -1.959  -2.703  -9.812  1.00 27.13 ? 20  GLU A O   1 
ATOM   149  C  CB  . GLU A 1 21 ? -5.079  -3.249  -8.618  1.00 31.71 ? 20  GLU A CB  1 
ATOM   150  C  CG  . GLU A 1 21 ? -4.463  -4.633  -8.407  1.00 34.32 ? 20  GLU A CG  1 
ATOM   151  C  CD  . GLU A 1 21 ? -5.047  -5.714  -9.309  1.00 37.42 ? 20  GLU A CD  1 
ATOM   152  O  OE1 . GLU A 1 21 ? -6.295  -5.836  -9.417  1.00 38.33 ? 20  GLU A OE1 1 
ATOM   153  O  OE2 . GLU A 1 21 ? -4.244  -6.465  -9.898  1.00 39.84 ? 20  GLU A OE2 1 
ATOM   154  N  N   . HIS A 1 22 ? -2.635  -1.452  -8.084  1.00 26.96 ? 21  HIS A N   1 
ATOM   155  C  CA  . HIS A 1 22 ? -1.300  -1.280  -7.535  1.00 26.03 ? 21  HIS A CA  1 
ATOM   156  C  C   . HIS A 1 22 ? -0.892  -2.561  -6.795  1.00 26.17 ? 21  HIS A C   1 
ATOM   157  O  O   . HIS A 1 22 ? -1.662  -3.078  -5.993  1.00 26.85 ? 21  HIS A O   1 
ATOM   158  C  CB  . HIS A 1 22 ? -1.261  -0.068  -6.589  1.00 25.04 ? 21  HIS A CB  1 
ATOM   159  C  CG  . HIS A 1 22 ? -1.282  1.262   -7.291  1.00 24.79 ? 21  HIS A CG  1 
ATOM   160  N  ND1 . HIS A 1 22 ? -2.445  1.851   -7.741  1.00 24.26 ? 21  HIS A ND1 1 
ATOM   161  C  CD2 . HIS A 1 22 ? -0.280  2.127   -7.597  1.00 24.52 ? 21  HIS A CD2 1 
ATOM   162  C  CE1 . HIS A 1 22 ? -2.155  3.014   -8.306  1.00 24.51 ? 21  HIS A CE1 1 
ATOM   163  N  NE2 . HIS A 1 22 ? -0.849  3.207   -8.229  1.00 23.23 ? 21  HIS A NE2 1 
ATOM   164  N  N   . LYS A 1 23 ? 0.297   -3.081  -7.102  1.00 25.80 ? 22  LYS A N   1 
ATOM   165  C  CA  . LYS A 1 23 ? 0.845   -4.275  -6.453  1.00 26.18 ? 22  LYS A CA  1 
ATOM   166  C  C   . LYS A 1 23 ? 2.096   -3.857  -5.673  1.00 26.89 ? 22  LYS A C   1 
ATOM   167  O  O   . LYS A 1 23 ? 2.919   -3.073  -6.163  1.00 26.76 ? 22  LYS A O   1 
ATOM   168  C  CB  . LYS A 1 23 ? 1.221   -5.375  -7.476  1.00 26.21 ? 22  LYS A CB  1 
ATOM   169  C  CG  . LYS A 1 23 ? 0.086   -5.847  -8.423  1.00 28.27 ? 22  LYS A CG  1 
ATOM   170  C  CD  . LYS A 1 23 ? 0.493   -6.997  -9.392  1.00 27.05 ? 22  LYS A CD  1 
ATOM   171  N  N   . HIS A 1 24 ? 2.233   -4.378  -4.458  1.00 26.22 ? 23  HIS A N   1 
ATOM   172  C  CA  . HIS A 1 24 ? 3.422   -4.149  -3.647  1.00 25.41 ? 23  HIS A CA  1 
ATOM   173  C  C   . HIS A 1 24 ? 4.605   -4.806  -4.312  1.00 26.24 ? 23  HIS A C   1 
ATOM   174  O  O   . HIS A 1 24 ? 4.559   -5.995  -4.617  1.00 27.21 ? 23  HIS A O   1 
ATOM   175  C  CB  . HIS A 1 24 ? 3.237   -4.754  -2.264  1.00 24.25 ? 23  HIS A CB  1 
ATOM   176  C  CG  . HIS A 1 24 ? 4.389   -4.526  -1.342  1.00 24.14 ? 23  HIS A CG  1 
ATOM   177  N  ND1 . HIS A 1 24 ? 5.008   -5.552  -0.660  1.00 22.08 ? 23  HIS A ND1 1 
ATOM   178  C  CD2 . HIS A 1 24 ? 5.020   -3.387  -0.964  1.00 24.74 ? 23  HIS A CD2 1 
ATOM   179  C  CE1 . HIS A 1 24 ? 5.979   -5.054  0.086   1.00 22.07 ? 23  HIS A CE1 1 
ATOM   180  N  NE2 . HIS A 1 24 ? 6.005   -3.744  -0.074  1.00 22.77 ? 23  HIS A NE2 1 
ATOM   181  N  N   . CYS A 1 25 ? 5.667   -4.048  -4.536  1.00 26.39 ? 24  CYS A N   1 
ATOM   182  C  CA  . CYS A 1 25 ? 6.830   -4.592  -5.230  1.00 27.04 ? 24  CYS A CA  1 
ATOM   183  C  C   . CYS A 1 25 ? 8.130   -4.552  -4.414  1.00 26.13 ? 24  CYS A C   1 
ATOM   184  O  O   . CYS A 1 25 ? 9.142   -5.077  -4.853  1.00 26.23 ? 24  CYS A O   1 
ATOM   185  C  CB  . CYS A 1 25 ? 7.002   -3.893  -6.586  1.00 28.07 ? 24  CYS A CB  1 
ATOM   186  S  SG  . CYS A 1 25 ? 7.342   -2.150  -6.472  1.00 32.97 ? 24  CYS A SG  1 
ATOM   187  N  N   . GLY A 1 26 ? 8.096   -3.957  -3.221  1.00 26.53 ? 25  GLY A N   1 
ATOM   188  C  CA  . GLY A 1 26 ? 9.256   -3.946  -2.339  1.00 25.22 ? 25  GLY A CA  1 
ATOM   189  C  C   . GLY A 1 26 ? 9.280   -2.759  -1.409  1.00 26.06 ? 25  GLY A C   1 
ATOM   190  O  O   . GLY A 1 26 ? 8.263   -2.058  -1.250  1.00 26.23 ? 25  GLY A O   1 
ATOM   191  N  N   . SER A 1 27 ? 10.460  -2.538  -0.822  1.00 26.81 ? 26  SER A N   1 
ATOM   192  C  CA  . SER A 1 27 ? 10.705  -1.494  0.179   1.00 28.02 ? 26  SER A CA  1 
ATOM   193  C  C   . SER A 1 27 ? 11.928  -0.714  -0.197  1.00 27.19 ? 26  SER A C   1 
ATOM   194  O  O   . SER A 1 27 ? 12.736  -1.191  -0.981  1.00 29.12 ? 26  SER A O   1 
ATOM   195  C  CB  . SER A 1 27 ? 11.003  -2.122  1.532   1.00 29.93 ? 26  SER A CB  1 
ATOM   196  O  OG  . SER A 1 27 ? 9.914   -2.922  1.927   1.00 35.23 ? 26  SER A OG  1 
ATOM   197  N  N   . LEU A 1 28 ? 12.078  0.471   0.382   1.00 24.68 ? 27  LEU A N   1 
ATOM   198  C  CA  . LEU A 1 28 ? 13.327  1.197   0.308   1.00 23.26 ? 27  LEU A CA  1 
ATOM   199  C  C   . LEU A 1 28 ? 13.399  2.250   1.410   1.00 23.35 ? 27  LEU A C   1 
ATOM   200  O  O   . LEU A 1 28 ? 12.376  2.637   1.969   1.00 24.74 ? 27  LEU A O   1 
ATOM   201  C  CB  . LEU A 1 28 ? 13.519  1.821   -1.086  1.00 24.22 ? 27  LEU A CB  1 
ATOM   202  C  CG  . LEU A 1 28 ? 12.401  2.692   -1.656  1.00 25.22 ? 27  LEU A CG  1 
ATOM   203  C  CD1 . LEU A 1 28 ? 12.237  3.958   -0.825  1.00 22.58 ? 27  LEU A CD1 1 
ATOM   204  C  CD2 . LEU A 1 28 ? 12.680  3.021   -3.131  1.00 24.81 ? 27  LEU A CD2 1 
ATOM   205  N  N   . HIS A 1 29 ? 14.613  2.681   1.740   1.00 21.17 ? 28  HIS A N   1 
ATOM   206  C  CA  . HIS A 1 29 ? 14.813  3.747   2.710   1.00 21.03 ? 28  HIS A CA  1 
ATOM   207  C  C   . HIS A 1 29 ? 15.066  5.066   2.016   1.00 20.75 ? 28  HIS A C   1 
ATOM   208  O  O   . HIS A 1 29 ? 15.883  5.133   1.091   1.00 20.44 ? 28  HIS A O   1 
ATOM   209  C  CB  . HIS A 1 29 ? 15.995  3.437   3.619   1.00 22.05 ? 28  HIS A CB  1 
ATOM   210  C  CG  . HIS A 1 29 ? 15.782  2.246   4.498   1.00 21.18 ? 28  HIS A CG  1 
ATOM   211  N  ND1 . HIS A 1 29 ? 16.090  0.965   4.096   1.00 21.06 ? 28  HIS A ND1 1 
ATOM   212  C  CD2 . HIS A 1 29 ? 15.275  2.138   5.746   1.00 20.87 ? 28  HIS A CD2 1 
ATOM   213  C  CE1 . HIS A 1 29 ? 15.795  0.122   5.068   1.00 21.82 ? 28  HIS A CE1 1 
ATOM   214  N  NE2 . HIS A 1 29 ? 15.286  0.805   6.075   1.00 21.11 ? 28  HIS A NE2 1 
ATOM   215  N  N   . ALA A 1 30 ? 14.376  6.112   2.478   1.00 20.81 ? 29  ALA A N   1 
ATOM   216  C  CA  . ALA A 1 30 ? 14.466  7.448   1.860   1.00 19.93 ? 29  ALA A CA  1 
ATOM   217  C  C   . ALA A 1 30 ? 14.164  8.530   2.876   1.00 18.50 ? 29  ALA A C   1 
ATOM   218  O  O   . ALA A 1 30 ? 13.477  8.288   3.863   1.00 18.94 ? 29  ALA A O   1 
ATOM   219  C  CB  . ALA A 1 30 ? 13.519  7.564   0.670   1.00 19.44 ? 29  ALA A CB  1 
ATOM   220  N  N   . THR A 1 31 ? 14.679  9.729   2.644   1.00 18.74 ? 30  THR A N   1 
ATOM   221  C  CA  . THR A 1 31 ? 14.503  10.809  3.618   1.00 18.61 ? 30  THR A CA  1 
ATOM   222  C  C   . THR A 1 31 ? 13.098  11.406  3.569   1.00 19.63 ? 30  THR A C   1 
ATOM   223  O  O   . THR A 1 31 ? 12.650  11.925  4.549   1.00 21.15 ? 30  THR A O   1 
ATOM   224  C  CB  . THR A 1 31 ? 15.537  11.918  3.456   1.00 17.34 ? 30  THR A CB  1 
ATOM   225  O  OG1 . THR A 1 31 ? 15.375  12.515  2.170   1.00 16.77 ? 30  THR A OG1 1 
ATOM   226  C  CG2 . THR A 1 31 ? 16.973  11.372  3.627   1.00 15.34 ? 30  THR A CG2 1 
ATOM   227  N  N   . ASP A 1 32 ? 12.391  11.327  2.450   1.00 21.12 ? 31  ASP A N   1 
ATOM   228  C  CA  . ASP A 1 32 ? 11.008  11.808  2.416   1.00 20.46 ? 31  ASP A CA  1 
ATOM   229  C  C   . ASP A 1 32 ? 10.241  11.199  1.260   1.00 20.50 ? 31  ASP A C   1 
ATOM   230  O  O   . ASP A 1 32 ? 10.811  10.435  0.453   1.00 20.94 ? 31  ASP A O   1 
ATOM   231  C  CB  . ASP A 1 32 ? 10.973  13.333  2.339   1.00 21.61 ? 31  ASP A CB  1 
ATOM   232  C  CG  . ASP A 1 32 ? 11.817  13.877  1.229   1.00 23.59 ? 31  ASP A CG  1 
ATOM   233  O  OD1 . ASP A 1 32 ? 11.663  13.476  0.049   1.00 24.75 ? 31  ASP A OD1 1 
ATOM   234  O  OD2 . ASP A 1 32 ? 12.660  14.722  1.545   1.00 27.99 ? 31  ASP A OD2 1 
ATOM   235  N  N   . ALA A 1 33 ? 8.955   11.534  1.170   1.00 18.50 ? 32  ALA A N   1 
ATOM   236  C  CA  . ALA A 1 33 ? 8.084   10.877  0.209   1.00 19.25 ? 32  ALA A CA  1 
ATOM   237  C  C   . ALA A 1 33 ? 8.535   11.157  -1.229  1.00 19.85 ? 32  ALA A C   1 
ATOM   238  O  O   . ALA A 1 33 ? 8.478   10.279  -2.092  1.00 19.98 ? 32  ALA A O   1 
ATOM   239  C  CB  . ALA A 1 33 ? 6.626   11.272  0.422   1.00 16.09 ? 32  ALA A CB  1 
ATOM   240  N  N   . GLN A 1 34 ? 9.026   12.362  -1.480  1.00 20.93 ? 33  GLN A N   1 
ATOM   241  C  CA  . GLN A 1 34 ? 9.431   12.713  -2.839  1.00 20.96 ? 33  GLN A CA  1 
ATOM   242  C  C   . GLN A 1 34 ? 10.715  12.013  -3.254  1.00 20.23 ? 33  GLN A C   1 
ATOM   243  O  O   . GLN A 1 34 ? 10.850  11.621  -4.410  1.00 18.72 ? 33  GLN A O   1 
ATOM   244  C  CB  . GLN A 1 34 ? 9.516   14.221  -3.008  1.00 21.35 ? 33  GLN A CB  1 
ATOM   245  C  CG  . GLN A 1 34 ? 8.143   14.893  -2.954  1.00 24.06 ? 33  GLN A CG  1 
ATOM   246  C  CD  . GLN A 1 34 ? 7.188   14.422  -4.063  1.00 27.64 ? 33  GLN A CD  1 
ATOM   247  O  OE1 . GLN A 1 34 ? 7.536   14.428  -5.251  1.00 30.25 ? 33  GLN A OE1 1 
ATOM   248  N  NE2 . GLN A 1 34 ? 5.977   14.020  -3.676  1.00 29.29 ? 33  GLN A NE2 1 
ATOM   249  N  N   . GLN A 1 35 ? 11.639  11.829  -2.319  1.00 21.49 ? 34  GLN A N   1 
ATOM   250  C  CA  . GLN A 1 35 ? 12.855  11.074  -2.613  1.00 22.52 ? 34  GLN A CA  1 
ATOM   251  C  C   . GLN A 1 35 ? 12.521  9.594   -2.784  1.00 22.31 ? 34  GLN A C   1 
ATOM   252  O  O   . GLN A 1 35 ? 13.118  8.918   -3.635  1.00 23.90 ? 34  GLN A O   1 
ATOM   253  C  CB  . GLN A 1 35 ? 13.926  11.281  -1.540  1.00 23.98 ? 34  GLN A CB  1 
ATOM   254  C  CG  . GLN A 1 35 ? 15.226  10.568  -1.851  1.00 25.43 ? 34  GLN A CG  1 
ATOM   255  C  CD  . GLN A 1 35 ? 16.243  10.579  -0.720  1.00 27.26 ? 34  GLN A CD  1 
ATOM   256  O  OE1 . GLN A 1 35 ? 15.907  10.416  0.455   1.00 28.88 ? 34  GLN A OE1 1 
ATOM   257  N  NE2 . GLN A 1 35 ? 17.513  10.745  -1.081  1.00 29.06 ? 34  GLN A NE2 1 
ATOM   258  N  N   . ALA A 1 36 ? 11.564  9.094   -2.004  1.00 20.97 ? 35  ALA A N   1 
ATOM   259  C  CA  . ALA A 1 36 ? 11.130  7.699   -2.137  1.00 19.83 ? 35  ALA A CA  1 
ATOM   260  C  C   . ALA A 1 36 ? 10.518  7.445   -3.520  1.00 20.82 ? 35  ALA A C   1 
ATOM   261  O  O   . ALA A 1 36 ? 10.805  6.447   -4.175  1.00 21.54 ? 35  ALA A O   1 
ATOM   262  C  CB  . ALA A 1 36 ? 10.158  7.352   -1.048  1.00 18.23 ? 35  ALA A CB  1 
ATOM   263  N  N   . LEU A 1 37 ? 9.686   8.369   -3.973  1.00 22.82 ? 36  LEU A N   1 
ATOM   264  C  CA  . LEU A 1 37 ? 9.105   8.290   -5.322  1.00 22.92 ? 36  LEU A CA  1 
ATOM   265  C  C   . LEU A 1 37 ? 10.183  8.256   -6.394  1.00 21.72 ? 36  LEU A C   1 
ATOM   266  O  O   . LEU A 1 37 ? 10.190  7.376   -7.240  1.00 21.07 ? 36  LEU A O   1 
ATOM   267  C  CB  . LEU A 1 37 ? 8.191   9.494   -5.590  1.00 21.68 ? 36  LEU A CB  1 
ATOM   268  C  CG  . LEU A 1 37 ? 6.723   9.338   -5.251  1.00 21.00 ? 36  LEU A CG  1 
ATOM   269  C  CD1 . LEU A 1 37 ? 6.037   10.668  -5.489  1.00 19.87 ? 36  LEU A CD1 1 
ATOM   270  C  CD2 . LEU A 1 37 ? 6.098   8.212   -6.081  1.00 20.28 ? 36  LEU A CD2 1 
ATOM   271  N  N   . HIS A 1 38 ? 11.080  9.236   -6.344  1.00 22.18 ? 37  HIS A N   1 
ATOM   272  C  CA  . HIS A 1 38 ? 12.197  9.322   -7.278  1.00 23.60 ? 37  HIS A CA  1 
ATOM   273  C  C   . HIS A 1 38 ? 12.999  8.011   -7.302  1.00 22.98 ? 37  HIS A C   1 
ATOM   274  O  O   . HIS A 1 38 ? 13.271  7.476   -8.372  1.00 22.96 ? 37  HIS A O   1 
ATOM   275  C  CB  . HIS A 1 38 ? 13.083  10.523  -6.927  1.00 24.97 ? 37  HIS A CB  1 
ATOM   276  C  CG  . HIS A 1 38 ? 14.298  10.666  -7.797  1.00 30.01 ? 37  HIS A CG  1 
ATOM   277  N  ND1 . HIS A 1 38 ? 14.282  11.340  -9.004  1.00 31.28 ? 37  HIS A ND1 1 
ATOM   278  C  CD2 . HIS A 1 38 ? 15.576  10.241  -7.622  1.00 31.24 ? 37  HIS A CD2 1 
ATOM   279  C  CE1 . HIS A 1 38 ? 15.496  11.325  -9.530  1.00 31.07 ? 37  HIS A CE1 1 
ATOM   280  N  NE2 . HIS A 1 38 ? 16.298  10.662  -8.712  1.00 31.95 ? 37  HIS A NE2 1 
HETATM 281  N  N   . MSE A 1 39 ? 13.352  7.495   -6.123  1.00 23.02 ? 38  MSE A N   1 
HETATM 282  C  CA  . MSE A 1 39 ? 14.109  6.236   -6.018  1.00 22.15 ? 38  MSE A CA  1 
HETATM 283  C  C   . MSE A 1 39 ? 13.319  5.049   -6.561  1.00 20.67 ? 38  MSE A C   1 
HETATM 284  O  O   . MSE A 1 39 ? 13.883  4.202   -7.255  1.00 21.52 ? 38  MSE A O   1 
HETATM 285  C  CB  . MSE A 1 39 ? 14.508  5.927   -4.561  1.00 21.98 ? 38  MSE A CB  1 
HETATM 286  C  CG  . MSE A 1 39 ? 15.633  6.776   -4.009  1.00 22.17 ? 38  MSE A CG  1 
HETATM 287  SE SE  . MSE A 1 39 ? 16.038  6.425   -2.121  0.75 19.76 ? 38  MSE A SE  1 
HETATM 288  C  CE  . MSE A 1 39 ? 16.582  4.578   -2.218  1.00 15.38 ? 38  MSE A CE  1 
ATOM   289  N  N   . ALA A 1 40 ? 12.042  4.960   -6.197  1.00 19.50 ? 39  ALA A N   1 
ATOM   290  C  CA  . ALA A 1 40 ? 11.186  3.869   -6.670  1.00 19.61 ? 39  ALA A CA  1 
ATOM   291  C  C   . ALA A 1 40 ? 11.088  3.910   -8.192  1.00 20.07 ? 39  ALA A C   1 
ATOM   292  O  O   . ALA A 1 40 ? 11.189  2.864   -8.854  1.00 19.30 ? 39  ALA A O   1 
ATOM   293  C  CB  . ALA A 1 40 ? 9.798   3.911   -6.016  1.00 16.98 ? 39  ALA A CB  1 
ATOM   294  N  N   A ARG A 1 41 ? 10.920  5.117   -8.742  0.50 20.30 ? 40  ARG A N   1 
ATOM   295  N  N   B ARG A 1 41 ? 10.927  5.101   -8.750  0.50 21.10 ? 40  ARG A N   1 
ATOM   296  C  CA  A ARG A 1 41 ? 10.840  5.321   -10.202 0.50 21.24 ? 40  ARG A CA  1 
ATOM   297  C  CA  B ARG A 1 41 ? 10.806  5.230   -10.199 0.50 22.60 ? 40  ARG A CA  1 
ATOM   298  C  C   A ARG A 1 41 ? 12.043  4.677   -10.895 0.50 21.40 ? 40  ARG A C   1 
ATOM   299  C  C   B ARG A 1 41 ? 12.047  4.674   -10.911 0.50 22.19 ? 40  ARG A C   1 
ATOM   300  O  O   A ARG A 1 41 ? 11.892  3.981   -11.900 0.50 23.79 ? 40  ARG A O   1 
ATOM   301  O  O   B ARG A 1 41 ? 11.929  4.039   -11.960 0.50 24.51 ? 40  ARG A O   1 
ATOM   302  C  CB  A ARG A 1 41 ? 10.736  6.827   -10.552 0.50 21.04 ? 40  ARG A CB  1 
ATOM   303  C  CB  B ARG A 1 41 ? 10.542  6.689   -10.577 0.50 23.47 ? 40  ARG A CB  1 
ATOM   304  C  CG  A ARG A 1 41 ? 10.438  7.169   -12.044 0.50 21.42 ? 40  ARG A CG  1 
ATOM   305  C  CG  B ARG A 1 41 ? 10.177  6.931   -12.050 0.50 24.87 ? 40  ARG A CG  1 
ATOM   306  C  CD  A ARG A 1 41 ? 10.242  8.700   -12.276 0.50 21.29 ? 40  ARG A CD  1 
ATOM   307  C  CD  B ARG A 1 41 ? 10.497  8.365   -12.446 0.50 25.96 ? 40  ARG A CD  1 
ATOM   308  N  NE  A ARG A 1 41 ? 10.721  9.180   -13.585 0.50 20.77 ? 40  ARG A NE  1 
ATOM   309  N  NE  B ARG A 1 41 ? 11.836  8.726   -11.975 0.50 26.90 ? 40  ARG A NE  1 
ATOM   310  C  CZ  A ARG A 1 41 ? 9.993   9.257   -14.701 0.50 20.74 ? 40  ARG A CZ  1 
ATOM   311  C  CZ  B ARG A 1 41 ? 12.316  9.959   -11.929 0.50 26.54 ? 40  ARG A CZ  1 
ATOM   312  N  NH1 A ARG A 1 41 ? 8.715   8.888   -14.715 0.50 21.91 ? 40  ARG A NH1 1 
ATOM   313  N  NH1 B ARG A 1 41 ? 11.597  10.994  -12.350 0.50 25.88 ? 40  ARG A NH1 1 
ATOM   314  N  NH2 A ARG A 1 41 ? 10.546  9.706   -15.823 0.50 18.67 ? 40  ARG A NH2 1 
ATOM   315  N  NH2 B ARG A 1 41 ? 13.540  10.146  -11.465 0.50 26.72 ? 40  ARG A NH2 1 
ATOM   316  N  N   . ASP A 1 42 ? 13.227  4.891   -10.338 1.00 20.73 ? 41  ASP A N   1 
ATOM   317  C  CA  . ASP A 1 42 ? 14.460  4.318   -10.884 1.00 20.90 ? 41  ASP A CA  1 
ATOM   318  C  C   . ASP A 1 42 ? 14.634  2.836   -10.558 1.00 20.48 ? 41  ASP A C   1 
ATOM   319  O  O   . ASP A 1 42 ? 14.906  2.016   -11.443 1.00 19.78 ? 41  ASP A O   1 
ATOM   320  C  CB  . ASP A 1 42 ? 15.679  5.092   -10.368 1.00 21.89 ? 41  ASP A CB  1 
ATOM   321  C  CG  . ASP A 1 42 ? 15.866  6.414   -11.071 1.00 22.79 ? 41  ASP A CG  1 
ATOM   322  O  OD1 . ASP A 1 42 ? 15.163  6.673   -12.057 1.00 24.67 ? 41  ASP A OD1 1 
ATOM   323  O  OD2 . ASP A 1 42 ? 16.714  7.203   -10.639 1.00 24.92 ? 41  ASP A OD2 1 
ATOM   324  N  N   . VAL A 1 43 ? 14.494  2.498   -9.281  1.00 20.53 ? 42  VAL A N   1 
ATOM   325  C  CA  . VAL A 1 43 ? 14.810  1.147   -8.815  1.00 20.48 ? 42  VAL A CA  1 
ATOM   326  C  C   . VAL A 1 43 ? 13.822  0.118   -9.343  1.00 20.33 ? 42  VAL A C   1 
ATOM   327  O  O   . VAL A 1 43 ? 14.225  -0.992  -9.667  1.00 19.74 ? 42  VAL A O   1 
ATOM   328  C  CB  . VAL A 1 43 ? 14.874  1.077   -7.255  1.00 20.42 ? 42  VAL A CB  1 
ATOM   329  C  CG1 . VAL A 1 43 ? 14.750  -0.355  -6.769  1.00 18.61 ? 42  VAL A CG1 1 
ATOM   330  C  CG2 . VAL A 1 43 ? 16.175  1.711   -6.753  1.00 17.71 ? 42  VAL A CG2 1 
ATOM   331  N  N   . TYR A 1 44 ? 12.542  0.488   -9.433  1.00 20.26 ? 43  TYR A N   1 
ATOM   332  C  CA  . TYR A 1 44 ? 11.476  -0.485  -9.684  1.00 20.98 ? 43  TYR A CA  1 
ATOM   333  C  C   . TYR A 1 44 ? 10.780  -0.313  -11.024 1.00 23.01 ? 43  TYR A C   1 
ATOM   334  O  O   . TYR A 1 44 ? 10.386  -1.304  -11.620 1.00 26.39 ? 43  TYR A O   1 
ATOM   335  C  CB  . TYR A 1 44 ? 10.412  -0.466  -8.568  1.00 21.40 ? 43  TYR A CB  1 
ATOM   336  C  CG  . TYR A 1 44 ? 10.895  -0.979  -7.212  1.00 21.49 ? 43  TYR A CG  1 
ATOM   337  C  CD1 . TYR A 1 44 ? 11.269  -2.303  -7.042  1.00 20.95 ? 43  TYR A CD1 1 
ATOM   338  C  CD2 . TYR A 1 44 ? 10.961  -0.135  -6.099  1.00 21.32 ? 43  TYR A CD2 1 
ATOM   339  C  CE1 . TYR A 1 44 ? 11.707  -2.778  -5.818  1.00 21.61 ? 43  TYR A CE1 1 
ATOM   340  C  CE2 . TYR A 1 44 ? 11.395  -0.601  -4.876  1.00 21.57 ? 43  TYR A CE2 1 
ATOM   341  C  CZ  . TYR A 1 44 ? 11.771  -1.925  -4.744  1.00 22.70 ? 43  TYR A CZ  1 
ATOM   342  O  OH  . TYR A 1 44 ? 12.207  -2.415  -3.536  1.00 24.64 ? 43  TYR A OH  1 
ATOM   343  N  N   . THR A 1 45 ? 10.608  0.912   -11.513 1.00 22.69 ? 44  THR A N   1 
ATOM   344  C  CA  . THR A 1 45 ? 9.920   1.086   -12.797 1.00 20.66 ? 44  THR A CA  1 
ATOM   345  C  C   . THR A 1 45 ? 10.854  1.382   -13.964 1.00 20.05 ? 44  THR A C   1 
ATOM   346  O  O   . THR A 1 45 ? 10.428  1.317   -15.116 1.00 19.06 ? 44  THR A O   1 
ATOM   347  C  CB  . THR A 1 45 ? 8.840   2.179   -12.735 1.00 20.27 ? 44  THR A CB  1 
ATOM   348  O  OG1 . THR A 1 45 ? 9.451   3.471   -12.792 1.00 20.96 ? 44  THR A OG1 1 
ATOM   349  C  CG2 . THR A 1 45 ? 8.001   2.037   -11.465 1.00 19.76 ? 44  THR A CG2 1 
ATOM   350  N  N   . ARG A 1 46 ? 12.111  1.719   -13.681 1.00 19.87 ? 45  ARG A N   1 
ATOM   351  C  CA  . ARG A 1 46 ? 13.040  2.121   -14.734 1.00 19.78 ? 45  ARG A CA  1 
ATOM   352  C  C   . ARG A 1 46 ? 12.464  3.223   -15.615 1.00 20.03 ? 45  ARG A C   1 
ATOM   353  O  O   . ARG A 1 46 ? 12.674  3.230   -16.819 1.00 17.12 ? 45  ARG A O   1 
ATOM   354  C  CB  . ARG A 1 46 ? 13.431  0.919   -15.598 1.00 18.69 ? 45  ARG A CB  1 
ATOM   355  C  CG  . ARG A 1 46 ? 14.095  -0.160  -14.806 1.00 18.56 ? 45  ARG A CG  1 
ATOM   356  C  CD  . ARG A 1 46 ? 14.413  -1.348  -15.643 1.00 17.67 ? 45  ARG A CD  1 
ATOM   357  N  NE  . ARG A 1 46 ? 14.939  -2.414  -14.810 1.00 17.74 ? 45  ARG A NE  1 
ATOM   358  C  CZ  . ARG A 1 46 ? 15.413  -3.570  -15.268 1.00 19.53 ? 45  ARG A CZ  1 
ATOM   359  N  NH1 . ARG A 1 46 ? 15.429  -3.846  -16.571 1.00 19.72 ? 45  ARG A NH1 1 
ATOM   360  N  NH2 . ARG A 1 46 ? 15.878  -4.463  -14.407 1.00 20.91 ? 45  ARG A NH2 1 
ATOM   361  N  N   . ARG A 1 47 ? 11.733  4.149   -14.998 1.00 22.03 ? 46  ARG A N   1 
ATOM   362  C  CA  . ARG A 1 47 ? 11.154  5.312   -15.694 1.00 23.95 ? 46  ARG A CA  1 
ATOM   363  C  C   . ARG A 1 47 ? 10.176  5.016   -16.840 1.00 24.41 ? 46  ARG A C   1 
ATOM   364  O  O   . ARG A 1 47 ? 9.936   5.877   -17.661 1.00 23.76 ? 46  ARG A O   1 
ATOM   365  C  CB  . ARG A 1 47 ? 12.270  6.269   -16.155 1.00 24.95 ? 46  ARG A CB  1 
ATOM   366  C  CG  . ARG A 1 47 ? 13.073  6.808   -14.986 1.00 26.74 ? 46  ARG A CG  1 
ATOM   367  C  CD  . ARG A 1 47 ? 14.018  7.914   -15.346 1.00 27.60 ? 46  ARG A CD  1 
ATOM   368  N  NE  . ARG A 1 47 ? 14.948  8.140   -14.242 1.00 29.07 ? 46  ARG A NE  1 
ATOM   369  C  CZ  . ARG A 1 47 ? 15.632  9.267   -14.027 1.00 30.71 ? 46  ARG A CZ  1 
ATOM   370  N  NH1 . ARG A 1 47 ? 15.534  10.298  -14.850 1.00 31.85 ? 46  ARG A NH1 1 
ATOM   371  N  NH2 . ARG A 1 47 ? 16.441  9.362   -12.979 1.00 31.52 ? 46  ARG A NH2 1 
ATOM   372  N  N   . GLN A 1 48 ? 9.582   3.823   -16.862 1.00 27.07 ? 47  GLN A N   1 
ATOM   373  C  CA  . GLN A 1 48 ? 8.524   3.480   -17.826 1.00 28.32 ? 47  GLN A CA  1 
ATOM   374  C  C   . GLN A 1 48 ? 7.419   4.546   -17.849 1.00 26.99 ? 47  GLN A C   1 
ATOM   375  O  O   . GLN A 1 48 ? 6.965   4.993   -16.800 1.00 25.73 ? 47  GLN A O   1 
ATOM   376  C  CB  . GLN A 1 48 ? 7.888   2.123   -17.465 1.00 32.28 ? 47  GLN A CB  1 
ATOM   377  C  CG  . GLN A 1 48 ? 7.812   1.108   -18.617 1.00 35.99 ? 47  GLN A CG  1 
ATOM   378  C  CD  . GLN A 1 48 ? 9.124   0.333   -18.797 1.00 39.58 ? 47  GLN A CD  1 
ATOM   379  O  OE1 . GLN A 1 48 ? 9.801   0.000   -17.811 1.00 41.98 ? 47  GLN A OE1 1 
ATOM   380  N  NE2 . GLN A 1 48 ? 9.486   0.042   -20.055 1.00 40.04 ? 47  GLN A NE2 1 
ATOM   381  N  N   . GLU A 1 49 ? 6.997   4.949   -19.050 1.00 27.49 ? 48  GLU A N   1 
ATOM   382  C  CA  . GLU A 1 49 ? 5.821   5.807   -19.215 1.00 26.90 ? 48  GLU A CA  1 
ATOM   383  C  C   . GLU A 1 49 ? 4.598   5.017   -18.760 1.00 25.68 ? 48  GLU A C   1 
ATOM   384  O  O   . GLU A 1 49 ? 4.550   3.786   -18.904 1.00 23.58 ? 48  GLU A O   1 
ATOM   385  C  CB  . GLU A 1 49 ? 5.627   6.256   -20.685 1.00 28.26 ? 48  GLU A CB  1 
ATOM   386  C  CG  . GLU A 1 49 ? 6.615   7.347   -21.218 1.00 29.55 ? 48  GLU A CG  1 
ATOM   387  C  CD  . GLU A 1 49 ? 6.467   7.624   -22.734 1.00 28.06 ? 48  GLU A CD  1 
ATOM   388  N  N   . GLY A 1 50 ? 3.629   5.731   -18.188 1.00 25.28 ? 49  GLY A N   1 
ATOM   389  C  CA  . GLY A 1 50 ? 2.292   5.187   -17.951 1.00 25.48 ? 49  GLY A CA  1 
ATOM   390  C  C   . GLY A 1 50 ? 2.123   4.342   -16.703 1.00 26.05 ? 49  GLY A C   1 
ATOM   391  O  O   . GLY A 1 50 ? 1.108   3.669   -16.533 1.00 27.62 ? 49  GLY A O   1 
ATOM   392  N  N   . VAL A 1 51 ? 3.101   4.397   -15.814 1.00 25.38 ? 50  VAL A N   1 
ATOM   393  C  CA  . VAL A 1 51 ? 3.131   3.546   -14.638 1.00 23.85 ? 50  VAL A CA  1 
ATOM   394  C  C   . VAL A 1 51 ? 2.831   4.436   -13.448 1.00 23.65 ? 50  VAL A C   1 
ATOM   395  O  O   . VAL A 1 51 ? 3.412   5.506   -13.354 1.00 26.85 ? 50  VAL A O   1 
ATOM   396  C  CB  . VAL A 1 51 ? 4.537   2.890   -14.498 1.00 22.29 ? 50  VAL A CB  1 
ATOM   397  C  CG1 . VAL A 1 51 ? 4.800   2.499   -13.101 1.00 22.14 ? 50  VAL A CG1 1 
ATOM   398  C  CG2 . VAL A 1 51 ? 4.682   1.688   -15.427 1.00 19.95 ? 50  VAL A CG2 1 
ATOM   399  N  N   . SER A 1 52 ? 1.937   4.013   -12.548 1.00 22.42 ? 51  SER A N   1 
ATOM   400  C  CA  . SER A 1 52 ? 1.657   4.767   -11.313 1.00 21.57 ? 51  SER A CA  1 
ATOM   401  C  C   . SER A 1 52 ? 2.413   4.175   -10.141 1.00 22.26 ? 51  SER A C   1 
ATOM   402  O  O   . SER A 1 52 ? 2.342   2.964   -9.923  1.00 23.16 ? 51  SER A O   1 
ATOM   403  C  CB  . SER A 1 52 ? 0.169   4.745   -10.981 1.00 21.85 ? 51  SER A CB  1 
ATOM   404  O  OG  . SER A 1 52 ? -0.109  5.421   -9.762  1.00 22.14 ? 51  SER A OG  1 
ATOM   405  N  N   . ILE A 1 53 ? 3.110   5.032   -9.387  1.00 20.59 ? 52  ILE A N   1 
ATOM   406  C  CA  . ILE A 1 53 ? 3.828   4.619   -8.179  1.00 20.21 ? 52  ILE A CA  1 
ATOM   407  C  C   . ILE A 1 53 ? 3.207   5.224   -6.911  1.00 19.30 ? 52  ILE A C   1 
ATOM   408  O  O   . ILE A 1 53 ? 2.953   6.420   -6.840  1.00 18.41 ? 52  ILE A O   1 
ATOM   409  C  CB  . ILE A 1 53 ? 5.336   5.038   -8.229  1.00 20.90 ? 52  ILE A CB  1 
ATOM   410  C  CG1 . ILE A 1 53 ? 5.942   4.733   -9.605  1.00 22.39 ? 52  ILE A CG1 1 
ATOM   411  C  CG2 . ILE A 1 53 ? 6.141   4.340   -7.112  1.00 18.10 ? 52  ILE A CG2 1 
ATOM   412  C  CD1 . ILE A 1 53 ? 7.392   5.224   -9.769  1.00 22.46 ? 52  ILE A CD1 1 
ATOM   413  N  N   . TRP A 1 54 ? 2.979   4.384   -5.909  1.00 20.50 ? 53  TRP A N   1 
ATOM   414  C  CA  . TRP A 1 54 ? 2.592   4.830   -4.568  1.00 20.26 ? 53  TRP A CA  1 
ATOM   415  C  C   . TRP A 1 54 ? 3.682   4.466   -3.572  1.00 20.75 ? 53  TRP A C   1 
ATOM   416  O  O   . TRP A 1 54 ? 4.135   3.310   -3.537  1.00 21.33 ? 53  TRP A O   1 
ATOM   417  C  CB  . TRP A 1 54 ? 1.307   4.151   -4.103  1.00 19.50 ? 53  TRP A CB  1 
ATOM   418  C  CG  . TRP A 1 54 ? 0.056   4.577   -4.784  1.00 19.24 ? 53  TRP A CG  1 
ATOM   419  C  CD1 . TRP A 1 54 ? -0.079  5.564   -5.714  1.00 20.32 ? 53  TRP A CD1 1 
ATOM   420  C  CD2 . TRP A 1 54 ? -1.260  4.062   -4.547  1.00 19.16 ? 53  TRP A CD2 1 
ATOM   421  N  NE1 . TRP A 1 54 ? -1.399  5.685   -6.086  1.00 21.42 ? 53  TRP A NE1 1 
ATOM   422  C  CE2 . TRP A 1 54 ? -2.145  4.775   -5.383  1.00 19.86 ? 53  TRP A CE2 1 
ATOM   423  C  CE3 . TRP A 1 54 ? -1.779  3.065   -3.710  1.00 19.62 ? 53  TRP A CE3 1 
ATOM   424  C  CZ2 . TRP A 1 54 ? -3.516  4.519   -5.417  1.00 18.52 ? 53  TRP A CZ2 1 
ATOM   425  C  CZ3 . TRP A 1 54 ? -3.150  2.813   -3.736  1.00 19.23 ? 53  TRP A CZ3 1 
ATOM   426  C  CH2 . TRP A 1 54 ? -3.999  3.533   -4.593  1.00 19.39 ? 53  TRP A CH2 1 
ATOM   427  N  N   . VAL A 1 55 ? 4.086   5.444   -2.762  1.00 20.55 ? 54  VAL A N   1 
ATOM   428  C  CA  . VAL A 1 55 ? 4.973   5.197   -1.640  1.00 20.28 ? 54  VAL A CA  1 
ATOM   429  C  C   . VAL A 1 55 ? 4.248   5.514   -0.337  1.00 22.66 ? 54  VAL A C   1 
ATOM   430  O  O   . VAL A 1 55 ? 3.446   6.456   -0.251  1.00 24.09 ? 54  VAL A O   1 
ATOM   431  C  CB  . VAL A 1 55 ? 6.308   5.997   -1.735  1.00 19.88 ? 54  VAL A CB  1 
ATOM   432  C  CG1 . VAL A 1 55 ? 7.124   5.530   -2.941  1.00 18.28 ? 54  VAL A CG1 1 
ATOM   433  C  CG2 . VAL A 1 55 ? 6.073   7.521   -1.742  1.00 19.35 ? 54  VAL A CG2 1 
ATOM   434  N  N   . VAL A 1 56 ? 4.549   4.707   0.676   1.00 24.03 ? 55  VAL A N   1 
ATOM   435  C  CA  . VAL A 1 56 ? 3.910   4.782   1.984   1.00 23.77 ? 55  VAL A CA  1 
ATOM   436  C  C   . VAL A 1 56 ? 4.957   4.484   3.043   1.00 24.05 ? 55  VAL A C   1 
ATOM   437  O  O   . VAL A 1 56 ? 5.659   3.463   2.956   1.00 23.37 ? 55  VAL A O   1 
ATOM   438  C  CB  . VAL A 1 56 ? 2.807   3.722   2.122   1.00 23.55 ? 55  VAL A CB  1 
ATOM   439  C  CG1 . VAL A 1 56 ? 2.020   3.962   3.364   1.00 23.94 ? 55  VAL A CG1 1 
ATOM   440  C  CG2 . VAL A 1 56 ? 1.919   3.741   0.895   1.00 24.17 ? 55  VAL A CG2 1 
ATOM   441  N  N   . PRO A 1 57 ? 5.090   5.374   4.042   1.00 24.21 ? 56  PRO A N   1 
ATOM   442  C  CA  . PRO A 1 57 ? 5.977   5.027   5.132   1.00 23.83 ? 56  PRO A CA  1 
ATOM   443  C  C   . PRO A 1 57 ? 5.450   3.777   5.811   1.00 23.05 ? 56  PRO A C   1 
ATOM   444  O  O   . PRO A 1 57 ? 4.237   3.673   6.028   1.00 22.75 ? 56  PRO A O   1 
ATOM   445  C  CB  . PRO A 1 57 ? 5.896   6.240   6.070   1.00 24.91 ? 56  PRO A CB  1 
ATOM   446  C  CG  . PRO A 1 57 ? 4.780   7.045   5.622   1.00 23.90 ? 56  PRO A CG  1 
ATOM   447  C  CD  . PRO A 1 57 ? 4.466   6.695   4.221   1.00 24.18 ? 56  PRO A CD  1 
ATOM   448  N  N   A SER A 1 58 ? 6.355   2.842   6.103   0.50 22.37 ? 57  SER A N   1 
ATOM   449  N  N   B SER A 1 58 ? 6.341   2.842   6.137   0.50 21.89 ? 57  SER A N   1 
ATOM   450  C  CA  A SER A 1 58 ? 6.036   1.590   6.788   0.50 22.71 ? 57  SER A CA  1 
ATOM   451  C  CA  B SER A 1 58 ? 5.948   1.578   6.755   0.50 21.80 ? 57  SER A CA  1 
ATOM   452  C  C   A SER A 1 58 ? 5.143   1.770   8.015   0.50 22.52 ? 57  SER A C   1 
ATOM   453  C  C   B SER A 1 58 ? 5.168   1.728   8.062   0.50 22.05 ? 57  SER A C   1 
ATOM   454  O  O   A SER A 1 58 ? 4.197   1.013   8.224   0.50 24.04 ? 57  SER A O   1 
ATOM   455  O  O   B SER A 1 58 ? 4.341   0.880   8.391   0.50 23.63 ? 57  SER A O   1 
ATOM   456  C  CB  A SER A 1 58 ? 7.330   0.891   7.220   0.50 24.11 ? 57  SER A CB  1 
ATOM   457  C  CB  B SER A 1 58 ? 7.173   0.708   7.025   0.50 22.67 ? 57  SER A CB  1 
ATOM   458  O  OG  A SER A 1 58 ? 7.978   0.270   6.124   0.50 25.39 ? 57  SER A OG  1 
ATOM   459  O  OG  B SER A 1 58 ? 6.790   -0.472  7.720   0.50 22.65 ? 57  SER A OG  1 
ATOM   460  N  N   . THR A 1 59 ? 5.434   2.787   8.817   1.00 21.45 ? 58  THR A N   1 
ATOM   461  C  CA  . THR A 1 59 ? 4.693   3.024   10.033  1.00 19.13 ? 58  THR A CA  1 
ATOM   462  C  C   . THR A 1 59 ? 3.219   3.257   9.774   1.00 18.35 ? 58  THR A C   1 
ATOM   463  O  O   . THR A 1 59 ? 2.424   3.146   10.670  1.00 22.03 ? 58  THR A O   1 
ATOM   464  C  CB  . THR A 1 59 ? 5.304   4.182   10.836  1.00 19.51 ? 58  THR A CB  1 
ATOM   465  O  OG1 . THR A 1 59 ? 5.483   5.336   9.989   1.00 20.60 ? 58  THR A OG1 1 
ATOM   466  C  CG2 . THR A 1 59 ? 6.646   3.726   11.411  1.00 17.53 ? 58  THR A CG2 1 
ATOM   467  N  N   . ALA A 1 60 ? 2.836   3.566   8.544   1.00 19.91 ? 59  ALA A N   1 
ATOM   468  C  CA  . ALA A 1 60 ? 1.438   3.848   8.224   1.00 19.33 ? 59  ALA A CA  1 
ATOM   469  C  C   . ALA A 1 60 ? 0.617   2.573   7.956   1.00 19.63 ? 59  ALA A C   1 
ATOM   470  O  O   . ALA A 1 60 ? -0.602  2.639   7.866   1.00 22.53 ? 59  ALA A O   1 
ATOM   471  C  CB  . ALA A 1 60 ? 1.364   4.798   7.034   1.00 16.88 ? 59  ALA A CB  1 
ATOM   472  N  N   . ILE A 1 61 ? 1.272   1.426   7.826   1.00 19.47 ? 60  ILE A N   1 
ATOM   473  C  CA  . ILE A 1 61 ? 0.592   0.176   7.488   1.00 21.14 ? 60  ILE A CA  1 
ATOM   474  C  C   . ILE A 1 61 ? 0.284   -0.615  8.749   1.00 21.00 ? 60  ILE A C   1 
ATOM   475  O  O   . ILE A 1 61 ? 1.172   -0.857  9.538   1.00 24.98 ? 60  ILE A O   1 
ATOM   476  C  CB  . ILE A 1 61 ? 1.486   -0.708  6.547   1.00 21.37 ? 60  ILE A CB  1 
ATOM   477  C  CG1 . ILE A 1 61 ? 1.680   -0.018  5.194   1.00 21.73 ? 60  ILE A CG1 1 
ATOM   478  C  CG2 . ILE A 1 61 ? 0.860   -2.047  6.322   1.00 20.13 ? 60  ILE A CG2 1 
ATOM   479  C  CD1 . ILE A 1 61 ? 2.925   -0.428  4.471   1.00 21.16 ? 60  ILE A CD1 1 
ATOM   480  N  N   . THR A 1 62 ? -0.962  -1.012  8.933   1.00 20.89 ? 61  THR A N   1 
ATOM   481  C  CA  . THR A 1 62 ? -1.346  -1.959  9.973   1.00 19.80 ? 61  THR A CA  1 
ATOM   482  C  C   . THR A 1 62 ? -1.719  -3.273  9.271   1.00 20.66 ? 61  THR A C   1 
ATOM   483  O  O   . THR A 1 62 ? -2.599  -3.290  8.393   1.00 19.06 ? 61  THR A O   1 
ATOM   484  C  CB  . THR A 1 62 ? -2.563  -1.442  10.736  1.00 20.10 ? 61  THR A CB  1 
ATOM   485  O  OG1 . THR A 1 62 ? -2.341  -0.075  11.099  1.00 20.86 ? 61  THR A OG1 1 
ATOM   486  C  CG2 . THR A 1 62 ? -2.837  -2.262  11.974  1.00 17.47 ? 61  THR A CG2 1 
ATOM   487  N  N   . ALA A 1 63 ? -1.027  -4.359  9.636   1.00 20.17 ? 62  ALA A N   1 
ATOM   488  C  CA  . ALA A 1 63 ? -1.261  -5.690  9.059   1.00 18.16 ? 62  ALA A CA  1 
ATOM   489  C  C   . ALA A 1 63 ? -2.190  -6.503  9.943   1.00 19.17 ? 62  ALA A C   1 
ATOM   490  O  O   . ALA A 1 63 ? -2.315  -6.246  11.136  1.00 19.08 ? 62  ALA A O   1 
ATOM   491  C  CB  . ALA A 1 63 ? 0.025   -6.415  8.877   1.00 14.02 ? 62  ALA A CB  1 
ATOM   492  N  N   . SER A 1 64 ? -2.876  -7.460  9.343   1.00 21.59 ? 63  SER A N   1 
ATOM   493  C  CA  . SER A 1 64 ? -3.666  -8.401  10.105  1.00 23.88 ? 63  SER A CA  1 
ATOM   494  C  C   . SER A 1 64 ? -2.714  -9.356  10.853  1.00 28.22 ? 63  SER A C   1 
ATOM   495  O  O   . SER A 1 64 ? -1.572  -9.584  10.419  1.00 27.06 ? 63  SER A O   1 
ATOM   496  C  CB  . SER A 1 64 ? -4.574  -9.177  9.175   1.00 22.83 ? 63  SER A CB  1 
ATOM   497  O  OG  . SER A 1 64 ? -3.811  -9.696  8.102   1.00 23.30 ? 63  SER A OG  1 
ATOM   498  N  N   . ALA A 1 65 ? -3.207  -9.904  11.967  1.00 32.07 ? 64  ALA A N   1 
ATOM   499  C  CA  . ALA A 1 65 ? -2.426  -10.742 12.876  1.00 34.85 ? 64  ALA A CA  1 
ATOM   500  C  C   . ALA A 1 65 ? -2.419  -12.212 12.436  1.00 39.68 ? 64  ALA A C   1 
ATOM   501  O  O   . ALA A 1 65 ? -3.490  -12.827 12.333  1.00 41.23 ? 64  ALA A O   1 
ATOM   502  C  CB  . ALA A 1 65 ? -3.007  -10.636 14.271  1.00 33.59 ? 64  ALA A CB  1 
ATOM   503  N  N   . PRO A 1 66 ? -1.221  -12.786 12.164  1.00 42.95 ? 65  PRO A N   1 
ATOM   504  C  CA  . PRO A 1 66 ? -1.090  -14.245 11.908  1.00 43.55 ? 65  PRO A CA  1 
ATOM   505  C  C   . PRO A 1 66 ? -1.733  -15.132 12.973  1.00 42.45 ? 65  PRO A C   1 
ATOM   506  O  O   . PRO A 1 66 ? -2.809  -15.674 12.736  1.00 41.84 ? 65  PRO A O   1 
ATOM   507  C  CB  . PRO A 1 66 ? 0.427   -14.466 11.885  1.00 44.32 ? 65  PRO A CB  1 
ATOM   508  C  CG  . PRO A 1 66 ? 1.000   -13.129 11.441  1.00 44.38 ? 65  PRO A CG  1 
ATOM   509  C  CD  . PRO A 1 66 ? 0.071   -12.083 12.027  1.00 43.89 ? 65  PRO A CD  1 
ATOM   510  N  N   . LYS B 1 5  ? -17.583 11.810  15.901  1.00 30.71 ? 4   LYS B N   1 
ATOM   511  C  CA  . LYS B 1 5  ? -16.687 10.634  15.660  1.00 32.77 ? 4   LYS B CA  1 
ATOM   512  C  C   . LYS B 1 5  ? -16.262 10.585  14.176  1.00 31.64 ? 4   LYS B C   1 
ATOM   513  O  O   . LYS B 1 5  ? -17.112 10.618  13.296  1.00 34.24 ? 4   LYS B O   1 
ATOM   514  C  CB  . LYS B 1 5  ? -17.416 9.332   16.049  1.00 33.53 ? 4   LYS B CB  1 
ATOM   515  C  CG  . LYS B 1 5  ? -16.519 8.200   16.594  1.00 33.68 ? 4   LYS B CG  1 
ATOM   516  C  CD  . LYS B 1 5  ? -15.291 7.952   15.723  1.00 34.02 ? 4   LYS B CD  1 
ATOM   517  N  N   . GLU B 1 6  ? -14.965 10.498  13.892  1.00 28.18 ? 5   GLU B N   1 
ATOM   518  C  CA  . GLU B 1 6  ? -14.474 10.614  12.504  1.00 26.88 ? 5   GLU B CA  1 
ATOM   519  C  C   . GLU B 1 6  ? -14.430 9.278   11.775  1.00 25.97 ? 5   GLU B C   1 
ATOM   520  O  O   . GLU B 1 6  ? -14.116 8.251   12.389  1.00 26.77 ? 5   GLU B O   1 
ATOM   521  C  CB  . GLU B 1 6  ? -13.056 11.204  12.486  1.00 27.41 ? 5   GLU B CB  1 
ATOM   522  C  CG  . GLU B 1 6  ? -12.956 12.594  13.101  1.00 27.73 ? 5   GLU B CG  1 
ATOM   523  C  CD  . GLU B 1 6  ? -13.511 13.674  12.200  1.00 28.74 ? 5   GLU B CD  1 
ATOM   524  O  OE1 . GLU B 1 6  ? -13.364 13.524  10.966  1.00 30.10 ? 5   GLU B OE1 1 
ATOM   525  O  OE2 . GLU B 1 6  ? -14.076 14.675  12.717  1.00 27.88 ? 5   GLU B OE2 1 
ATOM   526  N  N   . TRP B 1 7  ? -14.703 9.289   10.465  1.00 25.16 ? 6   TRP B N   1 
ATOM   527  C  CA  . TRP B 1 7  ? -14.564 8.076   9.634   1.00 24.80 ? 6   TRP B CA  1 
ATOM   528  C  C   . TRP B 1 7  ? -13.661 8.334   8.434   1.00 24.05 ? 6   TRP B C   1 
ATOM   529  O  O   . TRP B 1 7  ? -14.129 8.550   7.322   1.00 24.68 ? 6   TRP B O   1 
ATOM   530  C  CB  . TRP B 1 7  ? -15.919 7.579   9.156   1.00 27.70 ? 6   TRP B CB  1 
ATOM   531  C  CG  . TRP B 1 7  ? -16.770 6.993   10.240  1.00 29.82 ? 6   TRP B CG  1 
ATOM   532  C  CD1 . TRP B 1 7  ? -17.306 7.661   11.303  1.00 31.47 ? 6   TRP B CD1 1 
ATOM   533  C  CD2 . TRP B 1 7  ? -17.202 5.630   10.358  1.00 28.54 ? 6   TRP B CD2 1 
ATOM   534  N  NE1 . TRP B 1 7  ? -18.032 6.797   12.079  1.00 32.21 ? 6   TRP B NE1 1 
ATOM   535  C  CE2 . TRP B 1 7  ? -17.985 5.543   11.528  1.00 30.29 ? 6   TRP B CE2 1 
ATOM   536  C  CE3 . TRP B 1 7  ? -17.018 4.484   9.578   1.00 29.24 ? 6   TRP B CE3 1 
ATOM   537  C  CZ2 . TRP B 1 7  ? -18.596 4.343   11.949  1.00 30.26 ? 6   TRP B CZ2 1 
ATOM   538  C  CZ3 . TRP B 1 7  ? -17.617 3.282   9.994   1.00 30.53 ? 6   TRP B CZ3 1 
ATOM   539  C  CH2 . TRP B 1 7  ? -18.400 3.227   11.174  1.00 30.92 ? 6   TRP B CH2 1 
ATOM   540  N  N   . PRO B 1 8  ? -12.349 8.315   8.653   1.00 22.04 ? 7   PRO B N   1 
ATOM   541  C  CA  . PRO B 1 8  ? -11.402 8.507   7.585   1.00 21.48 ? 7   PRO B CA  1 
ATOM   542  C  C   . PRO B 1 8  ? -11.385 7.369   6.575   1.00 21.41 ? 7   PRO B C   1 
ATOM   543  O  O   . PRO B 1 8  ? -11.823 6.265   6.901   1.00 20.48 ? 7   PRO B O   1 
ATOM   544  C  CB  . PRO B 1 8  ? -10.068 8.538   8.333   1.00 22.17 ? 7   PRO B CB  1 
ATOM   545  C  CG  . PRO B 1 8  ? -10.306 7.760   9.535   1.00 21.93 ? 7   PRO B CG  1 
ATOM   546  C  CD  . PRO B 1 8  ? -11.672 8.139   9.945   1.00 21.82 ? 7   PRO B CD  1 
ATOM   547  N  N   . LEU B 1 9  ? -10.861 7.652   5.372   1.00 21.37 ? 8   LEU B N   1 
ATOM   548  C  CA  . LEU B 1 9  ? -10.688 6.664   4.300   1.00 21.44 ? 8   LEU B CA  1 
ATOM   549  C  C   . LEU B 1 9  ? -9.423  5.844   4.490   1.00 22.28 ? 8   LEU B C   1 
ATOM   550  O  O   . LEU B 1 9  ? -8.367  6.387   4.850   1.00 22.18 ? 8   LEU B O   1 
ATOM   551  C  CB  . LEU B 1 9  ? -10.595 7.346   2.922   1.00 21.14 ? 8   LEU B CB  1 
ATOM   552  C  CG  . LEU B 1 9  ? -10.748 6.486   1.649   1.00 20.29 ? 8   LEU B CG  1 
ATOM   553  C  CD1 . LEU B 1 9  ? -12.162 5.839   1.508   1.00 19.11 ? 8   LEU B CD1 1 
ATOM   554  C  CD2 . LEU B 1 9  ? -10.474 7.329   0.449   1.00 17.69 ? 8   LEU B CD2 1 
ATOM   555  N  N   . TRP B 1 10 ? -9.528  4.550   4.187   1.00 22.19 ? 9   TRP B N   1 
ATOM   556  C  CA  . TRP B 1 10 ? -8.397  3.619   4.271   1.00 21.28 ? 9   TRP B CA  1 
ATOM   557  C  C   . TRP B 1 10 ? -8.233  2.939   2.957   1.00 20.82 ? 9   TRP B C   1 
ATOM   558  O  O   . TRP B 1 10 ? -9.207  2.623   2.308   1.00 20.84 ? 9   TRP B O   1 
ATOM   559  C  CB  . TRP B 1 10 ? -8.667  2.539   5.320   1.00 22.28 ? 9   TRP B CB  1 
ATOM   560  C  CG  . TRP B 1 10 ? -8.903  3.109   6.650   1.00 21.54 ? 9   TRP B CG  1 
ATOM   561  C  CD1 . TRP B 1 10 ? -10.059 3.666   7.106   1.00 20.86 ? 9   TRP B CD1 1 
ATOM   562  C  CD2 . TRP B 1 10 ? -7.952  3.224   7.699   1.00 19.58 ? 9   TRP B CD2 1 
ATOM   563  N  NE1 . TRP B 1 10 ? -9.889  4.103   8.385   1.00 21.83 ? 9   TRP B NE1 1 
ATOM   564  C  CE2 . TRP B 1 10 ? -8.595  3.861   8.771   1.00 21.11 ? 9   TRP B CE2 1 
ATOM   565  C  CE3 . TRP B 1 10 ? -6.619  2.853   7.835   1.00 20.86 ? 9   TRP B CE3 1 
ATOM   566  C  CZ2 . TRP B 1 10 ? -7.946  4.134   9.986   1.00 20.32 ? 9   TRP B CZ2 1 
ATOM   567  C  CZ3 . TRP B 1 10 ? -5.972  3.131   9.044   1.00 21.89 ? 9   TRP B CZ3 1 
ATOM   568  C  CH2 . TRP B 1 10 ? -6.648  3.754   10.103  1.00 20.35 ? 9   TRP B CH2 1 
ATOM   569  N  N   . GLU B 1 11 ? -6.998  2.692   2.564   1.00 22.84 ? 10  GLU B N   1 
ATOM   570  C  CA  . GLU B 1 11 ? -6.738  1.920   1.362   1.00 23.57 ? 10  GLU B CA  1 
ATOM   571  C  C   . GLU B 1 11 ? -6.369  0.527   1.828   1.00 24.78 ? 10  GLU B C   1 
ATOM   572  O  O   . GLU B 1 11 ? -5.646  0.360   2.841   1.00 22.59 ? 10  GLU B O   1 
ATOM   573  C  CB  . GLU B 1 11 ? -5.590  2.529   0.569   1.00 23.86 ? 10  GLU B CB  1 
ATOM   574  C  CG  . GLU B 1 11 ? -5.835  3.972   0.154   1.00 24.82 ? 10  GLU B CG  1 
ATOM   575  C  CD  . GLU B 1 11 ? -6.889  4.120   -0.926  1.00 26.26 ? 10  GLU B CD  1 
ATOM   576  O  OE1 . GLU B 1 11 ? -7.148  3.143   -1.680  1.00 28.90 ? 10  GLU B OE1 1 
ATOM   577  O  OE2 . GLU B 1 11 ? -7.447  5.230   -1.047  1.00 25.96 ? 10  GLU B OE2 1 
ATOM   578  N  N   . VAL B 1 12 ? -6.846  -0.465  1.081   1.00 24.01 ? 11  VAL B N   1 
ATOM   579  C  CA  . VAL B 1 12 ? -6.721  -1.850  1.490   1.00 23.07 ? 11  VAL B CA  1 
ATOM   580  C  C   . VAL B 1 12 ? -5.974  -2.674  0.456   1.00 23.20 ? 11  VAL B C   1 
ATOM   581  O  O   . VAL B 1 12 ? -6.343  -2.680  -0.720  1.00 25.01 ? 11  VAL B O   1 
ATOM   582  C  CB  . VAL B 1 12 ? -8.119  -2.456  1.708   1.00 22.40 ? 11  VAL B CB  1 
ATOM   583  C  CG1 . VAL B 1 12 ? -8.016  -3.909  2.182   1.00 21.03 ? 11  VAL B CG1 1 
ATOM   584  C  CG2 . VAL B 1 12 ? -8.904  -1.595  2.690   1.00 19.27 ? 11  VAL B CG2 1 
ATOM   585  N  N   . PHE B 1 13 ? -4.947  -3.386  0.923   1.00 23.64 ? 12  PHE B N   1 
ATOM   586  C  CA  . PHE B 1 13 ? -4.148  -4.309  0.110   1.00 22.64 ? 12  PHE B CA  1 
ATOM   587  C  C   . PHE B 1 13 ? -4.278  -5.714  0.705   1.00 23.58 ? 12  PHE B C   1 
ATOM   588  O  O   . PHE B 1 13 ? -4.200  -5.887  1.930   1.00 24.57 ? 12  PHE B O   1 
ATOM   589  C  CB  . PHE B 1 13 ? -2.680  -3.877  0.084   1.00 22.04 ? 12  PHE B CB  1 
ATOM   590  C  CG  . PHE B 1 13 ? -2.488  -2.425  -0.247  1.00 22.89 ? 12  PHE B CG  1 
ATOM   591  C  CD1 . PHE B 1 13 ? -2.665  -1.448  0.726   1.00 24.32 ? 12  PHE B CD1 1 
ATOM   592  C  CD2 . PHE B 1 13 ? -2.162  -2.029  -1.534  1.00 22.92 ? 12  PHE B CD2 1 
ATOM   593  C  CE1 . PHE B 1 13 ? -2.520  -0.101  0.420   1.00 24.74 ? 12  PHE B CE1 1 
ATOM   594  C  CE2 . PHE B 1 13 ? -2.010  -0.700  -1.852  1.00 23.27 ? 12  PHE B CE2 1 
ATOM   595  C  CZ  . PHE B 1 13 ? -2.192  0.274   -0.878  1.00 25.16 ? 12  PHE B CZ  1 
ATOM   596  N  N   . VAL B 1 14 ? -4.490  -6.702  -0.163  1.00 23.42 ? 13  VAL B N   1 
ATOM   597  C  CA  . VAL B 1 14 ? -4.682  -8.093  0.247   1.00 24.09 ? 13  VAL B CA  1 
ATOM   598  C  C   . VAL B 1 14 ? -3.691  -8.995  -0.475  1.00 25.30 ? 13  VAL B C   1 
ATOM   599  O  O   . VAL B 1 14 ? -3.451  -8.812  -1.667  1.00 24.68 ? 13  VAL B O   1 
ATOM   600  C  CB  . VAL B 1 14 ? -6.105  -8.583  -0.110  1.00 23.76 ? 13  VAL B CB  1 
ATOM   601  C  CG1 . VAL B 1 14 ? -6.283  -10.016 0.284   1.00 21.82 ? 13  VAL B CG1 1 
ATOM   602  C  CG2 . VAL B 1 14 ? -7.151  -7.721  0.577   1.00 23.25 ? 13  VAL B CG2 1 
ATOM   603  N  N   . ARG B 1 15 ? -3.096  -9.944  0.245   1.00 26.25 ? 14  ARG B N   1 
ATOM   604  C  CA  . ARG B 1 15 ? -2.276  -10.973 -0.387  1.00 27.27 ? 14  ARG B CA  1 
ATOM   605  C  C   . ARG B 1 15 ? -2.931  -12.287 -0.068  1.00 27.43 ? 14  ARG B C   1 
ATOM   606  O  O   . ARG B 1 15 ? -3.016  -12.668 1.090   1.00 28.89 ? 14  ARG B O   1 
ATOM   607  C  CB  . ARG B 1 15 ? -0.847  -10.968 0.131   1.00 28.68 ? 14  ARG B CB  1 
ATOM   608  C  CG  . ARG B 1 15 ? 0.035   -12.021 -0.526  1.00 30.85 ? 14  ARG B CG  1 
ATOM   609  C  CD  . ARG B 1 15 ? 1.335   -12.207 0.217   1.00 32.72 ? 14  ARG B CD  1 
ATOM   610  N  NE  . ARG B 1 15 ? 1.098   -12.681 1.584   1.00 34.95 ? 14  ARG B NE  1 
ATOM   611  C  CZ  . ARG B 1 15 ? 1.888   -12.429 2.632   1.00 36.45 ? 14  ARG B CZ  1 
ATOM   612  N  NH1 . ARG B 1 15 ? 2.994   -11.695 2.509   1.00 37.39 ? 14  ARG B NH1 1 
ATOM   613  N  NH2 . ARG B 1 15 ? 1.573   -12.913 3.826   1.00 36.54 ? 14  ARG B NH2 1 
ATOM   614  N  N   . SER B 1 16 ? -3.406  -12.974 -1.095  1.00 28.24 ? 15  SER B N   1 
ATOM   615  C  CA  . SER B 1 16 ? -4.167  -14.193 -0.890  1.00 29.00 ? 15  SER B CA  1 
ATOM   616  C  C   . SER B 1 16 ? -3.221  -15.314 -0.486  1.00 29.14 ? 15  SER B C   1 
ATOM   617  O  O   . SER B 1 16 ? -2.001  -15.196 -0.663  1.00 28.16 ? 15  SER B O   1 
ATOM   618  C  CB  . SER B 1 16 ? -4.960  -14.557 -2.148  1.00 28.49 ? 15  SER B CB  1 
ATOM   619  O  OG  . SER B 1 16 ? -4.101  -14.773 -3.247  1.00 28.85 ? 15  SER B OG  1 
ATOM   620  N  N   . LYS B 1 17 ? -3.792  -16.377 0.078   1.00 30.89 ? 16  LYS B N   1 
ATOM   621  C  CA  . LYS B 1 17 ? -3.009  -17.539 0.508   1.00 33.73 ? 16  LYS B CA  1 
ATOM   622  C  C   . LYS B 1 17 ? -2.085  -17.969 -0.642  1.00 35.33 ? 16  LYS B C   1 
ATOM   623  O  O   . LYS B 1 17 ? -0.870  -18.101 -0.449  1.00 36.13 ? 16  LYS B O   1 
ATOM   624  C  CB  . LYS B 1 17 ? -3.932  -18.693 0.970   1.00 33.70 ? 16  LYS B CB  1 
ATOM   625  C  CG  . LYS B 1 17 ? -3.214  -20.005 1.354   1.00 32.99 ? 16  LYS B CG  1 
ATOM   626  N  N   . GLN B 1 18 ? -2.673  -18.119 -1.837  1.00 36.62 ? 17  GLN B N   1 
ATOM   627  C  CA  . GLN B 1 18 ? -1.962  -18.537 -3.069  1.00 36.99 ? 17  GLN B CA  1 
ATOM   628  C  C   . GLN B 1 18 ? -0.913  -17.494 -3.513  1.00 37.23 ? 17  GLN B C   1 
ATOM   629  O  O   . GLN B 1 18 ? 0.148   -17.863 -4.025  1.00 37.33 ? 17  GLN B O   1 
ATOM   630  C  CB  . GLN B 1 18 ? -2.971  -18.781 -4.225  1.00 36.77 ? 17  GLN B CB  1 
ATOM   631  C  CG  . GLN B 1 18 ? -2.939  -20.181 -4.867  1.00 36.54 ? 17  GLN B CG  1 
ATOM   632  C  CD  . GLN B 1 18 ? -3.941  -21.153 -4.246  1.00 35.61 ? 17  GLN B CD  1 
ATOM   633  N  N   . GLY B 1 19 ? -1.209  -16.207 -3.289  1.00 36.83 ? 18  GLY B N   1 
ATOM   634  C  CA  . GLY B 1 19 ? -0.437  -15.091 -3.862  1.00 35.36 ? 18  GLY B CA  1 
ATOM   635  C  C   . GLY B 1 19 ? 0.919   -14.802 -3.247  1.00 34.39 ? 18  GLY B C   1 
ATOM   636  O  O   . GLY B 1 19 ? 1.242   -15.263 -2.143  1.00 34.39 ? 18  GLY B O   1 
ATOM   637  N  N   . LEU B 1 20 ? 1.710   -14.022 -3.977  1.00 33.53 ? 19  LEU B N   1 
ATOM   638  C  CA  . LEU B 1 20 ? 3.046   -13.655 -3.528  1.00 33.84 ? 19  LEU B CA  1 
ATOM   639  C  C   . LEU B 1 20 ? 3.215   -12.180 -3.127  1.00 33.49 ? 19  LEU B C   1 
ATOM   640  O  O   . LEU B 1 20 ? 4.250   -11.826 -2.582  1.00 36.03 ? 19  LEU B O   1 
ATOM   641  C  CB  . LEU B 1 20 ? 4.085   -14.030 -4.590  1.00 33.77 ? 19  LEU B CB  1 
ATOM   642  C  CG  . LEU B 1 20 ? 4.385   -15.530 -4.722  1.00 34.38 ? 19  LEU B CG  1 
ATOM   643  C  CD1 . LEU B 1 20 ? 5.621   -15.749 -5.597  1.00 33.38 ? 19  LEU B CD1 1 
ATOM   644  C  CD2 . LEU B 1 20 ? 4.561   -16.216 -3.349  1.00 34.49 ? 19  LEU B CD2 1 
ATOM   645  N  N   . GLU B 1 21 ? 2.236   -11.317 -3.386  1.00 31.44 ? 20  GLU B N   1 
ATOM   646  C  CA  . GLU B 1 21 ? 2.370   -9.902  -3.001  1.00 30.76 ? 20  GLU B CA  1 
ATOM   647  C  C   . GLU B 1 21 ? 1.020   -9.244  -2.684  1.00 28.90 ? 20  GLU B C   1 
ATOM   648  O  O   . GLU B 1 21 ? -0.017  -9.663  -3.189  1.00 28.36 ? 20  GLU B O   1 
ATOM   649  C  CB  . GLU B 1 21 ? 3.109   -9.124  -4.093  1.00 32.88 ? 20  GLU B CB  1 
ATOM   650  C  CG  . GLU B 1 21 ? 2.300   -8.818  -5.365  1.00 36.35 ? 20  GLU B CG  1 
ATOM   651  C  CD  . GLU B 1 21 ? 2.187   -9.984  -6.360  1.00 39.45 ? 20  GLU B CD  1 
ATOM   652  O  OE1 . GLU B 1 21 ? 2.566   -11.141 -6.040  1.00 41.49 ? 20  GLU B OE1 1 
ATOM   653  O  OE2 . GLU B 1 21 ? 1.701   -9.725  -7.486  1.00 41.79 ? 20  GLU B OE2 1 
ATOM   654  N  N   . HIS B 1 22 ? 1.021   -8.221  -1.843  1.00 26.30 ? 21  HIS B N   1 
ATOM   655  C  CA  . HIS B 1 22 ? -0.229  -7.529  -1.545  1.00 26.43 ? 21  HIS B CA  1 
ATOM   656  C  C   . HIS B 1 22 ? -0.734  -6.689  -2.731  1.00 26.02 ? 21  HIS B C   1 
ATOM   657  O  O   . HIS B 1 22 ? -0.018  -5.838  -3.228  1.00 26.49 ? 21  HIS B O   1 
ATOM   658  C  CB  . HIS B 1 22 ? -0.073  -6.667  -0.304  1.00 24.77 ? 21  HIS B CB  1 
ATOM   659  C  CG  . HIS B 1 22 ? 0.110   -7.456  0.945   1.00 23.37 ? 21  HIS B CG  1 
ATOM   660  N  ND1 . HIS B 1 22 ? 1.281   -8.116  1.239   1.00 23.29 ? 21  HIS B ND1 1 
ATOM   661  C  CD2 . HIS B 1 22 ? -0.728  -7.689  1.980   1.00 24.10 ? 21  HIS B CD2 1 
ATOM   662  C  CE1 . HIS B 1 22 ? 1.156   -8.724  2.407   1.00 23.87 ? 21  HIS B CE1 1 
ATOM   663  N  NE2 . HIS B 1 22 ? -0.055  -8.482  2.879   1.00 23.39 ? 21  HIS B NE2 1 
ATOM   664  N  N   . LYS B 1 23 ? -1.954  -6.961  -3.189  1.00 25.85 ? 22  LYS B N   1 
ATOM   665  C  CA  . LYS B 1 23 ? -2.585  -6.204  -4.271  1.00 26.25 ? 22  LYS B CA  1 
ATOM   666  C  C   . LYS B 1 23 ? -3.602  -5.254  -3.648  1.00 26.23 ? 22  LYS B C   1 
ATOM   667  O  O   . LYS B 1 23 ? -4.329  -5.628  -2.724  1.00 25.73 ? 22  LYS B O   1 
ATOM   668  C  CB  . LYS B 1 23 ? -3.313  -7.132  -5.253  1.00 27.38 ? 22  LYS B CB  1 
ATOM   669  C  CG  . LYS B 1 23 ? -2.441  -8.163  -5.998  1.00 29.52 ? 22  LYS B CG  1 
ATOM   670  C  CD  . LYS B 1 23 ? -3.236  -9.015  -7.035  1.00 29.37 ? 22  LYS B CD  1 
ATOM   671  N  N   . HIS B 1 24 ? -3.649  -4.025  -4.147  1.00 26.24 ? 23  HIS B N   1 
ATOM   672  C  CA  . HIS B 1 24 ? -4.669  -3.062  -3.743  1.00 24.73 ? 23  HIS B CA  1 
ATOM   673  C  C   . HIS B 1 24 ? -5.977  -3.592  -4.231  1.00 25.14 ? 23  HIS B C   1 
ATOM   674  O  O   . HIS B 1 24 ? -6.080  -3.991  -5.387  1.00 25.46 ? 23  HIS B O   1 
ATOM   675  C  CB  . HIS B 1 24 ? -4.428  -1.716  -4.411  1.00 24.94 ? 23  HIS B CB  1 
ATOM   676  C  CG  . HIS B 1 24 ? -5.384  -0.642  -3.989  1.00 25.01 ? 23  HIS B CG  1 
ATOM   677  N  ND1 . HIS B 1 24 ? -6.190  0.029   -4.885  1.00 22.14 ? 23  HIS B ND1 1 
ATOM   678  C  CD2 . HIS B 1 24 ? -5.648  -0.111  -2.768  1.00 23.86 ? 23  HIS B CD2 1 
ATOM   679  C  CE1 . HIS B 1 24 ? -6.909  0.923   -4.231  1.00 21.88 ? 23  HIS B CE1 1 
ATOM   680  N  NE2 . HIS B 1 24 ? -6.600  0.860   -2.948  1.00 21.17 ? 23  HIS B NE2 1 
ATOM   681  N  N   . CYS B 1 25 ? -6.977  -3.624  -3.363  1.00 26.53 ? 24  CYS B N   1 
ATOM   682  C  CA  . CYS B 1 25 ? -8.291  -4.079  -3.789  1.00 27.33 ? 24  CYS B CA  1 
ATOM   683  C  C   . CYS B 1 25 ? -9.433  -3.169  -3.374  1.00 25.77 ? 24  CYS B C   1 
ATOM   684  O  O   . CYS B 1 25 ? -10.574 -3.501  -3.597  1.00 26.84 ? 24  CYS B O   1 
ATOM   685  C  CB  . CYS B 1 25 ? -8.525  -5.499  -3.305  1.00 29.61 ? 24  CYS B CB  1 
ATOM   686  S  SG  . CYS B 1 25 ? -8.526  -5.606  -1.582  1.00 35.88 ? 24  CYS B SG  1 
ATOM   687  N  N   . GLY B 1 26 ? -9.131  -2.010  -2.802  1.00 26.00 ? 25  GLY B N   1 
ATOM   688  C  CA  . GLY B 1 26 ? -10.147 -0.988  -2.598  1.00 24.70 ? 25  GLY B CA  1 
ATOM   689  C  C   . GLY B 1 26 ? -9.911  -0.072  -1.424  1.00 24.30 ? 25  GLY B C   1 
ATOM   690  O  O   . GLY B 1 26 ? -8.839  -0.044  -0.827  1.00 25.38 ? 25  GLY B O   1 
ATOM   691  N  N   . SER B 1 27 ? -10.953 0.673   -1.096  1.00 25.72 ? 26  SER B N   1 
ATOM   692  C  CA  . SER B 1 27 ? -10.935 1.648   -0.018  1.00 25.15 ? 26  SER B CA  1 
ATOM   693  C  C   . SER B 1 27 ? -12.275 1.654   0.725   1.00 24.63 ? 26  SER B C   1 
ATOM   694  O  O   . SER B 1 27 ? -13.325 1.410   0.149   1.00 23.97 ? 26  SER B O   1 
ATOM   695  C  CB  . SER B 1 27 ? -10.657 3.027   -0.591  1.00 25.04 ? 26  SER B CB  1 
ATOM   696  O  OG  . SER B 1 27 ? -11.474 3.242   -1.723  1.00 26.73 ? 26  SER B OG  1 
ATOM   697  N  N   . LEU B 1 28 ? -12.222 1.937   2.015   1.00 24.01 ? 27  LEU B N   1 
ATOM   698  C  CA  . LEU B 1 28 ? -13.413 1.968   2.839   1.00 22.45 ? 27  LEU B CA  1 
ATOM   699  C  C   . LEU B 1 28 ? -13.186 2.952   3.979   1.00 22.97 ? 27  LEU B C   1 
ATOM   700  O  O   . LEU B 1 28 ? -12.036 3.238   4.309   1.00 25.16 ? 27  LEU B O   1 
ATOM   701  C  CB  . LEU B 1 28 ? -13.707 0.557   3.363   1.00 21.09 ? 27  LEU B CB  1 
ATOM   702  C  CG  . LEU B 1 28 ? -12.626 -0.261  4.100   1.00 19.26 ? 27  LEU B CG  1 
ATOM   703  C  CD1 . LEU B 1 28 ? -12.413 0.198   5.549   1.00 17.54 ? 27  LEU B CD1 1 
ATOM   704  C  CD2 . LEU B 1 28 ? -13.004 -1.728  4.057   1.00 17.07 ? 27  LEU B CD2 1 
ATOM   705  N  N   . HIS B 1 29 ? -14.265 3.482   4.553   1.00 21.21 ? 28  HIS B N   1 
ATOM   706  C  CA  . HIS B 1 29 ? -14.162 4.358   5.724   1.00 20.70 ? 28  HIS B CA  1 
ATOM   707  C  C   . HIS B 1 29 ? -14.311 3.574   7.016   1.00 21.05 ? 28  HIS B C   1 
ATOM   708  O  O   . HIS B 1 29 ? -15.168 2.717   7.113   1.00 21.64 ? 28  HIS B O   1 
ATOM   709  C  CB  . HIS B 1 29 ? -15.249 5.435   5.689   1.00 20.20 ? 28  HIS B CB  1 
ATOM   710  C  CG  . HIS B 1 29 ? -15.151 6.327   4.504   1.00 19.54 ? 28  HIS B CG  1 
ATOM   711  N  ND1 . HIS B 1 29 ? -15.826 6.074   3.335   1.00 20.37 ? 28  HIS B ND1 1 
ATOM   712  C  CD2 . HIS B 1 29 ? -14.430 7.449   4.288   1.00 18.58 ? 28  HIS B CD2 1 
ATOM   713  C  CE1 . HIS B 1 29 ? -15.530 7.009   2.449   1.00 19.61 ? 28  HIS B CE1 1 
ATOM   714  N  NE2 . HIS B 1 29 ? -14.685 7.854   3.002   1.00 18.39 ? 28  HIS B NE2 1 
ATOM   715  N  N   . ALA B 1 30 ? -13.506 3.894   8.024   1.00 21.14 ? 29  ALA B N   1 
ATOM   716  C  CA  . ALA B 1 30 ? -13.597 3.218   9.328   1.00 19.51 ? 29  ALA B CA  1 
ATOM   717  C  C   . ALA B 1 30 ? -13.037 4.147   10.386  1.00 19.28 ? 29  ALA B C   1 
ATOM   718  O  O   . ALA B 1 30 ? -12.305 5.083   10.058  1.00 20.28 ? 29  ALA B O   1 
ATOM   719  C  CB  . ALA B 1 30 ? -12.843 1.890   9.312   1.00 16.25 ? 29  ALA B CB  1 
ATOM   720  N  N   . THR B 1 31 ? -13.391 3.918   11.645  1.00 18.00 ? 30  THR B N   1 
ATOM   721  C  CA  . THR B 1 31 ? -12.951 4.821   12.707  1.00 19.60 ? 30  THR B CA  1 
ATOM   722  C  C   . THR B 1 31 ? -11.478 4.605   13.047  1.00 21.49 ? 30  THR B C   1 
ATOM   723  O  O   . THR B 1 31 ? -10.796 5.540   13.470  1.00 23.19 ? 30  THR B O   1 
ATOM   724  C  CB  . THR B 1 31 ? -13.802 4.673   13.952  1.00 19.35 ? 30  THR B CB  1 
ATOM   725  O  OG1 . THR B 1 31 ? -13.971 3.283   14.225  1.00 20.04 ? 30  THR B OG1 1 
ATOM   726  C  CG2 . THR B 1 31 ? -15.181 5.303   13.729  1.00 20.21 ? 30  THR B CG2 1 
ATOM   727  N  N   . ASP B 1 32 ? -10.968 3.397   12.836  1.00 21.69 ? 31  ASP B N   1 
ATOM   728  C  CA  . ASP B 1 32 ? -9.570  3.124   13.157  1.00 20.66 ? 31  ASP B CA  1 
ATOM   729  C  C   . ASP B 1 32 ? -9.033  1.961   12.340  1.00 19.93 ? 31  ASP B C   1 
ATOM   730  O  O   . ASP B 1 32 ? -9.778  1.350   11.573  1.00 18.74 ? 31  ASP B O   1 
ATOM   731  C  CB  . ASP B 1 32 ? -9.421  2.871   14.655  1.00 19.97 ? 31  ASP B CB  1 
ATOM   732  C  CG  . ASP B 1 32 ? -10.165 1.654   15.130  1.00 21.50 ? 31  ASP B CG  1 
ATOM   733  O  OD1 . ASP B 1 32 ? -10.227 0.627   14.430  1.00 24.09 ? 31  ASP B OD1 1 
ATOM   734  O  OD2 . ASP B 1 32 ? -10.673 1.713   16.249  1.00 23.68 ? 31  ASP B OD2 1 
ATOM   735  N  N   . ALA B 1 33 ? -7.746  1.662   12.509  1.00 18.82 ? 32  ALA B N   1 
ATOM   736  C  CA  . ALA B 1 33 ? -7.086  0.617   11.719  1.00 19.16 ? 32  ALA B CA  1 
ATOM   737  C  C   . ALA B 1 33 ? -7.698  -0.766  11.964  1.00 18.19 ? 32  ALA B C   1 
ATOM   738  O  O   . ALA B 1 33 ? -7.847  -1.560  11.033  1.00 19.18 ? 32  ALA B O   1 
ATOM   739  C  CB  . ALA B 1 33 ? -5.542  0.606   11.970  1.00 15.68 ? 32  ALA B CB  1 
ATOM   740  N  N   . GLN B 1 34 ? -8.067  -1.048  13.202  1.00 19.26 ? 33  GLN B N   1 
ATOM   741  C  CA  . GLN B 1 34 ? -8.619  -2.359  13.535  1.00 19.36 ? 33  GLN B CA  1 
ATOM   742  C  C   . GLN B 1 34 ? -9.999  -2.559  12.917  1.00 20.21 ? 33  GLN B C   1 
ATOM   743  O  O   . GLN B 1 34 ? -10.307 -3.639  12.377  1.00 19.05 ? 33  GLN B O   1 
ATOM   744  C  CB  . GLN B 1 34 ? -8.638  -2.558  15.039  1.00 18.84 ? 33  GLN B CB  1 
ATOM   745  C  CG  . GLN B 1 34 ? -7.221  -2.635  15.630  1.00 21.17 ? 33  GLN B CG  1 
ATOM   746  C  CD  . GLN B 1 34 ? -6.361  -3.771  15.013  1.00 23.74 ? 33  GLN B CD  1 
ATOM   747  O  OE1 . GLN B 1 34 ? -6.802  -4.929  14.916  1.00 26.91 ? 33  GLN B OE1 1 
ATOM   748  N  NE2 . GLN B 1 34 ? -5.137  -3.438  14.607  1.00 22.54 ? 33  GLN B NE2 1 
ATOM   749  N  N   . GLN B 1 35 ? -10.817 -1.515  12.951  1.00 21.46 ? 34  GLN B N   1 
ATOM   750  C  CA  . GLN B 1 35 ? -12.131 -1.600  12.331  1.00 23.30 ? 34  GLN B CA  1 
ATOM   751  C  C   . GLN B 1 35 ? -11.932 -1.776  10.834  1.00 22.66 ? 34  GLN B C   1 
ATOM   752  O  O   . GLN B 1 35 ? -12.590 -2.598  10.212  1.00 24.64 ? 34  GLN B O   1 
ATOM   753  C  CB  . GLN B 1 35 ? -12.998 -0.373  12.642  1.00 26.31 ? 34  GLN B CB  1 
ATOM   754  C  CG  . GLN B 1 35 ? -14.455 -0.569  12.222  1.00 29.03 ? 34  GLN B CG  1 
ATOM   755  C  CD  . GLN B 1 35 ? -15.333 0.701   12.311  1.00 30.86 ? 34  GLN B CD  1 
ATOM   756  O  OE1 . GLN B 1 35 ? -15.033 1.753   11.721  1.00 31.01 ? 34  GLN B OE1 1 
ATOM   757  N  NE2 . GLN B 1 35 ? -16.451 0.578   13.026  1.00 33.43 ? 34  GLN B NE2 1 
ATOM   758  N  N   . ALA B 1 36 ? -10.994 -1.035  10.257  1.00 20.55 ? 35  ALA B N   1 
ATOM   759  C  CA  . ALA B 1 36 ? -10.708 -1.197  8.845   1.00 20.31 ? 35  ALA B CA  1 
ATOM   760  C  C   . ALA B 1 36 ? -10.308 -2.657  8.522   1.00 21.78 ? 35  ALA B C   1 
ATOM   761  O  O   . ALA B 1 36 ? -10.708 -3.198  7.496   1.00 22.11 ? 35  ALA B O   1 
ATOM   762  C  CB  . ALA B 1 36 ? -9.647  -0.219  8.394   1.00 16.67 ? 35  ALA B CB  1 
ATOM   763  N  N   . LEU B 1 37 ? -9.545  -3.309  9.393   1.00 22.23 ? 36  LEU B N   1 
ATOM   764  C  CA  . LEU B 1 37 ? -9.147  -4.684  9.107   1.00 21.13 ? 36  LEU B CA  1 
ATOM   765  C  C   . LEU B 1 37 ? -10.357 -5.632  9.143   1.00 22.17 ? 36  LEU B C   1 
ATOM   766  O  O   . LEU B 1 37 ? -10.538 -6.421  8.226   1.00 22.28 ? 36  LEU B O   1 
ATOM   767  C  CB  . LEU B 1 37 ? -8.021  -5.132  10.041  1.00 20.88 ? 36  LEU B CB  1 
ATOM   768  C  CG  . LEU B 1 37 ? -6.619  -4.593  9.685   1.00 20.23 ? 36  LEU B CG  1 
ATOM   769  C  CD1 . LEU B 1 37 ? -5.614  -4.756  10.835  1.00 17.57 ? 36  LEU B CD1 1 
ATOM   770  C  CD2 . LEU B 1 37 ? -6.090  -5.255  8.407   1.00 17.88 ? 36  LEU B CD2 1 
ATOM   771  N  N   A HIS B 1 38 ? -11.202 -5.523  10.162  0.50 23.24 ? 37  HIS B N   1 
ATOM   772  N  N   B HIS B 1 38 ? -11.179 -5.534  10.190  0.50 23.51 ? 37  HIS B N   1 
ATOM   773  C  CA  A HIS B 1 38 ? -12.373 -6.404  10.258  0.50 23.33 ? 37  HIS B CA  1 
ATOM   774  C  CA  B HIS B 1 38 ? -12.417 -6.331  10.305  0.50 23.81 ? 37  HIS B CA  1 
ATOM   775  C  C   A HIS B 1 38 ? -13.360 -6.203  9.092   0.50 24.03 ? 37  HIS B C   1 
ATOM   776  C  C   B HIS B 1 38 ? -13.238 -6.204  9.022   0.50 24.18 ? 37  HIS B C   1 
ATOM   777  O  O   A HIS B 1 38 ? -13.980 -7.161  8.635   0.50 24.90 ? 37  HIS B O   1 
ATOM   778  O  O   B HIS B 1 38 ? -13.587 -7.205  8.400   0.50 24.84 ? 37  HIS B O   1 
ATOM   779  C  CB  A HIS B 1 38 ? -13.066 -6.259  11.619  0.50 23.09 ? 37  HIS B CB  1 
ATOM   780  C  CB  B HIS B 1 38 ? -13.237 -5.887  11.531  0.50 24.09 ? 37  HIS B CB  1 
ATOM   781  C  CG  A HIS B 1 38 ? -12.249 -6.770  12.767  0.50 24.20 ? 37  HIS B CG  1 
ATOM   782  C  CG  B HIS B 1 38 ? -14.550 -6.606  11.704  0.50 25.81 ? 37  HIS B CG  1 
ATOM   783  N  ND1 A HIS B 1 38 ? -11.870 -5.973  13.829  0.50 24.25 ? 37  HIS B ND1 1 
ATOM   784  N  ND1 B HIS B 1 38 ? -14.703 -7.692  12.543  0.50 25.78 ? 37  HIS B ND1 1 
ATOM   785  C  CD2 A HIS B 1 38 ? -11.715 -7.991  13.006  0.50 23.87 ? 37  HIS B CD2 1 
ATOM   786  C  CD2 B HIS B 1 38 ? -15.778 -6.361  11.182  0.50 25.15 ? 37  HIS B CD2 1 
ATOM   787  C  CE1 A HIS B 1 38 ? -11.150 -6.684  14.677  0.50 23.79 ? 37  HIS B CE1 1 
ATOM   788  C  CE1 B HIS B 1 38 ? -15.960 -8.096  12.513  0.50 24.67 ? 37  HIS B CE1 1 
ATOM   789  N  NE2 A HIS B 1 38 ? -11.041 -7.911  14.200  0.50 24.11 ? 37  HIS B NE2 1 
ATOM   790  N  NE2 B HIS B 1 38 ? -16.631 -7.309  11.694  0.50 24.72 ? 37  HIS B NE2 1 
HETATM 791  N  N   . MSE B 1 39 ? -13.510 -4.972  8.609   1.00 24.29 ? 38  MSE B N   1 
HETATM 792  C  CA  . MSE B 1 39 ? -14.306 -4.729  7.402   1.00 24.86 ? 38  MSE B CA  1 
HETATM 793  C  C   . MSE B 1 39 ? -13.672 -5.349  6.159   1.00 22.65 ? 38  MSE B C   1 
HETATM 794  O  O   . MSE B 1 39 ? -14.326 -6.095  5.415   1.00 21.07 ? 38  MSE B O   1 
HETATM 795  C  CB  . MSE B 1 39 ? -14.454 -3.255  7.134   1.00 28.78 ? 38  MSE B CB  1 
HETATM 796  C  CG  . MSE B 1 39 ? -15.431 -2.550  8.014   1.00 34.42 ? 38  MSE B CG  1 
HETATM 797  SE SE  . MSE B 1 39 ? -15.958 -0.877  7.160   0.75 41.18 ? 38  MSE B SE  1 
HETATM 798  C  CE  . MSE B 1 39 ? -16.771 -1.570  5.546   1.00 36.86 ? 38  MSE B CE  1 
ATOM   799  N  N   . ALA B 1 40 ? -12.402 -5.024  5.935   1.00 19.48 ? 39  ALA B N   1 
ATOM   800  C  CA  . ALA B 1 40 ? -11.681 -5.520  4.779   1.00 18.26 ? 39  ALA B CA  1 
ATOM   801  C  C   . ALA B 1 40 ? -11.814 -7.040  4.702   1.00 17.57 ? 39  ALA B C   1 
ATOM   802  O  O   . ALA B 1 40 ? -12.142 -7.601  3.650   1.00 15.63 ? 39  ALA B O   1 
ATOM   803  C  CB  . ALA B 1 40 ? -10.241 -5.113  4.845   1.00 17.45 ? 39  ALA B CB  1 
ATOM   804  N  N   . ARG B 1 41 ? -11.616 -7.706  5.830   1.00 17.22 ? 40  ARG B N   1 
ATOM   805  C  CA  . ARG B 1 41 ? -11.706 -9.157  5.840   1.00 18.87 ? 40  ARG B CA  1 
ATOM   806  C  C   . ARG B 1 41 ? -13.104 -9.609  5.432   1.00 16.30 ? 40  ARG B C   1 
ATOM   807  O  O   . ARG B 1 41 ? -13.228 -10.544 4.650   1.00 16.57 ? 40  ARG B O   1 
ATOM   808  C  CB  . ARG B 1 41 ? -11.296 -9.736  7.202   1.00 21.36 ? 40  ARG B CB  1 
ATOM   809  C  CG  . ARG B 1 41 ? -11.618 -11.208 7.390   1.00 24.87 ? 40  ARG B CG  1 
ATOM   810  C  CD  . ARG B 1 41 ? -10.709 -11.851 8.421   1.00 28.93 ? 40  ARG B CD  1 
ATOM   811  N  NE  . ARG B 1 41 ? -9.421  -12.184 7.800   1.00 34.07 ? 40  ARG B NE  1 
ATOM   812  C  CZ  . ARG B 1 41 ? -8.283  -11.498 7.928   1.00 36.55 ? 40  ARG B CZ  1 
ATOM   813  N  NH1 . ARG B 1 41 ? -8.206  -10.410 8.705   1.00 40.02 ? 40  ARG B NH1 1 
ATOM   814  N  NH2 . ARG B 1 41 ? -7.204  -11.916 7.277   1.00 34.97 ? 40  ARG B NH2 1 
ATOM   815  N  N   . ASP B 1 42 ? -14.142 -8.949  5.944   1.00 14.34 ? 41  ASP B N   1 
ATOM   816  C  CA  . ASP B 1 42 ? -15.523 -9.370  5.675   1.00 14.62 ? 41  ASP B CA  1 
ATOM   817  C  C   . ASP B 1 42 ? -15.918 -9.207  4.208   1.00 15.28 ? 41  ASP B C   1 
ATOM   818  O  O   . ASP B 1 42 ? -16.551 -10.081 3.585   1.00 16.03 ? 41  ASP B O   1 
ATOM   819  C  CB  . ASP B 1 42 ? -16.511 -8.580  6.534   1.00 13.56 ? 41  ASP B CB  1 
ATOM   820  C  CG  . ASP B 1 42 ? -17.921 -9.090  6.391   1.00 13.99 ? 41  ASP B CG  1 
ATOM   821  O  OD1 . ASP B 1 42 ? -18.105 -10.325 6.325   1.00 14.79 ? 41  ASP B OD1 1 
ATOM   822  O  OD2 . ASP B 1 42 ? -18.852 -8.266  6.306   1.00 15.61 ? 41  ASP B OD2 1 
ATOM   823  N  N   . VAL B 1 43 ? -15.459 -8.096  3.669   1.00 15.95 ? 42  VAL B N   1 
ATOM   824  C  CA  . VAL B 1 43 ? -16.000 -7.478  2.491   1.00 17.35 ? 42  VAL B CA  1 
ATOM   825  C  C   . VAL B 1 43 ? -15.199 -7.856  1.239   1.00 18.57 ? 42  VAL B C   1 
ATOM   826  O  O   . VAL B 1 43 ? -15.748 -7.912  0.150   1.00 17.92 ? 42  VAL B O   1 
ATOM   827  C  CB  . VAL B 1 43 ? -15.980 -5.942  2.748   1.00 18.95 ? 42  VAL B CB  1 
ATOM   828  C  CG1 . VAL B 1 43 ? -15.087 -5.180  1.735   1.00 17.44 ? 42  VAL B CG1 1 
ATOM   829  C  CG2 . VAL B 1 43 ? -17.383 -5.411  2.898   1.00 17.04 ? 42  VAL B CG2 1 
ATOM   830  N  N   . TYR B 1 44 ? -13.899 -8.101  1.408   1.00 20.24 ? 43  TYR B N   1 
ATOM   831  C  CA  . TYR B 1 44 ? -12.990 -8.400  0.291   1.00 19.43 ? 43  TYR B CA  1 
ATOM   832  C  C   . TYR B 1 44 ? -12.467 -9.833  0.297   1.00 20.79 ? 43  TYR B C   1 
ATOM   833  O  O   . TYR B 1 44 ? -11.809 -10.240 -0.639  1.00 22.92 ? 43  TYR B O   1 
ATOM   834  C  CB  . TYR B 1 44 ? -11.773 -7.472  0.304   1.00 17.96 ? 43  TYR B CB  1 
ATOM   835  C  CG  . TYR B 1 44 ? -12.070 -6.000  0.143   1.00 16.92 ? 43  TYR B CG  1 
ATOM   836  C  CD1 . TYR B 1 44 ? -12.828 -5.525  -0.926  1.00 14.99 ? 43  TYR B CD1 1 
ATOM   837  C  CD2 . TYR B 1 44 ? -11.558 -5.075  1.044   1.00 17.47 ? 43  TYR B CD2 1 
ATOM   838  C  CE1 . TYR B 1 44 ? -13.079 -4.181  -1.082  1.00 14.24 ? 43  TYR B CE1 1 
ATOM   839  C  CE2 . TYR B 1 44 ? -11.817 -3.713  0.901   1.00 16.21 ? 43  TYR B CE2 1 
ATOM   840  C  CZ  . TYR B 1 44 ? -12.570 -3.286  -0.161  1.00 15.66 ? 43  TYR B CZ  1 
ATOM   841  O  OH  . TYR B 1 44 ? -12.797 -1.950  -0.281  1.00 19.33 ? 43  TYR B OH  1 
ATOM   842  N  N   . THR B 1 45 ? -12.705 -10.587 1.353   1.00 21.72 ? 44  THR B N   1 
ATOM   843  C  CA  . THR B 1 45 ? -12.350 -11.985 1.347   1.00 21.94 ? 44  THR B CA  1 
ATOM   844  C  C   . THR B 1 45 ? -13.609 -12.763 1.663   1.00 25.71 ? 44  THR B C   1 
ATOM   845  O  O   . THR B 1 45 ? -14.689 -12.199 1.902   1.00 25.33 ? 44  THR B O   1 
ATOM   846  C  CB  . THR B 1 45 ? -11.230 -12.320 2.359   1.00 19.92 ? 44  THR B CB  1 
ATOM   847  O  OG1 . THR B 1 45 ? -11.802 -12.564 3.641   1.00 19.91 ? 44  THR B OG1 1 
ATOM   848  C  CG2 . THR B 1 45 ? -10.212 -11.187 2.476   1.00 17.34 ? 44  THR B CG2 1 
ATOM   849  N  N   . ARG B 1 46 ? -13.468 -14.073 1.638   1.00 29.57 ? 45  ARG B N   1 
ATOM   850  C  CA  . ARG B 1 46 ? -14.563 -14.949 1.961   1.00 32.31 ? 45  ARG B CA  1 
ATOM   851  C  C   . ARG B 1 46 ? -14.201 -15.705 3.221   1.00 34.31 ? 45  ARG B C   1 
ATOM   852  O  O   . ARG B 1 46 ? -14.308 -16.925 3.249   1.00 34.04 ? 45  ARG B O   1 
ATOM   853  C  CB  . ARG B 1 46 ? -14.817 -15.905 0.791   1.00 32.88 ? 45  ARG B CB  1 
ATOM   854  C  CG  . ARG B 1 46 ? -15.742 -15.332 -0.280  1.00 33.12 ? 45  ARG B CG  1 
ATOM   855  C  CD  . ARG B 1 46 ? -17.185 -15.894 -0.153  1.00 32.66 ? 45  ARG B CD  1 
ATOM   856  N  NE  . ARG B 1 46 ? -18.096 -15.178 -1.044  1.00 32.52 ? 45  ARG B NE  1 
ATOM   857  C  CZ  . ARG B 1 46 ? -19.338 -15.542 -1.340  1.00 31.22 ? 45  ARG B CZ  1 
ATOM   858  N  NH1 . ARG B 1 46 ? -19.873 -16.638 -0.824  1.00 31.53 ? 45  ARG B NH1 1 
ATOM   859  N  NH2 . ARG B 1 46 ? -20.050 -14.799 -2.170  1.00 30.27 ? 45  ARG B NH2 1 
ATOM   860  N  N   . ARG B 1 47 ? -13.760 -14.988 4.257   1.00 36.40 ? 46  ARG B N   1 
ATOM   861  C  CA  . ARG B 1 47 ? -13.378 -15.630 5.520   1.00 39.61 ? 46  ARG B CA  1 
ATOM   862  C  C   . ARG B 1 47 ? -12.332 -16.740 5.334   1.00 40.34 ? 46  ARG B C   1 
ATOM   863  O  O   . ARG B 1 47 ? -12.408 -17.787 5.972   1.00 40.12 ? 46  ARG B O   1 
ATOM   864  C  CB  . ARG B 1 47 ? -14.591 -16.304 6.178   1.00 42.08 ? 46  ARG B CB  1 
ATOM   865  C  CG  . ARG B 1 47 ? -15.803 -15.447 6.466   1.00 43.33 ? 46  ARG B CG  1 
ATOM   866  C  CD  . ARG B 1 47 ? -16.883 -16.347 7.119   1.00 44.31 ? 46  ARG B CD  1 
ATOM   867  N  NE  . ARG B 1 47 ? -17.648 -15.628 8.134   1.00 45.44 ? 46  ARG B NE  1 
ATOM   868  C  CZ  . ARG B 1 47 ? -18.511 -16.179 8.986   1.00 45.77 ? 46  ARG B CZ  1 
ATOM   869  N  NH1 . ARG B 1 47 ? -18.756 -17.494 8.974   1.00 45.87 ? 46  ARG B NH1 1 
ATOM   870  N  NH2 . ARG B 1 47 ? -19.136 -15.396 9.862   1.00 46.05 ? 46  ARG B NH2 1 
ATOM   871  N  N   . GLN B 1 48 ? -11.356 -16.525 4.471   1.00 41.77 ? 47  GLN B N   1 
ATOM   872  C  CA  . GLN B 1 48 ? -10.494 -17.622 4.046   1.00 41.74 ? 47  GLN B CA  1 
ATOM   873  C  C   . GLN B 1 48 ? -9.242  -17.728 4.932   1.00 40.19 ? 47  GLN B C   1 
ATOM   874  O  O   . GLN B 1 48 ? -8.657  -16.708 5.325   1.00 38.75 ? 47  GLN B O   1 
ATOM   875  C  CB  . GLN B 1 48 ? -10.100 -17.425 2.575   1.00 43.34 ? 47  GLN B CB  1 
ATOM   876  C  CG  . GLN B 1 48 ? -11.246 -16.910 1.688   1.00 44.58 ? 47  GLN B CG  1 
ATOM   877  C  CD  . GLN B 1 48 ? -10.748 -16.364 0.372   1.00 46.12 ? 47  GLN B CD  1 
ATOM   878  O  OE1 . GLN B 1 48 ? -10.392 -15.182 0.271   1.00 46.92 ? 47  GLN B OE1 1 
ATOM   879  N  NE2 . GLN B 1 48 ? -10.704 -17.224 -0.649  1.00 46.97 ? 47  GLN B NE2 1 
ATOM   880  N  N   . GLU B 1 49 ? -8.836  -18.966 5.235   1.00 37.97 ? 48  GLU B N   1 
ATOM   881  C  CA  . GLU B 1 49 ? -7.549  -19.216 5.900   1.00 35.91 ? 48  GLU B CA  1 
ATOM   882  C  C   . GLU B 1 49 ? -6.402  -18.651 5.042   1.00 34.34 ? 48  GLU B C   1 
ATOM   883  O  O   . GLU B 1 49 ? -6.334  -18.899 3.832   1.00 32.69 ? 48  GLU B O   1 
ATOM   884  C  CB  . GLU B 1 49 ? -7.308  -20.726 6.139   1.00 36.38 ? 48  GLU B CB  1 
ATOM   885  C  CG  . GLU B 1 49 ? -7.659  -21.288 7.547   1.00 36.06 ? 48  GLU B CG  1 
ATOM   886  C  CD  . GLU B 1 49 ? -7.347  -22.787 7.673   1.00 33.44 ? 48  GLU B CD  1 
ATOM   887  N  N   . GLY B 1 50 ? -5.532  -17.868 5.678   1.00 33.10 ? 49  GLY B N   1 
ATOM   888  C  CA  . GLY B 1 50 ? -4.216  -17.541 5.121   1.00 31.71 ? 49  GLY B CA  1 
ATOM   889  C  C   . GLY B 1 50 ? -4.102  -16.256 4.320   1.00 30.56 ? 49  GLY B C   1 
ATOM   890  O  O   . GLY B 1 50 ? -3.127  -16.069 3.584   1.00 31.15 ? 49  GLY B O   1 
ATOM   891  N  N   . VAL B 1 51 ? -5.082  -15.368 4.454   1.00 28.07 ? 50  VAL B N   1 
ATOM   892  C  CA  . VAL B 1 51 ? -5.058  -14.105 3.720   1.00 25.95 ? 50  VAL B CA  1 
ATOM   893  C  C   . VAL B 1 51 ? -4.480  -13.014 4.610   1.00 24.59 ? 50  VAL B C   1 
ATOM   894  O  O   . VAL B 1 51 ? -4.892  -12.873 5.745   1.00 22.58 ? 50  VAL B O   1 
ATOM   895  C  CB  . VAL B 1 51 ? -6.462  -13.705 3.250   1.00 25.15 ? 50  VAL B CB  1 
ATOM   896  C  CG1 . VAL B 1 51 ? -6.446  -12.334 2.612   1.00 23.91 ? 50  VAL B CG1 1 
ATOM   897  C  CG2 . VAL B 1 51 ? -7.015  -14.764 2.292   1.00 24.77 ? 50  VAL B CG2 1 
ATOM   898  N  N   . SER B 1 52 ? -3.509  -12.270 4.084   1.00 23.88 ? 51  SER B N   1 
ATOM   899  C  CA  . SER B 1 52 ? -2.917  -11.129 4.779   1.00 22.53 ? 51  SER B CA  1 
ATOM   900  C  C   . SER B 1 52 ? -3.535  -9.829  4.263   1.00 22.24 ? 51  SER B C   1 
ATOM   901  O  O   . SER B 1 52 ? -3.576  -9.583  3.052   1.00 23.64 ? 51  SER B O   1 
ATOM   902  C  CB  . SER B 1 52 ? -1.406  -11.108 4.562   1.00 21.68 ? 51  SER B CB  1 
ATOM   903  O  OG  . SER B 1 52 ? -0.820  -9.967  5.146   1.00 21.78 ? 51  SER B OG  1 
ATOM   904  N  N   . ILE B 1 53 ? -4.018  -9.006  5.186   1.00 21.11 ? 52  ILE B N   1 
ATOM   905  C  CA  . ILE B 1 53 ? -4.618  -7.721  4.846   1.00 20.15 ? 52  ILE B CA  1 
ATOM   906  C  C   . ILE B 1 53 ? -3.772  -6.589  5.415   1.00 20.72 ? 52  ILE B C   1 
ATOM   907  O  O   . ILE B 1 53 ? -3.351  -6.634  6.585   1.00 19.68 ? 52  ILE B O   1 
ATOM   908  C  CB  . ILE B 1 53 ? -6.058  -7.607  5.400   1.00 19.50 ? 52  ILE B CB  1 
ATOM   909  C  CG1 . ILE B 1 53 ? -6.876  -8.846  4.976   1.00 18.94 ? 52  ILE B CG1 1 
ATOM   910  C  CG2 . ILE B 1 53 ? -6.712  -6.297  4.921   1.00 18.20 ? 52  ILE B CG2 1 
ATOM   911  C  CD1 . ILE B 1 53 ? -8.303  -8.878  5.496   1.00 18.32 ? 52  ILE B CD1 1 
ATOM   912  N  N   . TRP B 1 54 ? -3.497  -5.592  4.581   1.00 20.40 ? 53  TRP B N   1 
ATOM   913  C  CA  . TRP B 1 54 ? -2.897  -4.354  5.050   1.00 21.60 ? 53  TRP B CA  1 
ATOM   914  C  C   . TRP B 1 54 ? -3.903  -3.204  4.889   1.00 22.89 ? 53  TRP B C   1 
ATOM   915  O  O   . TRP B 1 54 ? -4.534  -3.084  3.836   1.00 22.35 ? 53  TRP B O   1 
ATOM   916  C  CB  . TRP B 1 54 ? -1.654  -3.998  4.225   1.00 20.96 ? 53  TRP B CB  1 
ATOM   917  C  CG  . TRP B 1 54 ? -0.446  -4.843  4.414   1.00 19.40 ? 53  TRP B CG  1 
ATOM   918  C  CD1 . TRP B 1 54 ? -0.259  -5.821  5.331   1.00 20.48 ? 53  TRP B CD1 1 
ATOM   919  C  CD2 . TRP B 1 54 ? 0.775   -4.736  3.681   1.00 18.85 ? 53  TRP B CD2 1 
ATOM   920  N  NE1 . TRP B 1 54 ? 1.006   -6.347  5.210   1.00 20.86 ? 53  TRP B NE1 1 
ATOM   921  C  CE2 . TRP B 1 54 ? 1.661   -5.694  4.204   1.00 19.53 ? 53  TRP B CE2 1 
ATOM   922  C  CE3 . TRP B 1 54 ? 1.206   -3.915  2.635   1.00 18.92 ? 53  TRP B CE3 1 
ATOM   923  C  CZ2 . TRP B 1 54 ? 2.948   -5.860  3.720   1.00 18.30 ? 53  TRP B CZ2 1 
ATOM   924  C  CZ3 . TRP B 1 54 ? 2.481   -4.074  2.157   1.00 19.29 ? 53  TRP B CZ3 1 
ATOM   925  C  CH2 . TRP B 1 54 ? 3.346   -5.040  2.705   1.00 19.02 ? 53  TRP B CH2 1 
ATOM   926  N  N   . VAL B 1 55 ? -4.014  -2.356  5.916   1.00 22.23 ? 54  VAL B N   1 
ATOM   927  C  CA  . VAL B 1 55 ? -4.732  -1.099  5.806   1.00 22.03 ? 54  VAL B CA  1 
ATOM   928  C  C   . VAL B 1 55 ? -3.793  0.104   5.989   1.00 24.44 ? 54  VAL B C   1 
ATOM   929  O  O   . VAL B 1 55 ? -2.857  0.069   6.803   1.00 25.81 ? 54  VAL B O   1 
ATOM   930  C  CB  . VAL B 1 55 ? -5.920  -1.017  6.794   1.00 21.23 ? 54  VAL B CB  1 
ATOM   931  C  CG1 . VAL B 1 55 ? -6.871  -2.129  6.516   1.00 21.50 ? 54  VAL B CG1 1 
ATOM   932  C  CG2 . VAL B 1 55 ? -5.463  -1.042  8.284   1.00 21.14 ? 54  VAL B CG2 1 
ATOM   933  N  N   . VAL B 1 56 ? -4.067  1.159   5.216   1.00 24.96 ? 55  VAL B N   1 
ATOM   934  C  CA  . VAL B 1 56 ? -3.310  2.409   5.229   1.00 24.48 ? 55  VAL B CA  1 
ATOM   935  C  C   . VAL B 1 56 ? -4.263  3.573   5.080   1.00 24.14 ? 55  VAL B C   1 
ATOM   936  O  O   . VAL B 1 56 ? -5.082  3.564   4.175   1.00 27.03 ? 55  VAL B O   1 
ATOM   937  C  CB  . VAL B 1 56 ? -2.366  2.502   4.016   1.00 23.90 ? 55  VAL B CB  1 
ATOM   938  C  CG1 . VAL B 1 56 ? -1.371  3.582   4.243   1.00 23.94 ? 55  VAL B CG1 1 
ATOM   939  C  CG2 . VAL B 1 56 ? -1.663  1.184   3.790   1.00 23.43 ? 55  VAL B CG2 1 
ATOM   940  N  N   . PRO B 1 57 ? -4.169  4.585   5.948   1.00 23.99 ? 56  PRO B N   1 
ATOM   941  C  CA  . PRO B 1 57 ? -4.945  5.790   5.713   1.00 23.05 ? 56  PRO B CA  1 
ATOM   942  C  C   . PRO B 1 57 ? -4.554  6.409   4.388   1.00 23.33 ? 56  PRO B C   1 
ATOM   943  O  O   . PRO B 1 57 ? -3.359  6.473   4.074   1.00 24.94 ? 56  PRO B O   1 
ATOM   944  C  CB  . PRO B 1 57 ? -4.508  6.710   6.844   1.00 25.01 ? 56  PRO B CB  1 
ATOM   945  C  CG  . PRO B 1 57 ? -4.012  5.824   7.892   1.00 25.13 ? 56  PRO B CG  1 
ATOM   946  C  CD  . PRO B 1 57 ? -3.368  4.685   7.177   1.00 24.93 ? 56  PRO B CD  1 
ATOM   947  N  N   . SER B 1 58 ? -5.536  6.832   3.603   1.00 22.83 ? 57  SER B N   1 
ATOM   948  C  CA  . SER B 1 58 ? -5.263  7.512   2.334   1.00 24.16 ? 57  SER B CA  1 
ATOM   949  C  C   . SER B 1 58 ? -4.312  8.690   2.438   1.00 22.01 ? 57  SER B C   1 
ATOM   950  O  O   . SER B 1 58 ? -3.473  8.897   1.600   1.00 23.46 ? 57  SER B O   1 
ATOM   951  C  CB  . SER B 1 58 ? -6.558  8.001   1.747   1.00 27.08 ? 57  SER B CB  1 
ATOM   952  O  OG  . SER B 1 58 ? -7.272  6.898   1.246   1.00 30.37 ? 57  SER B OG  1 
ATOM   953  N  N   . THR B 1 59 ? -4.430  9.461   3.495   1.00 23.20 ? 58  THR B N   1 
ATOM   954  C  CA  . THR B 1 59 ? -3.515  10.574  3.715   1.00 19.98 ? 58  THR B CA  1 
ATOM   955  C  C   . THR B 1 59 ? -2.053  10.122  3.727   1.00 20.60 ? 58  THR B C   1 
ATOM   956  O  O   . THR B 1 59 ? -1.188  10.881  3.354   1.00 23.12 ? 58  THR B O   1 
ATOM   957  C  CB  . THR B 1 59 ? -3.888  11.282  4.991   1.00 18.55 ? 58  THR B CB  1 
ATOM   958  O  OG1 . THR B 1 59 ? -3.932  10.334  6.065   1.00 20.81 ? 58  THR B OG1 1 
ATOM   959  C  CG2 . THR B 1 59 ? -5.260  11.884  4.836   1.00 16.91 ? 58  THR B CG2 1 
ATOM   960  N  N   . ALA B 1 60 ? -1.782  8.869   4.089   1.00 22.15 ? 59  ALA B N   1 
ATOM   961  C  CA  . ALA B 1 60 ? -0.403  8.335   4.154   1.00 22.32 ? 59  ALA B CA  1 
ATOM   962  C  C   . ALA B 1 60 ? 0.269   8.045   2.798   1.00 22.70 ? 59  ALA B C   1 
ATOM   963  O  O   . ALA B 1 60 ? 1.485   7.938   2.720   1.00 23.45 ? 59  ALA B O   1 
ATOM   964  C  CB  . ALA B 1 60 ? -0.376  7.068   5.016   1.00 19.46 ? 59  ALA B CB  1 
ATOM   965  N  N   . ILE B 1 61 ? -0.517  7.885   1.745   1.00 25.01 ? 60  ILE B N   1 
ATOM   966  C  CA  . ILE B 1 61 ? 0.006   7.519   0.427   1.00 25.85 ? 60  ILE B CA  1 
ATOM   967  C  C   . ILE B 1 61 ? 0.454   8.765   -0.323  1.00 26.09 ? 60  ILE B C   1 
ATOM   968  O  O   . ILE B 1 61 ? -0.279  9.750   -0.313  1.00 25.91 ? 60  ILE B O   1 
ATOM   969  C  CB  . ILE B 1 61 ? -1.089  6.835   -0.390  1.00 27.40 ? 60  ILE B CB  1 
ATOM   970  C  CG1 . ILE B 1 61 ? -1.516  5.539   0.317   1.00 28.74 ? 60  ILE B CG1 1 
ATOM   971  C  CG2 . ILE B 1 61 ? -0.626  6.560   -1.830  1.00 27.53 ? 60  ILE B CG2 1 
ATOM   972  C  CD1 . ILE B 1 61 ? -2.564  4.765   -0.413  1.00 29.38 ? 60  ILE B CD1 1 
ATOM   973  N  N   . THR B 1 62 ? 1.649   8.740   -0.933  1.00 24.11 ? 61  THR B N   1 
ATOM   974  C  CA  . THR B 1 62 ? 2.051   9.777   -1.886  1.00 23.12 ? 61  THR B CA  1 
ATOM   975  C  C   . THR B 1 62 ? 2.182   9.151   -3.269  1.00 24.12 ? 61  THR B C   1 
ATOM   976  O  O   . THR B 1 62 ? 2.914   8.167   -3.427  1.00 22.94 ? 61  THR B O   1 
ATOM   977  C  CB  . THR B 1 62 ? 3.405   10.438  -1.525  1.00 23.38 ? 61  THR B CB  1 
ATOM   978  O  OG1 . THR B 1 62 ? 3.358   10.981  -0.202  1.00 20.90 ? 61  THR B OG1 1 
ATOM   979  C  CG2 . THR B 1 62 ? 3.761   11.560  -2.517  1.00 20.81 ? 61  THR B CG2 1 
ATOM   980  N  N   . ALA B 1 63 ? 1.507   9.743   -4.268  1.00 23.67 ? 62  ALA B N   1 
ATOM   981  C  CA  . ALA B 1 63 ? 1.431   9.164   -5.622  1.00 22.16 ? 62  ALA B CA  1 
ATOM   982  C  C   . ALA B 1 63 ? 2.289   9.924   -6.592  1.00 23.28 ? 62  ALA B C   1 
ATOM   983  O  O   . ALA B 1 63 ? 2.554   11.096  -6.405  1.00 23.96 ? 62  ALA B O   1 
ATOM   984  C  CB  . ALA B 1 63 ? -0.005  9.139   -6.127  1.00 18.44 ? 62  ALA B CB  1 
ATOM   985  N  N   . SER B 1 64 ? 2.728   9.244   -7.640  1.00 26.27 ? 63  SER B N   1 
ATOM   986  C  CA  . SER B 1 64 ? 3.465   9.889   -8.720  1.00 27.68 ? 63  SER B CA  1 
ATOM   987  C  C   . SER B 1 64 ? 2.521   10.756  -9.559  1.00 30.01 ? 63  SER B C   1 
ATOM   988  O  O   . SER B 1 64 ? 1.364   10.396  -9.768  1.00 30.16 ? 63  SER B O   1 
ATOM   989  C  CB  . SER B 1 64 ? 4.134   8.830   -9.593  1.00 26.30 ? 63  SER B CB  1 
ATOM   990  O  OG  . SER B 1 64 ? 3.205   7.858   -10.020 1.00 27.35 ? 63  SER B OG  1 
ATOM   991  N  N   . ALA B 1 65 ? 3.024   11.893  -10.032 1.00 33.57 ? 64  ALA B N   1 
ATOM   992  C  CA  . ALA B 1 65 ? 2.228   12.842  -10.831 1.00 36.97 ? 64  ALA B CA  1 
ATOM   993  C  C   . ALA B 1 65 ? 1.988   12.306  -12.254 1.00 41.21 ? 64  ALA B C   1 
ATOM   994  O  O   . ALA B 1 65 ? 2.880   11.679  -12.831 1.00 43.05 ? 64  ALA B O   1 
ATOM   995  C  CB  . ALA B 1 65 ? 2.952   14.191  -10.896 1.00 34.86 ? 64  ALA B CB  1 
ATOM   996  N  N   . PRO B 1 66 ? 0.781   12.530  -12.827 1.00 45.03 ? 65  PRO B N   1 
ATOM   997  C  CA  . PRO B 1 66 ? 0.545   12.240  -14.275 1.00 44.85 ? 65  PRO B CA  1 
ATOM   998  C  C   . PRO B 1 66 ? 1.305   13.130  -15.254 1.00 43.54 ? 65  PRO B C   1 
ATOM   999  O  O   . PRO B 1 66 ? 2.427   13.536  -14.976 1.00 43.09 ? 65  PRO B O   1 
ATOM   1000 C  CB  . PRO B 1 66 ? -0.968  12.454  -14.442 1.00 45.33 ? 65  PRO B CB  1 
ATOM   1001 C  CG  . PRO B 1 66 ? -1.539  12.377  -13.030 1.00 45.65 ? 65  PRO B CG  1 
ATOM   1002 C  CD  . PRO B 1 66 ? -0.458  12.969  -12.155 1.00 45.96 ? 65  PRO B CD  1 
HETATM 1003 S  S   . SCN C 2 .  ? 4.112   -3.839  7.651   1.00 69.85 ? 96  SCN A S   1 
HETATM 1004 C  C   . SCN C 2 .  ? 5.420   -3.434  6.474   1.00 64.03 ? 96  SCN A C   1 
HETATM 1005 N  N   . SCN C 2 .  ? 6.269   -2.538  6.032   1.00 64.28 ? 96  SCN A N   1 
HETATM 1006 S  S   . SCN D 2 .  ? -4.395  8.095   -3.634  1.00 68.60 ? 96  SCN B S   1 
HETATM 1007 C  C   . SCN D 2 .  ? -5.369  7.772   -2.199  1.00 63.48 ? 96  SCN B C   1 
HETATM 1008 N  N   . SCN D 2 .  ? -5.971  7.273   -1.299  1.00 62.49 ? 96  SCN B N   1 
HETATM 1009 O  O   . HOH E 3 .  ? 18.321  3.800   0.834   1.00 30.96 ? 97  HOH A O   1 
HETATM 1010 O  O   . HOH E 3 .  ? -0.769  -14.733 3.998   1.00 49.93 ? 98  HOH A O   1 
HETATM 1011 O  O   . HOH E 3 .  ? 7.663   13.300  3.107   1.00 25.11 ? 99  HOH A O   1 
HETATM 1012 O  O   . HOH E 3 .  ? 3.657   9.140   1.603   1.00 20.51 ? 100 HOH A O   1 
HETATM 1013 O  O   . HOH E 3 .  ? 0.884   -3.926  11.797  1.00 30.91 ? 101 HOH A O   1 
HETATM 1014 O  O   . HOH E 3 .  ? -0.113  12.146  -3.499  1.00 38.47 ? 102 HOH A O   1 
HETATM 1015 O  O   . HOH E 3 .  ? -0.256  8.126   -9.828  1.00 34.43 ? 103 HOH A O   1 
HETATM 1016 O  O   . HOH E 3 .  ? -14.343 -9.473  9.836   1.00 41.95 ? 104 HOH A O   1 
HETATM 1017 O  O   . HOH E 3 .  ? 17.224  13.183  13.182  1.00 44.88 ? 105 HOH A O   1 
HETATM 1018 O  O   . HOH E 3 .  ? 13.569  14.894  -1.267  1.00 45.47 ? 106 HOH A O   1 
HETATM 1019 O  O   . HOH E 3 .  ? 3.527   -7.771  -0.469  1.00 35.26 ? 107 HOH A O   1 
HETATM 1020 O  O   . HOH E 3 .  ? -3.577  -5.510  13.550  1.00 37.09 ? 108 HOH A O   1 
HETATM 1021 O  O   . HOH E 3 .  ? 17.467  6.712   9.869   1.00 40.01 ? 109 HOH A O   1 
HETATM 1022 O  O   . HOH E 3 .  ? -2.531  7.639   -8.179  1.00 44.87 ? 110 HOH A O   1 
HETATM 1023 O  O   . HOH E 3 .  ? 2.061   -8.206  7.125   1.00 38.31 ? 111 HOH A O   1 
HETATM 1024 O  O   . HOH E 3 .  ? -0.500  -9.809  7.853   1.00 34.41 ? 112 HOH A O   1 
HETATM 1025 O  O   . HOH E 3 .  ? -4.749  0.253   -7.411  1.00 29.76 ? 113 HOH A O   1 
HETATM 1026 O  O   . HOH E 3 .  ? 11.621  -6.531  -3.644  1.00 48.04 ? 114 HOH A O   1 
HETATM 1027 O  O   . HOH E 3 .  ? -0.864  2.886   -14.112 1.00 47.24 ? 115 HOH A O   1 
HETATM 1028 O  O   . HOH E 3 .  ? 12.377  -4.885  -1.159  1.00 36.54 ? 116 HOH A O   1 
HETATM 1029 O  O   . HOH E 3 .  ? 14.823  -3.965  -0.623  1.00 48.69 ? 117 HOH A O   1 
HETATM 1030 O  O   . HOH E 3 .  ? 16.784  1.618   0.376   1.00 26.30 ? 118 HOH A O   1 
HETATM 1031 O  O   . HOH E 3 .  ? 3.839   -0.920  9.863   1.00 35.46 ? 119 HOH A O   1 
HETATM 1032 O  O   . HOH E 3 .  ? 7.859   6.670   9.369   1.00 10.58 ? 120 HOH A O   1 
HETATM 1033 O  O   . HOH E 3 .  ? 8.398   4.249   8.034   1.00 19.32 ? 121 HOH A O   1 
HETATM 1034 O  O   . HOH E 3 .  ? 9.851   2.180   9.753   1.00 19.80 ? 122 HOH A O   1 
HETATM 1035 O  O   . HOH E 3 .  ? -2.617  1.941   9.554   1.00 28.15 ? 123 HOH A O   1 
HETATM 1036 O  O   . HOH E 3 .  ? -2.506  3.825   11.696  1.00 42.14 ? 124 HOH A O   1 
HETATM 1037 O  O   . HOH E 3 .  ? -1.336  9.866   7.181   1.00 21.56 ? 125 HOH A O   1 
HETATM 1038 O  O   . HOH E 3 .  ? 11.432  -2.878  -14.232 1.00 39.87 ? 126 HOH A O   1 
HETATM 1039 O  O   . HOH E 3 .  ? -17.502 -12.172 2.869   1.00 32.82 ? 127 HOH A O   1 
HETATM 1040 O  O   . HOH E 3 .  ? -2.864  10.413  -0.361  1.00 30.10 ? 128 HOH A O   1 
HETATM 1041 O  O   . HOH E 3 .  ? 3.832   13.423  0.858   1.00 36.26 ? 129 HOH A O   1 
HETATM 1042 O  O   . HOH E 3 .  ? 3.952   12.513  3.585   1.00 45.09 ? 130 HOH A O   1 
HETATM 1043 O  O   . HOH E 3 .  ? 10.356  12.429  -6.993  1.00 49.55 ? 131 HOH A O   1 
HETATM 1044 O  O   . HOH E 3 .  ? -2.570  0.477   13.846  1.00 30.99 ? 132 HOH A O   1 
HETATM 1045 O  O   . HOH E 3 .  ? -4.461  -0.747  15.238  1.00 31.39 ? 133 HOH A O   1 
HETATM 1046 O  O   . HOH E 3 .  ? 8.034   5.514   -14.251 1.00 32.87 ? 134 HOH A O   1 
HETATM 1047 O  O   . HOH E 3 .  ? 6.523   7.396   -12.909 1.00 44.48 ? 135 HOH A O   1 
HETATM 1048 O  O   . HOH E 3 .  ? -14.075 -3.716  14.550  1.00 54.81 ? 136 HOH A O   1 
HETATM 1049 O  O   . HOH E 3 .  ? 8.456   14.921  0.112   1.00 41.25 ? 137 HOH A O   1 
HETATM 1050 O  O   . HOH E 3 .  ? 9.093   8.313   11.151  1.00 25.40 ? 138 HOH A O   1 
HETATM 1051 O  O   . HOH E 3 .  ? 13.530  7.487   11.118  1.00 19.03 ? 139 HOH A O   1 
HETATM 1052 O  O   . HOH E 3 .  ? 11.698  9.404   10.161  1.00 21.21 ? 140 HOH A O   1 
HETATM 1053 O  O   . HOH E 3 .  ? 11.703  11.646  9.027   1.00 27.03 ? 141 HOH A O   1 
HETATM 1054 O  O   . HOH E 3 .  ? 12.516  2.906   9.320   1.00 27.05 ? 142 HOH A O   1 
HETATM 1055 O  O   . HOH E 3 .  ? 14.145  4.839   10.424  1.00 30.40 ? 143 HOH A O   1 
HETATM 1056 O  O   . HOH E 3 .  ? 3.081   6.653   9.564   1.00 28.81 ? 144 HOH A O   1 
HETATM 1057 O  O   . HOH E 3 .  ? 16.489  -6.824  -16.502 1.00 45.46 ? 145 HOH A O   1 
HETATM 1058 O  O   . HOH E 3 .  ? -16.618 -11.173 0.701   1.00 40.66 ? 146 HOH A O   1 
HETATM 1059 O  O   . HOH E 3 .  ? -17.557 -13.197 4.892   1.00 35.90 ? 147 HOH A O   1 
HETATM 1060 O  O   . HOH E 3 .  ? -6.406  3.839   14.065  1.00 33.17 ? 148 HOH A O   1 
HETATM 1061 O  O   . HOH E 3 .  ? -8.193  6.760   13.484  1.00 40.05 ? 149 HOH A O   1 
HETATM 1062 O  O   . HOH E 3 .  ? -9.347  9.982   13.264  1.00 34.16 ? 150 HOH A O   1 
HETATM 1063 O  O   . HOH E 3 .  ? -16.093 -11.936 -1.861  1.00 51.79 ? 151 HOH A O   1 
HETATM 1064 O  O   . HOH E 3 .  ? 0.181   6.640   10.288  0.50 12.58 ? 152 HOH A O   1 
HETATM 1065 O  O   . HOH E 3 .  ? 1.858   9.967   6.747   0.50 12.37 ? 153 HOH A O   1 
HETATM 1066 O  O   . HOH F 3 .  ? -9.346  -8.761  11.198  1.00 42.38 ? 97  HOH B O   1 
# 
